data_3GXO
#
_entry.id   3GXO
#
_cell.length_a   87.841
_cell.length_b   98.844
_cell.length_c   171.045
_cell.angle_alpha   90.00
_cell.angle_beta   90.00
_cell.angle_gamma   90.00
#
_symmetry.space_group_name_H-M   'P 21 21 21'
#
loop_
_entity.id
_entity.type
_entity.pdbx_description
1 polymer MmcR
2 non-polymer S-ADENOSYL-L-HOMOCYSTEINE
3 non-polymer "[(1aS,8S,8aR,8bS)-6,8a-dimethoxy-5-methyl-4,7-dioxo-1,1a,2,4,7,8,8a,8b-octahydroazireno[2',3':3,4]pyrrolo[1,2-a]indol-8-yl]methyl carbamate"
4 non-polymer 'CALCIUM ION'
5 water water
#
_entity_poly.entity_id   1
_entity_poly.type   'polypeptide(L)'
_entity_poly.pdbx_seq_one_letter_code
;(MSE)GSSHHHHHHSSGLVPRGSH(MSE)TVEQTPENPGTAARAAAEETVNDILQGAWKARAIHVAVELGVPELLQEGPR
TATALAEATGAHEQTLRRLLRLLATVGVFDDLGHDDLFAQNALSAVLLPDPASPVATDARFQAAPWHWRAWEQLTHSVRT
GEASFDVANGTSFWQLTHEDPKARELFNRA(MSE)GSVSLTEAGQVAAAYDFSGAATAVDIGGGRGSL(MSE)AAVLDAF
PGLRGTLLERPPVAEEARELLTGRGLADRCEILPGDFFETIPDGADVYLIKHVLHDWDDDDVVRILRRIATA(MSE)KPD
SRLLVIDNLIDERPAASTLFVDLLLLVLVGGAERSESEFAALLEKSGLRVERSLPCGAGPVRIVEIRRA
;
_entity_poly.pdbx_strand_id   A,D,C,B
#
loop_
_chem_comp.id
_chem_comp.type
_chem_comp.name
_chem_comp.formula
CA non-polymer 'CALCIUM ION' 'Ca 2'
MQA non-polymer '[(1aS,8S,8aR,8bS)-6,8a-dimethoxy-5-methyl-4,7-dioxo-1,1a,2,4,7,8,8a,8b-octahydroazireno[2',3':3,4]pyrrolo[1,2-a]indol-8-yl]methyl carbamate' 'C16 H19 N3 O6'
SAH non-polymer S-ADENOSYL-L-HOMOCYSTEINE 'C14 H20 N6 O5 S'
#
# COMPACT_ATOMS: atom_id res chain seq x y z
N GLY A 31 21.90 34.57 36.26
CA GLY A 31 20.55 34.11 36.01
C GLY A 31 20.46 32.60 35.92
N THR A 32 20.74 31.93 37.04
CA THR A 32 20.75 30.48 37.12
C THR A 32 19.70 29.82 36.24
N ALA A 33 18.44 30.14 36.48
CA ALA A 33 17.34 29.53 35.75
C ALA A 33 17.38 29.81 34.24
N ALA A 34 17.90 30.95 33.85
CA ALA A 34 18.03 31.27 32.43
C ALA A 34 19.08 30.39 31.77
N ARG A 35 20.18 30.16 32.49
CA ARG A 35 21.28 29.35 31.98
C ARG A 35 20.92 27.85 31.92
N ALA A 36 20.05 27.40 32.83
CA ALA A 36 19.61 26.02 32.81
C ALA A 36 18.77 25.78 31.56
N ALA A 37 17.83 26.68 31.30
CA ALA A 37 16.93 26.54 30.17
C ALA A 37 17.68 26.62 28.82
N ALA A 38 18.72 27.43 28.76
CA ALA A 38 19.54 27.50 27.55
C ALA A 38 20.29 26.19 27.33
N GLU A 39 20.82 25.62 28.40
CA GLU A 39 21.56 24.36 28.31
C GLU A 39 20.64 23.25 27.83
N GLU A 40 19.40 23.27 28.31
CA GLU A 40 18.44 22.25 27.92
C GLU A 40 18.01 22.40 26.44
N THR A 41 17.74 23.63 26.03
CA THR A 41 17.39 23.89 24.64
C THR A 41 18.47 23.36 23.70
N VAL A 42 19.72 23.61 24.06
CA VAL A 42 20.85 23.17 23.24
C VAL A 42 21.04 21.66 23.29
N ASN A 43 20.77 21.06 24.45
CA ASN A 43 20.90 19.62 24.57
C ASN A 43 19.85 18.92 23.76
N ASP A 44 18.67 19.53 23.65
CA ASP A 44 17.65 19.01 22.77
C ASP A 44 18.16 18.99 21.33
N ILE A 45 18.77 20.09 20.92
CA ILE A 45 19.26 20.19 19.54
C ILE A 45 20.21 19.03 19.29
N LEU A 46 21.10 18.76 20.25
CA LEU A 46 22.05 17.66 20.09
C LEU A 46 21.33 16.33 19.96
N GLN A 47 20.34 16.10 20.83
CA GLN A 47 19.65 14.83 20.86
C GLN A 47 18.85 14.65 19.58
N GLY A 48 18.50 15.78 18.96
CA GLY A 48 17.81 15.78 17.68
C GLY A 48 18.45 14.92 16.60
N ALA A 49 19.76 14.75 16.62
CA ALA A 49 20.39 13.88 15.63
C ALA A 49 19.92 12.46 15.86
N TRP A 50 19.73 12.12 17.13
CA TRP A 50 19.37 10.77 17.51
C TRP A 50 17.90 10.51 17.16
N LYS A 51 17.09 11.55 17.27
CA LYS A 51 15.70 11.46 16.89
C LYS A 51 15.61 11.15 15.41
N ALA A 52 16.41 11.86 14.61
CA ALA A 52 16.39 11.65 13.17
C ALA A 52 16.82 10.22 12.83
N ARG A 53 17.90 9.75 13.46
CA ARG A 53 18.37 8.39 13.14
C ARG A 53 17.35 7.32 13.57
N ALA A 54 16.60 7.61 14.65
CA ALA A 54 15.60 6.65 15.13
C ALA A 54 14.56 6.48 14.04
N ILE A 55 14.15 7.61 13.45
CA ILE A 55 13.24 7.58 12.32
C ILE A 55 13.81 6.83 11.11
N HIS A 56 15.10 7.07 10.80
CA HIS A 56 15.74 6.38 9.69
C HIS A 56 15.69 4.87 9.88
N VAL A 57 15.93 4.43 11.11
CA VAL A 57 15.90 3.00 11.41
C VAL A 57 14.48 2.47 11.24
N ALA A 58 13.49 3.24 11.67
CA ALA A 58 12.10 2.81 11.58
C ALA A 58 11.65 2.63 10.11
N VAL A 59 12.06 3.52 9.22
CA VAL A 59 11.68 3.40 7.82
C VAL A 59 12.55 2.36 7.12
N GLU A 60 13.75 2.13 7.63
CA GLU A 60 14.59 1.09 7.03
C GLU A 60 14.07 -0.30 7.38
N LEU A 61 13.63 -0.48 8.62
CA LEU A 61 13.06 -1.75 9.04
C LEU A 61 11.69 -1.99 8.41
N GLY A 62 10.95 -0.90 8.17
CA GLY A 62 9.64 -0.98 7.57
C GLY A 62 8.51 -0.99 8.59
N VAL A 63 8.70 -0.30 9.71
CA VAL A 63 7.71 -0.29 10.77
C VAL A 63 6.37 0.40 10.42
N PRO A 64 6.40 1.55 9.72
CA PRO A 64 5.11 2.18 9.38
C PRO A 64 4.21 1.31 8.49
N GLU A 65 4.81 0.56 7.57
CA GLU A 65 4.03 -0.30 6.69
C GLU A 65 3.30 -1.39 7.49
N LEU A 66 3.91 -1.83 8.58
CA LEU A 66 3.35 -2.95 9.35
C LEU A 66 2.22 -2.53 10.29
N LEU A 67 1.89 -1.24 10.29
CA LEU A 67 0.92 -0.71 11.23
C LEU A 67 -0.28 -0.10 10.53
N GLN A 68 -0.47 -0.41 9.26
CA GLN A 68 -1.56 0.17 8.49
C GLN A 68 -2.89 -0.51 8.81
N GLU A 69 -2.82 -1.76 9.23
CA GLU A 69 -4.02 -2.50 9.61
C GLU A 69 -4.14 -2.67 11.12
N GLY A 70 -3.92 -1.57 11.85
CA GLY A 70 -4.08 -1.57 13.30
C GLY A 70 -2.82 -1.84 14.11
N PRO A 71 -2.94 -1.70 15.44
CA PRO A 71 -1.81 -1.80 16.38
C PRO A 71 -1.13 -3.16 16.32
N ARG A 72 0.17 -3.20 16.62
CA ARG A 72 0.88 -4.46 16.77
C ARG A 72 1.76 -4.37 18.00
N THR A 73 2.15 -5.52 18.53
CA THR A 73 3.02 -5.53 19.69
C THR A 73 4.44 -5.32 19.20
N ALA A 74 5.31 -4.87 20.09
CA ALA A 74 6.72 -4.74 19.74
C ALA A 74 7.24 -6.11 19.36
N THR A 75 6.70 -7.13 20.02
CA THR A 75 7.05 -8.53 19.76
C THR A 75 6.84 -8.93 18.31
N ALA A 76 5.68 -8.59 17.76
CA ALA A 76 5.33 -8.98 16.40
C ALA A 76 6.09 -8.14 15.40
N LEU A 77 6.15 -6.84 15.65
CA LEU A 77 6.92 -5.91 14.83
C LEU A 77 8.36 -6.38 14.70
N ALA A 78 8.92 -6.87 15.80
CA ALA A 78 10.28 -7.41 15.80
C ALA A 78 10.34 -8.67 14.97
N GLU A 79 9.38 -9.56 15.17
CA GLU A 79 9.26 -10.80 14.42
C GLU A 79 9.26 -10.52 12.91
N ALA A 80 8.40 -9.59 12.49
CA ALA A 80 8.26 -9.29 11.08
C ALA A 80 9.52 -8.63 10.48
N THR A 81 10.17 -7.75 11.23
CA THR A 81 11.28 -6.95 10.69
C THR A 81 12.67 -7.58 10.87
N GLY A 82 12.77 -8.56 11.75
CA GLY A 82 14.05 -9.21 11.99
C GLY A 82 14.82 -8.49 13.08
N ALA A 83 14.11 -7.68 13.86
CA ALA A 83 14.75 -6.88 14.89
C ALA A 83 14.92 -7.65 16.18
N HIS A 84 15.76 -7.13 17.06
CA HIS A 84 15.92 -7.65 18.39
C HIS A 84 14.79 -7.06 19.24
N GLU A 85 13.90 -7.92 19.70
CA GLU A 85 12.66 -7.49 20.36
C GLU A 85 12.84 -6.40 21.42
N GLN A 86 13.65 -6.65 22.44
CA GLN A 86 13.80 -5.66 23.50
C GLN A 86 14.32 -4.32 22.96
N THR A 87 15.25 -4.37 22.01
CA THR A 87 15.78 -3.13 21.44
C THR A 87 14.73 -2.41 20.58
N LEU A 88 13.95 -3.15 19.81
CA LEU A 88 12.91 -2.51 19.00
C LEU A 88 11.89 -1.81 19.89
N ARG A 89 11.51 -2.45 21.00
CA ARG A 89 10.65 -1.86 22.03
C ARG A 89 11.18 -0.51 22.55
N ARG A 90 12.47 -0.43 22.87
CA ARG A 90 13.09 0.82 23.30
C ARG A 90 13.01 1.90 22.23
N LEU A 91 13.34 1.55 21.00
CA LEU A 91 13.22 2.49 19.88
C LEU A 91 11.80 3.05 19.75
N LEU A 92 10.81 2.15 19.78
CA LEU A 92 9.40 2.52 19.62
C LEU A 92 8.90 3.40 20.76
N ARG A 93 9.21 3.01 21.97
CA ARG A 93 8.93 3.84 23.12
C ARG A 93 9.59 5.23 23.01
N LEU A 94 10.86 5.26 22.63
CA LEU A 94 11.52 6.55 22.44
C LEU A 94 10.82 7.33 21.33
N LEU A 95 10.62 6.69 20.19
CA LEU A 95 9.95 7.38 19.09
C LEU A 95 8.59 7.92 19.51
N ALA A 96 7.78 7.09 20.19
CA ALA A 96 6.44 7.52 20.57
C ALA A 96 6.46 8.69 21.55
N THR A 97 7.50 8.75 22.37
CA THR A 97 7.68 9.88 23.29
C THR A 97 7.96 11.17 22.54
N VAL A 98 8.45 11.07 21.32
CA VAL A 98 8.74 12.29 20.59
C VAL A 98 7.68 12.59 19.54
N GLY A 99 6.61 11.80 19.53
CA GLY A 99 5.43 12.10 18.73
C GLY A 99 5.24 11.23 17.49
N VAL A 100 6.14 10.28 17.29
CA VAL A 100 6.10 9.40 16.13
C VAL A 100 5.65 7.99 16.55
N PHE A 101 4.52 7.53 16.00
CA PHE A 101 3.79 6.38 16.50
C PHE A 101 3.13 6.72 17.84
N ASP A 102 2.11 5.96 18.21
CA ASP A 102 1.51 6.07 19.53
C ASP A 102 1.91 4.84 20.34
N ASP A 103 2.30 5.07 21.59
CA ASP A 103 2.41 3.98 22.54
C ASP A 103 1.00 3.83 23.14
N LEU A 104 0.36 2.68 22.94
CA LEU A 104 -1.01 2.52 23.43
C LEU A 104 -1.06 2.39 24.95
N GLY A 105 0.07 2.02 25.55
CA GLY A 105 0.19 1.97 26.99
C GLY A 105 -0.19 0.64 27.62
N HIS A 106 -0.81 -0.23 26.83
CA HIS A 106 -1.23 -1.54 27.32
C HIS A 106 -0.87 -2.62 26.31
N ASP A 107 -0.57 -3.80 26.81
CA ASP A 107 -0.41 -4.97 25.95
C ASP A 107 0.75 -4.89 24.98
N ASP A 108 1.71 -4.02 25.27
CA ASP A 108 2.91 -3.92 24.47
C ASP A 108 2.55 -3.46 23.06
N LEU A 109 1.50 -2.65 22.95
CA LEU A 109 0.97 -2.22 21.63
C LEU A 109 1.42 -0.83 21.17
N PHE A 110 1.70 -0.72 19.87
CA PHE A 110 2.03 0.57 19.26
C PHE A 110 1.16 0.75 18.05
N ALA A 111 0.81 1.99 17.75
CA ALA A 111 -0.08 2.27 16.64
C ALA A 111 0.44 3.37 15.72
N GLN A 112 0.01 3.32 14.46
CA GLN A 112 0.28 4.40 13.52
C GLN A 112 -0.31 5.68 14.10
N ASN A 113 0.30 6.82 13.80
CA ASN A 113 -0.29 8.11 14.11
C ASN A 113 0.00 9.09 12.99
N ALA A 114 -0.38 10.35 13.13
CA ALA A 114 -0.21 11.30 12.03
C ALA A 114 1.24 11.48 11.61
N LEU A 115 2.18 11.44 12.55
CA LEU A 115 3.58 11.69 12.18
C LEU A 115 4.16 10.48 11.49
N SER A 116 3.85 9.29 11.99
CA SER A 116 4.41 8.10 11.39
C SER A 116 3.74 7.74 10.06
N ALA A 117 2.49 8.17 9.84
CA ALA A 117 1.82 7.90 8.56
C ALA A 117 2.57 8.59 7.39
N VAL A 118 2.97 9.83 7.63
CA VAL A 118 3.85 10.58 6.73
C VAL A 118 5.04 9.76 6.23
N LEU A 119 5.43 8.73 6.99
CA LEU A 119 6.62 7.96 6.67
C LEU A 119 6.32 6.76 5.82
N LEU A 120 5.07 6.64 5.38
CA LEU A 120 4.68 5.51 4.55
C LEU A 120 5.26 5.67 3.15
N PRO A 121 5.87 4.60 2.64
CA PRO A 121 6.61 4.60 1.37
C PRO A 121 5.69 5.04 0.25
N ASP A 122 5.90 6.23 -0.29
CA ASP A 122 5.09 6.73 -1.37
C ASP A 122 5.98 7.59 -2.26
N PRO A 123 6.16 7.17 -3.53
CA PRO A 123 7.05 7.84 -4.49
C PRO A 123 6.69 9.30 -4.72
N ALA A 124 5.56 9.74 -4.18
CA ALA A 124 5.11 11.12 -4.38
C ALA A 124 5.29 11.92 -3.10
N SER A 125 5.89 11.29 -2.10
CA SER A 125 6.06 11.94 -0.81
C SER A 125 7.50 12.37 -0.61
N PRO A 126 7.73 13.68 -0.57
CA PRO A 126 9.08 14.20 -0.31
C PRO A 126 9.65 13.68 1.01
N VAL A 127 8.91 13.83 2.10
CA VAL A 127 9.45 13.41 3.39
C VAL A 127 9.71 11.91 3.45
N ALA A 128 8.77 11.12 2.95
CA ALA A 128 8.91 9.68 3.03
C ALA A 128 10.13 9.21 2.27
N THR A 129 10.31 9.72 1.04
CA THR A 129 11.43 9.32 0.20
C THR A 129 12.73 9.89 0.72
N ASP A 130 12.70 11.14 1.18
CA ASP A 130 13.89 11.75 1.75
C ASP A 130 14.33 11.04 3.04
N ALA A 131 13.37 10.66 3.88
CA ALA A 131 13.70 9.91 5.10
C ALA A 131 14.43 8.63 4.72
N ARG A 132 13.98 7.96 3.65
CA ARG A 132 14.62 6.73 3.20
C ARG A 132 15.99 6.97 2.57
N PHE A 133 16.13 8.10 1.92
CA PHE A 133 17.39 8.53 1.31
C PHE A 133 18.42 8.74 2.44
N GLN A 134 18.06 9.56 3.41
CA GLN A 134 18.89 9.82 4.57
C GLN A 134 19.21 8.57 5.41
N ALA A 135 18.42 7.51 5.29
CA ALA A 135 18.69 6.33 6.10
C ALA A 135 20.00 5.66 5.67
N ALA A 136 20.33 5.76 4.38
CA ALA A 136 21.56 5.18 3.85
C ALA A 136 22.78 5.61 4.63
N PRO A 137 23.65 4.66 4.97
CA PRO A 137 24.84 4.93 5.77
C PRO A 137 25.75 5.95 5.09
N TRP A 138 25.84 5.88 3.77
CA TRP A 138 26.71 6.81 3.03
C TRP A 138 26.18 8.24 3.07
N HIS A 139 24.88 8.41 3.24
CA HIS A 139 24.33 9.74 3.43
C HIS A 139 24.79 10.27 4.79
N TRP A 140 24.60 9.45 5.83
CA TRP A 140 24.92 9.83 7.20
C TRP A 140 26.42 10.12 7.36
N ARG A 141 27.25 9.31 6.73
CA ARG A 141 28.71 9.47 6.77
C ARG A 141 29.25 10.73 6.09
N ALA A 142 28.51 11.27 5.13
CA ALA A 142 28.92 12.51 4.52
C ALA A 142 28.81 13.60 5.58
N TRP A 143 27.74 13.53 6.37
CA TRP A 143 27.54 14.45 7.49
C TRP A 143 28.58 14.23 8.59
N GLU A 144 29.13 13.02 8.63
CA GLU A 144 30.18 12.72 9.59
C GLU A 144 31.34 13.69 9.37
N GLN A 145 31.57 14.07 8.11
CA GLN A 145 32.73 14.86 7.74
C GLN A 145 32.39 16.29 7.36
N LEU A 146 31.32 16.83 7.93
CA LEU A 146 30.91 18.19 7.63
C LEU A 146 32.09 19.17 7.82
N THR A 147 32.93 18.88 8.80
CA THR A 147 34.06 19.74 9.11
C THR A 147 34.94 19.92 7.88
N HIS A 148 35.21 18.83 7.17
CA HIS A 148 35.96 18.92 5.93
C HIS A 148 35.31 19.92 4.98
N SER A 149 33.99 19.82 4.80
CA SER A 149 33.30 20.69 3.83
C SER A 149 33.48 22.15 4.26
N VAL A 150 33.42 22.37 5.57
CA VAL A 150 33.46 23.72 6.11
C VAL A 150 34.88 24.31 6.03
N ARG A 151 35.89 23.45 5.96
CA ARG A 151 37.25 23.90 5.73
C ARG A 151 37.57 24.14 4.26
N THR A 152 36.77 23.60 3.36
CA THR A 152 37.14 23.58 1.93
C THR A 152 36.12 24.15 0.97
N GLY A 153 34.85 24.15 1.36
CA GLY A 153 33.78 24.52 0.44
C GLY A 153 33.48 23.41 -0.56
N GLU A 154 34.06 22.24 -0.34
CA GLU A 154 33.89 21.10 -1.24
C GLU A 154 33.05 19.99 -0.58
N ALA A 155 32.69 18.99 -1.37
CA ALA A 155 31.89 17.88 -0.88
C ALA A 155 32.62 17.08 0.20
N SER A 156 31.92 16.70 1.25
CA SER A 156 32.55 15.84 2.24
C SER A 156 32.29 14.39 1.84
N PHE A 157 31.36 14.22 0.91
CA PHE A 157 30.88 12.90 0.50
C PHE A 157 32.04 12.04 0.01
N ASP A 158 32.94 12.66 -0.73
CA ASP A 158 34.08 11.99 -1.36
C ASP A 158 35.09 11.46 -0.32
N VAL A 159 35.43 12.28 0.65
CA VAL A 159 36.38 11.86 1.66
C VAL A 159 35.75 10.87 2.65
N ALA A 160 34.44 10.96 2.84
CA ALA A 160 33.75 10.04 3.75
C ALA A 160 33.56 8.66 3.16
N ASN A 161 33.23 8.60 1.87
CA ASN A 161 32.76 7.37 1.25
C ASN A 161 33.71 6.75 0.25
N GLY A 162 34.84 7.40 0.00
CA GLY A 162 35.79 6.94 -0.98
C GLY A 162 35.32 7.10 -2.42
N THR A 163 34.20 7.78 -2.61
CA THR A 163 33.70 8.01 -3.97
C THR A 163 32.80 9.24 -3.98
N SER A 164 32.63 9.84 -5.15
CA SER A 164 31.78 11.03 -5.29
C SER A 164 30.31 10.66 -5.38
N PHE A 165 29.44 11.59 -5.00
CA PHE A 165 28.01 11.35 -5.04
C PHE A 165 27.55 10.94 -6.45
N TRP A 166 27.99 11.66 -7.47
CA TRP A 166 27.50 11.38 -8.81
C TRP A 166 28.02 10.03 -9.29
N GLN A 167 29.20 9.65 -8.83
CA GLN A 167 29.77 8.36 -9.22
C GLN A 167 29.02 7.22 -8.52
N LEU A 168 28.72 7.41 -7.24
CA LEU A 168 27.97 6.40 -6.50
C LEU A 168 26.61 6.16 -7.13
N THR A 169 25.83 7.23 -7.31
CA THR A 169 24.52 7.09 -7.92
C THR A 169 24.62 6.60 -9.37
N HIS A 170 25.80 6.75 -9.97
CA HIS A 170 26.02 6.19 -11.30
C HIS A 170 26.24 4.67 -11.31
N GLU A 171 27.05 4.17 -10.39
CA GLU A 171 27.41 2.75 -10.38
C GLU A 171 26.40 1.88 -9.62
N ASP A 172 25.93 2.38 -8.49
CA ASP A 172 25.14 1.58 -7.55
C ASP A 172 23.67 1.91 -7.67
N PRO A 173 22.90 0.97 -8.24
CA PRO A 173 21.45 1.12 -8.52
C PRO A 173 20.60 1.41 -7.28
N LYS A 174 20.91 0.76 -6.16
CA LYS A 174 20.20 1.06 -4.91
C LYS A 174 20.33 2.56 -4.57
N ALA A 175 21.56 3.08 -4.58
CA ALA A 175 21.77 4.49 -4.27
C ALA A 175 21.14 5.40 -5.32
N ARG A 176 21.27 5.02 -6.58
CA ARG A 176 20.59 5.74 -7.67
C ARG A 176 19.09 5.85 -7.38
N GLU A 177 18.51 4.74 -6.98
CA GLU A 177 17.07 4.65 -6.75
C GLU A 177 16.63 5.47 -5.54
N LEU A 178 17.36 5.34 -4.42
CA LEU A 178 17.07 6.14 -3.23
C LEU A 178 17.06 7.63 -3.57
N PHE A 179 18.15 8.09 -4.20
CA PHE A 179 18.24 9.50 -4.61
C PHE A 179 17.21 9.92 -5.66
N ASN A 180 17.09 9.14 -6.72
CA ASN A 180 16.14 9.54 -7.76
C ASN A 180 14.70 9.61 -7.24
N ARG A 181 14.35 8.73 -6.28
CA ARG A 181 13.04 8.77 -5.65
C ARG A 181 12.88 10.04 -4.82
N ALA A 182 13.90 10.39 -4.04
CA ALA A 182 13.81 11.58 -3.22
C ALA A 182 13.69 12.84 -4.07
N MSE A 183 14.45 12.88 -5.17
CA MSE A 183 14.33 14.01 -6.11
C MSE A 183 13.01 13.90 -6.89
O MSE A 183 12.29 14.88 -7.05
CB MSE A 183 15.53 14.06 -7.07
CG MSE A 183 15.53 15.25 -8.06
SE MSE A 183 15.86 16.96 -7.17
CE MSE A 183 17.31 16.31 -6.10
N GLY A 184 12.68 12.69 -7.32
CA GLY A 184 11.46 12.44 -8.07
C GLY A 184 10.18 12.95 -7.42
N SER A 185 10.05 12.74 -6.11
CA SER A 185 8.85 13.15 -5.38
C SER A 185 8.75 14.67 -5.31
N VAL A 186 9.88 15.33 -5.08
CA VAL A 186 9.89 16.79 -5.03
C VAL A 186 9.48 17.34 -6.40
N SER A 187 9.99 16.72 -7.45
CA SER A 187 9.74 17.16 -8.81
C SER A 187 8.27 17.02 -9.25
N LEU A 188 7.62 15.93 -8.86
CA LEU A 188 6.20 15.74 -9.17
C LEU A 188 5.38 16.94 -8.72
N THR A 189 5.51 17.28 -7.44
CA THR A 189 4.92 18.49 -6.90
C THR A 189 5.22 19.70 -7.79
N GLU A 190 6.51 19.93 -8.05
CA GLU A 190 6.97 21.11 -8.76
C GLU A 190 6.56 21.15 -10.22
N ALA A 191 6.60 20.00 -10.89
CA ALA A 191 6.29 19.93 -12.31
C ALA A 191 4.97 20.63 -12.62
N GLY A 192 3.94 20.29 -11.84
CA GLY A 192 2.63 20.89 -12.02
C GLY A 192 2.64 22.39 -11.83
N GLN A 193 3.29 22.85 -10.76
CA GLN A 193 3.38 24.27 -10.46
C GLN A 193 4.07 25.07 -11.57
N VAL A 194 4.94 24.41 -12.32
CA VAL A 194 5.72 25.08 -13.37
C VAL A 194 4.92 25.18 -14.67
N ALA A 195 4.30 24.07 -15.06
CA ALA A 195 3.49 24.03 -16.26
C ALA A 195 2.40 25.08 -16.23
N ALA A 196 1.98 25.44 -15.02
CA ALA A 196 0.90 26.41 -14.86
C ALA A 196 1.43 27.80 -14.50
N ALA A 197 2.74 27.96 -14.47
CA ALA A 197 3.33 29.23 -14.07
C ALA A 197 3.91 29.94 -15.27
N TYR A 198 4.10 29.18 -16.35
CA TYR A 198 4.76 29.72 -17.52
C TYR A 198 3.96 29.41 -18.77
N ASP A 199 3.94 30.36 -19.71
CA ASP A 199 3.22 30.16 -20.95
C ASP A 199 4.12 29.55 -22.04
N PHE A 200 3.97 28.25 -22.25
CA PHE A 200 4.71 27.54 -23.28
C PHE A 200 3.93 27.51 -24.60
N SER A 201 2.77 28.15 -24.64
CA SER A 201 1.89 28.04 -25.81
C SER A 201 2.54 28.55 -27.11
N GLY A 202 3.62 29.30 -26.97
CA GLY A 202 4.33 29.82 -28.12
C GLY A 202 5.58 29.04 -28.51
N ALA A 203 5.82 27.91 -27.84
CA ALA A 203 7.01 27.13 -28.17
C ALA A 203 6.67 25.85 -28.93
N ALA A 204 7.55 25.48 -29.85
CA ALA A 204 7.41 24.20 -30.57
C ALA A 204 8.26 23.11 -29.92
N THR A 205 9.46 23.48 -29.46
CA THR A 205 10.40 22.53 -28.89
C THR A 205 10.91 22.95 -27.51
N ALA A 206 10.90 22.00 -26.58
CA ALA A 206 11.43 22.21 -25.23
C ALA A 206 12.51 21.19 -24.93
N VAL A 207 13.58 21.64 -24.31
CA VAL A 207 14.61 20.71 -23.85
C VAL A 207 14.81 20.82 -22.33
N ASP A 208 14.73 19.69 -21.64
CA ASP A 208 14.97 19.67 -20.19
C ASP A 208 16.36 19.10 -19.89
N ILE A 209 17.26 19.98 -19.46
CA ILE A 209 18.66 19.62 -19.19
C ILE A 209 18.84 19.00 -17.80
N GLY A 210 19.31 17.76 -17.75
CA GLY A 210 19.43 17.04 -16.49
C GLY A 210 18.06 16.93 -15.88
N GLY A 211 17.09 16.50 -16.67
CA GLY A 211 15.69 16.50 -16.25
C GLY A 211 15.27 15.34 -15.36
N GLY A 212 16.23 14.62 -14.80
CA GLY A 212 15.90 13.56 -13.86
C GLY A 212 15.08 12.44 -14.47
N ARG A 213 14.04 12.01 -13.76
CA ARG A 213 13.15 10.95 -14.23
C ARG A 213 12.09 11.44 -15.19
N GLY A 214 11.98 12.76 -15.35
CA GLY A 214 11.19 13.32 -16.43
C GLY A 214 9.82 13.87 -16.08
N SER A 215 9.55 14.07 -14.81
CA SER A 215 8.20 14.49 -14.42
C SER A 215 7.90 15.94 -14.84
N LEU A 216 8.93 16.78 -14.87
CA LEU A 216 8.73 18.16 -15.31
C LEU A 216 8.36 18.22 -16.78
N MSE A 217 9.12 17.53 -17.62
CA MSE A 217 8.80 17.46 -19.05
C MSE A 217 7.39 16.91 -19.23
O MSE A 217 6.60 17.47 -19.98
CB MSE A 217 9.82 16.61 -19.80
CG MSE A 217 9.63 16.62 -21.31
SE MSE A 217 9.88 18.41 -22.03
CE MSE A 217 11.79 18.34 -22.34
N ALA A 218 7.09 15.84 -18.50
CA ALA A 218 5.77 15.20 -18.54
C ALA A 218 4.64 16.17 -18.24
N ALA A 219 4.79 16.94 -17.18
CA ALA A 219 3.78 17.92 -16.82
C ALA A 219 3.61 18.98 -17.89
N VAL A 220 4.72 19.37 -18.51
CA VAL A 220 4.70 20.45 -19.48
C VAL A 220 4.10 19.97 -20.80
N LEU A 221 4.48 18.76 -21.22
CA LEU A 221 3.92 18.16 -22.41
C LEU A 221 2.41 17.90 -22.24
N ASP A 222 2.01 17.44 -21.05
CA ASP A 222 0.60 17.22 -20.75
C ASP A 222 -0.21 18.51 -20.85
N ALA A 223 0.28 19.57 -20.22
CA ALA A 223 -0.42 20.85 -20.25
C ALA A 223 -0.32 21.53 -21.60
N PHE A 224 0.60 21.08 -22.45
CA PHE A 224 0.77 21.69 -23.78
C PHE A 224 0.90 20.64 -24.89
N PRO A 225 -0.26 20.12 -25.34
CA PRO A 225 -0.40 19.06 -26.35
C PRO A 225 0.37 19.30 -27.64
N GLY A 226 0.59 20.56 -28.00
CA GLY A 226 1.29 20.89 -29.24
C GLY A 226 2.79 20.88 -29.08
N LEU A 227 3.24 21.01 -27.84
CA LEU A 227 4.66 21.04 -27.54
C LEU A 227 5.30 19.67 -27.78
N ARG A 228 6.55 19.71 -28.23
CA ARG A 228 7.38 18.52 -28.32
C ARG A 228 8.58 18.76 -27.40
N GLY A 229 9.28 17.70 -27.02
CA GLY A 229 10.33 17.83 -26.03
C GLY A 229 11.52 16.89 -26.18
N THR A 230 12.62 17.26 -25.53
CA THR A 230 13.80 16.42 -25.47
C THR A 230 14.30 16.38 -24.01
N LEU A 231 14.59 15.19 -23.50
CA LEU A 231 15.11 15.09 -22.15
C LEU A 231 16.55 14.59 -22.15
N LEU A 232 17.43 15.41 -21.59
CA LEU A 232 18.86 15.08 -21.49
C LEU A 232 19.22 14.69 -20.04
N GLU A 233 19.79 13.50 -19.85
CA GLU A 233 20.15 13.03 -18.52
C GLU A 233 21.29 12.03 -18.65
N ARG A 234 22.02 11.80 -17.56
CA ARG A 234 23.03 10.76 -17.53
C ARG A 234 22.39 9.47 -18.01
N PRO A 235 23.16 8.61 -18.66
CA PRO A 235 22.59 7.43 -19.33
C PRO A 235 21.69 6.52 -18.48
N PRO A 236 22.12 6.11 -17.28
CA PRO A 236 21.23 5.21 -16.52
C PRO A 236 19.94 5.92 -16.10
N VAL A 237 20.05 7.21 -15.84
CA VAL A 237 18.92 8.02 -15.40
C VAL A 237 18.00 8.26 -16.58
N ALA A 238 18.59 8.42 -17.76
CA ALA A 238 17.82 8.63 -18.99
C ALA A 238 16.86 7.47 -19.24
N GLU A 239 17.33 6.25 -19.02
CA GLU A 239 16.45 5.08 -19.17
C GLU A 239 15.28 5.11 -18.20
N GLU A 240 15.51 5.65 -17.00
CA GLU A 240 14.41 5.78 -16.04
C GLU A 240 13.42 6.83 -16.53
N ALA A 241 13.92 7.87 -17.19
CA ALA A 241 13.06 8.89 -17.76
C ALA A 241 12.22 8.30 -18.89
N ARG A 242 12.85 7.45 -19.70
CA ARG A 242 12.16 6.76 -20.77
C ARG A 242 11.02 5.90 -20.20
N GLU A 243 11.26 5.19 -19.10
CA GLU A 243 10.21 4.38 -18.50
C GLU A 243 9.04 5.23 -17.99
N LEU A 244 9.34 6.31 -17.28
CA LEU A 244 8.27 7.22 -16.83
C LEU A 244 7.49 7.81 -18.01
N LEU A 245 8.20 8.37 -18.99
CA LEU A 245 7.57 9.12 -20.08
C LEU A 245 6.74 8.23 -20.99
N THR A 246 7.24 7.02 -21.26
CA THR A 246 6.50 6.07 -22.07
C THR A 246 5.26 5.58 -21.35
N GLY A 247 5.43 5.23 -20.08
CA GLY A 247 4.34 4.73 -19.27
C GLY A 247 3.19 5.72 -19.20
N ARG A 248 3.50 7.00 -19.38
CA ARG A 248 2.49 8.03 -19.28
C ARG A 248 2.08 8.50 -20.66
N GLY A 249 2.39 7.67 -21.65
CA GLY A 249 1.95 7.90 -23.02
C GLY A 249 2.57 9.09 -23.74
N LEU A 250 3.78 9.46 -23.36
CA LEU A 250 4.41 10.64 -23.99
C LEU A 250 5.63 10.31 -24.85
N ALA A 251 5.97 9.03 -24.96
CA ALA A 251 7.13 8.62 -25.73
C ALA A 251 7.18 9.28 -27.10
N ASP A 252 6.01 9.46 -27.72
CA ASP A 252 5.92 10.00 -29.08
C ASP A 252 6.30 11.48 -29.19
N ARG A 253 6.27 12.20 -28.07
CA ARG A 253 6.51 13.64 -28.09
C ARG A 253 7.74 14.04 -27.28
N CYS A 254 8.43 13.07 -26.72
CA CYS A 254 9.66 13.38 -26.02
C CYS A 254 10.76 12.41 -26.34
N GLU A 255 11.86 12.96 -26.87
CA GLU A 255 13.04 12.19 -27.19
C GLU A 255 13.92 12.09 -25.96
N ILE A 256 14.48 10.92 -25.72
CA ILE A 256 15.38 10.72 -24.61
C ILE A 256 16.83 10.76 -25.08
N LEU A 257 17.59 11.73 -24.58
CA LEU A 257 18.98 11.91 -24.97
C LEU A 257 19.96 11.60 -23.84
N PRO A 258 20.53 10.39 -23.85
CA PRO A 258 21.55 10.02 -22.88
C PRO A 258 22.78 10.85 -23.19
N GLY A 259 23.30 11.56 -22.20
CA GLY A 259 24.40 12.45 -22.45
C GLY A 259 24.89 13.18 -21.21
N ASP A 260 25.68 14.21 -21.44
CA ASP A 260 26.39 14.92 -20.39
C ASP A 260 26.30 16.40 -20.70
N PHE A 261 25.61 17.16 -19.86
CA PHE A 261 25.43 18.58 -20.15
C PHE A 261 26.70 19.46 -20.11
N PHE A 262 27.87 18.86 -19.88
CA PHE A 262 29.14 19.59 -20.01
C PHE A 262 29.66 19.48 -21.44
N GLU A 263 29.20 18.46 -22.15
CA GLU A 263 29.64 18.19 -23.50
C GLU A 263 28.59 18.53 -24.55
N THR A 264 27.32 18.37 -24.17
CA THR A 264 26.23 18.39 -25.13
C THR A 264 24.99 19.12 -24.62
N ILE A 265 24.55 20.07 -25.41
CA ILE A 265 23.21 20.63 -25.28
C ILE A 265 22.70 20.70 -26.72
N PRO A 266 21.56 20.04 -26.99
CA PRO A 266 21.00 20.02 -28.35
C PRO A 266 20.64 21.45 -28.72
N ASP A 267 21.01 21.91 -29.91
CA ASP A 267 20.75 23.31 -30.23
C ASP A 267 19.45 23.55 -31.00
N GLY A 268 18.97 24.79 -30.95
CA GLY A 268 17.83 25.20 -31.76
C GLY A 268 16.45 25.09 -31.14
N ALA A 269 16.34 24.62 -29.89
CA ALA A 269 15.02 24.48 -29.31
C ALA A 269 14.49 25.84 -28.86
N ASP A 270 13.18 25.93 -28.68
CA ASP A 270 12.50 27.17 -28.33
C ASP A 270 12.70 27.55 -26.86
N VAL A 271 12.66 26.55 -26.00
CA VAL A 271 12.80 26.81 -24.58
C VAL A 271 13.63 25.73 -23.90
N TYR A 272 14.63 26.17 -23.15
CA TYR A 272 15.43 25.26 -22.34
C TYR A 272 15.01 25.32 -20.88
N LEU A 273 14.99 24.15 -20.23
CA LEU A 273 14.71 24.13 -18.81
C LEU A 273 15.85 23.43 -18.05
N ILE A 274 16.21 24.02 -16.92
CA ILE A 274 17.23 23.44 -16.06
C ILE A 274 16.75 23.64 -14.62
N LYS A 275 16.30 22.55 -13.99
CA LYS A 275 15.66 22.63 -12.70
C LYS A 275 16.47 21.91 -11.62
N HIS A 276 16.86 22.63 -10.56
CA HIS A 276 17.63 22.04 -9.47
C HIS A 276 18.87 21.35 -10.02
N VAL A 277 19.52 21.98 -10.98
CA VAL A 277 20.77 21.44 -11.47
C VAL A 277 21.92 22.36 -11.07
N LEU A 278 21.75 23.66 -11.33
CA LEU A 278 22.85 24.60 -11.19
C LEU A 278 23.29 24.71 -9.73
N HIS A 279 22.36 24.54 -8.79
CA HIS A 279 22.74 24.65 -7.39
C HIS A 279 23.65 23.51 -6.95
N ASP A 280 23.87 22.55 -7.86
CA ASP A 280 24.75 21.42 -7.60
C ASP A 280 26.21 21.71 -7.92
N TRP A 281 26.46 22.84 -8.57
CA TRP A 281 27.75 23.05 -9.17
C TRP A 281 28.38 24.35 -8.70
N ASP A 282 29.71 24.38 -8.61
CA ASP A 282 30.41 25.60 -8.21
C ASP A 282 30.38 26.60 -9.36
N ASP A 283 30.92 27.79 -9.15
CA ASP A 283 30.81 28.88 -10.13
C ASP A 283 31.42 28.54 -11.49
N ASP A 284 32.64 28.01 -11.47
CA ASP A 284 33.29 27.55 -12.69
C ASP A 284 32.37 26.64 -13.49
N ASP A 285 31.90 25.58 -12.85
CA ASP A 285 31.12 24.56 -13.52
C ASP A 285 29.77 25.10 -14.00
N VAL A 286 29.13 25.98 -13.25
CA VAL A 286 27.88 26.55 -13.71
C VAL A 286 28.08 27.38 -14.98
N VAL A 287 29.19 28.12 -15.04
CA VAL A 287 29.52 28.89 -16.23
C VAL A 287 29.80 28.01 -17.44
N ARG A 288 30.50 26.90 -17.25
CA ARG A 288 30.63 25.92 -18.33
C ARG A 288 29.26 25.55 -18.89
N ILE A 289 28.37 25.12 -18.01
CA ILE A 289 27.03 24.68 -18.40
C ILE A 289 26.26 25.78 -19.12
N LEU A 290 26.34 26.99 -18.57
CA LEU A 290 25.57 28.12 -19.10
C LEU A 290 26.06 28.56 -20.47
N ARG A 291 27.37 28.61 -20.65
CA ARG A 291 27.92 29.04 -21.94
C ARG A 291 27.50 28.06 -23.04
N ARG A 292 27.51 26.77 -22.73
CA ARG A 292 27.11 25.77 -23.71
C ARG A 292 25.63 25.87 -24.04
N ILE A 293 24.82 26.25 -23.05
CA ILE A 293 23.38 26.42 -23.29
C ILE A 293 23.16 27.68 -24.12
N ALA A 294 23.98 28.69 -23.86
CA ALA A 294 23.93 29.95 -24.59
C ALA A 294 24.17 29.73 -26.08
N THR A 295 25.18 28.91 -26.41
CA THR A 295 25.51 28.68 -27.82
C THR A 295 24.48 27.81 -28.54
N ALA A 296 23.65 27.09 -27.79
CA ALA A 296 22.61 26.27 -28.40
C ALA A 296 21.33 27.05 -28.66
N MSE A 297 21.23 28.23 -28.07
CA MSE A 297 19.99 28.99 -28.15
C MSE A 297 19.91 29.83 -29.42
O MSE A 297 20.91 30.41 -29.86
CB MSE A 297 19.83 29.90 -26.93
CG MSE A 297 19.59 29.12 -25.63
SE MSE A 297 19.78 30.22 -24.05
CE MSE A 297 18.08 31.17 -24.13
N LYS A 298 18.73 29.88 -30.02
CA LYS A 298 18.45 30.83 -31.07
C LYS A 298 18.20 32.16 -30.38
N PRO A 299 18.31 33.27 -31.11
CA PRO A 299 18.15 34.58 -30.46
C PRO A 299 16.74 34.72 -29.93
N ASP A 300 15.92 33.74 -30.26
CA ASP A 300 14.50 33.77 -29.95
C ASP A 300 14.20 32.84 -28.77
N SER A 301 15.11 31.90 -28.53
CA SER A 301 14.98 30.93 -27.45
C SER A 301 14.81 31.59 -26.09
N ARG A 302 14.16 30.89 -25.17
CA ARG A 302 14.20 31.27 -23.76
C ARG A 302 14.83 30.16 -22.92
N LEU A 303 15.52 30.53 -21.84
CA LEU A 303 16.02 29.56 -20.86
C LEU A 303 15.34 29.77 -19.52
N LEU A 304 14.79 28.70 -18.96
CA LEU A 304 14.18 28.79 -17.65
C LEU A 304 15.08 28.15 -16.60
N VAL A 305 15.70 28.97 -15.76
CA VAL A 305 16.42 28.41 -14.64
C VAL A 305 15.45 28.31 -13.48
N ILE A 306 15.18 27.08 -13.08
CA ILE A 306 14.25 26.82 -11.97
C ILE A 306 15.01 26.31 -10.73
N ASP A 307 15.06 27.11 -9.68
CA ASP A 307 15.86 26.72 -8.55
C ASP A 307 15.51 27.50 -7.30
N ASN A 308 16.07 27.07 -6.18
CA ASN A 308 15.84 27.75 -4.91
C ASN A 308 16.64 29.03 -4.88
N LEU A 309 15.96 30.16 -4.73
CA LEU A 309 16.66 31.43 -4.69
C LEU A 309 16.75 31.97 -3.27
N ILE A 310 17.98 32.27 -2.85
CA ILE A 310 18.24 32.87 -1.55
C ILE A 310 17.94 34.36 -1.61
N ASP A 311 16.94 34.82 -0.88
CA ASP A 311 16.71 36.25 -0.79
C ASP A 311 17.23 36.78 0.54
N GLU A 312 16.81 37.99 0.89
CA GLU A 312 17.08 38.54 2.21
C GLU A 312 16.27 37.74 3.20
N ARG A 313 16.89 37.30 4.29
CA ARG A 313 16.16 36.55 5.32
C ARG A 313 15.54 35.23 4.82
N PRO A 314 16.38 34.29 4.35
CA PRO A 314 15.85 32.99 3.95
C PRO A 314 15.39 32.18 5.17
N ALA A 315 14.52 31.21 4.94
CA ALA A 315 14.02 30.36 6.01
C ALA A 315 15.04 29.28 6.33
N ALA A 316 15.04 28.83 7.59
CA ALA A 316 15.99 27.82 8.05
C ALA A 316 16.02 26.63 7.12
N SER A 317 14.84 26.22 6.68
CA SER A 317 14.70 25.06 5.82
C SER A 317 15.50 25.22 4.53
N THR A 318 15.49 26.43 3.98
CA THR A 318 16.21 26.73 2.76
C THR A 318 17.72 26.66 2.98
N LEU A 319 18.15 27.10 4.15
CA LEU A 319 19.57 27.06 4.48
C LEU A 319 20.05 25.63 4.77
N PHE A 320 19.18 24.81 5.31
CA PHE A 320 19.54 23.41 5.56
C PHE A 320 19.78 22.70 4.26
N VAL A 321 18.94 22.95 3.27
CA VAL A 321 19.12 22.31 1.99
C VAL A 321 20.41 22.83 1.33
N ASP A 322 20.68 24.12 1.51
CA ASP A 322 21.98 24.67 1.09
C ASP A 322 23.15 23.88 1.68
N LEU A 323 23.03 23.49 2.96
CA LEU A 323 24.10 22.77 3.65
C LEU A 323 24.19 21.33 3.15
N LEU A 324 23.03 20.72 2.87
CA LEU A 324 23.01 19.41 2.23
C LEU A 324 23.75 19.44 0.88
N LEU A 325 23.50 20.47 0.09
CA LEU A 325 24.15 20.59 -1.22
C LEU A 325 25.65 20.63 -1.02
N LEU A 326 26.08 21.44 -0.06
CA LEU A 326 27.49 21.52 0.29
C LEU A 326 28.09 20.16 0.58
N VAL A 327 27.47 19.44 1.51
CA VAL A 327 27.97 18.15 1.93
C VAL A 327 27.95 17.07 0.85
N LEU A 328 26.89 17.01 0.05
CA LEU A 328 26.74 15.95 -0.95
C LEU A 328 27.54 16.15 -2.23
N VAL A 329 27.50 17.36 -2.80
CA VAL A 329 28.09 17.58 -4.11
C VAL A 329 28.89 18.87 -4.20
N GLY A 330 29.15 19.49 -3.07
CA GLY A 330 29.85 20.75 -3.06
C GLY A 330 29.04 21.89 -3.65
N GLY A 331 27.74 21.74 -3.72
CA GLY A 331 26.89 22.79 -4.23
C GLY A 331 26.56 23.89 -3.24
N ALA A 332 25.65 24.77 -3.63
CA ALA A 332 25.29 25.96 -2.85
C ALA A 332 24.05 26.56 -3.49
N GLU A 333 23.16 27.13 -2.69
CA GLU A 333 22.05 27.90 -3.22
C GLU A 333 22.61 29.28 -3.49
N ARG A 334 22.01 29.98 -4.44
CA ARG A 334 22.47 31.33 -4.79
C ARG A 334 21.32 32.31 -4.77
N SER A 335 21.64 33.59 -4.59
CA SER A 335 20.69 34.67 -4.78
C SER A 335 20.52 34.98 -6.27
N GLU A 336 19.52 35.77 -6.62
CA GLU A 336 19.35 36.13 -8.02
C GLU A 336 20.55 36.92 -8.55
N SER A 337 20.98 37.94 -7.82
CA SER A 337 22.11 38.76 -8.26
C SER A 337 23.33 37.89 -8.53
N GLU A 338 23.51 36.84 -7.72
CA GLU A 338 24.62 35.92 -7.92
C GLU A 338 24.43 35.08 -9.18
N PHE A 339 23.19 34.68 -9.45
CA PHE A 339 22.95 34.00 -10.71
C PHE A 339 23.20 34.95 -11.86
N ALA A 340 22.82 36.21 -11.68
CA ALA A 340 22.93 37.21 -12.73
C ALA A 340 24.39 37.34 -13.19
N ALA A 341 25.30 37.50 -12.22
CA ALA A 341 26.72 37.58 -12.52
C ALA A 341 27.22 36.40 -13.34
N LEU A 342 26.78 35.19 -12.98
CA LEU A 342 27.20 33.99 -13.71
C LEU A 342 26.62 33.97 -15.13
N LEU A 343 25.33 34.27 -15.24
CA LEU A 343 24.71 34.41 -16.54
C LEU A 343 25.47 35.46 -17.36
N GLU A 344 25.91 36.53 -16.70
CA GLU A 344 26.70 37.57 -17.34
C GLU A 344 27.96 37.02 -17.97
N LYS A 345 28.72 36.23 -17.22
CA LYS A 345 29.95 35.64 -17.77
C LYS A 345 29.64 34.61 -18.85
N SER A 346 28.36 34.35 -19.10
CA SER A 346 28.01 33.28 -20.01
C SER A 346 27.29 33.79 -21.25
N GLY A 347 27.12 35.10 -21.34
CA GLY A 347 26.51 35.71 -22.51
C GLY A 347 24.99 35.61 -22.48
N LEU A 348 24.43 35.54 -21.28
CA LEU A 348 22.98 35.51 -21.15
C LEU A 348 22.52 36.62 -20.22
N ARG A 349 21.21 36.81 -20.14
CA ARG A 349 20.68 37.78 -19.20
C ARG A 349 19.25 37.49 -18.77
N VAL A 350 18.89 38.01 -17.61
CA VAL A 350 17.61 37.73 -16.99
C VAL A 350 16.55 38.65 -17.56
N GLU A 351 15.47 38.06 -18.07
CA GLU A 351 14.31 38.83 -18.50
C GLU A 351 13.35 39.10 -17.33
N ARG A 352 13.14 38.10 -16.49
CA ARG A 352 12.22 38.23 -15.35
C ARG A 352 12.19 36.98 -14.48
N SER A 353 11.73 37.13 -13.24
CA SER A 353 11.66 35.99 -12.33
C SER A 353 10.27 35.92 -11.72
N LEU A 354 9.70 34.72 -11.70
CA LEU A 354 8.32 34.54 -11.30
C LEU A 354 8.23 33.59 -10.12
N PRO A 355 7.27 33.84 -9.21
CA PRO A 355 7.00 32.95 -8.08
C PRO A 355 6.64 31.56 -8.59
N CYS A 356 6.69 30.58 -7.71
CA CYS A 356 6.45 29.20 -8.11
C CYS A 356 6.35 28.30 -6.89
N GLY A 357 5.27 27.53 -6.83
CA GLY A 357 5.07 26.56 -5.77
C GLY A 357 4.94 27.12 -4.36
N ALA A 358 5.22 28.42 -4.21
CA ALA A 358 5.10 29.08 -2.91
C ALA A 358 6.12 28.54 -1.90
N GLY A 359 7.39 28.57 -2.28
CA GLY A 359 8.49 28.24 -1.39
C GLY A 359 9.63 29.18 -1.74
N PRO A 360 10.87 28.67 -1.74
CA PRO A 360 11.98 29.51 -2.20
C PRO A 360 12.17 29.34 -3.71
N VAL A 361 11.59 28.28 -4.26
CA VAL A 361 11.72 28.00 -5.69
C VAL A 361 11.23 29.17 -6.49
N ARG A 362 11.90 29.42 -7.61
CA ARG A 362 11.52 30.54 -8.45
C ARG A 362 11.86 30.23 -9.90
N ILE A 363 11.10 30.80 -10.83
CA ILE A 363 11.35 30.61 -12.25
C ILE A 363 12.03 31.84 -12.78
N VAL A 364 13.26 31.69 -13.25
CA VAL A 364 14.02 32.81 -13.82
C VAL A 364 14.16 32.64 -15.34
N GLU A 365 13.40 33.43 -16.09
CA GLU A 365 13.41 33.38 -17.55
C GLU A 365 14.60 34.15 -18.11
N ILE A 366 15.45 33.47 -18.88
CA ILE A 366 16.64 34.08 -19.47
C ILE A 366 16.67 34.05 -21.01
N ARG A 367 17.32 35.05 -21.60
CA ARG A 367 17.54 35.10 -23.05
C ARG A 367 19.01 35.32 -23.39
N ARG A 368 19.39 34.98 -24.61
CA ARG A 368 20.73 35.31 -25.09
C ARG A 368 20.91 36.82 -25.01
N ALA A 369 22.11 37.24 -24.67
CA ALA A 369 22.43 38.66 -24.64
C ALA A 369 23.15 39.02 -25.93
N GLY B 31 -44.40 -4.09 -32.70
CA GLY B 31 -44.10 -5.47 -32.32
C GLY B 31 -42.68 -5.85 -32.71
N THR B 32 -42.35 -5.65 -33.98
CA THR B 32 -41.03 -5.96 -34.51
C THR B 32 -39.91 -5.23 -33.74
N ALA B 33 -40.04 -3.91 -33.63
CA ALA B 33 -39.02 -3.11 -32.97
C ALA B 33 -39.08 -3.24 -31.45
N ALA B 34 -40.26 -3.56 -30.94
CA ALA B 34 -40.45 -3.73 -29.51
C ALA B 34 -39.78 -5.02 -29.05
N ARG B 35 -39.88 -6.06 -29.87
CA ARG B 35 -39.23 -7.33 -29.60
C ARG B 35 -37.71 -7.15 -29.67
N ALA B 36 -37.27 -6.44 -30.71
CA ALA B 36 -35.86 -6.15 -30.89
C ALA B 36 -35.26 -5.52 -29.64
N ALA B 37 -36.01 -4.62 -29.01
CA ALA B 37 -35.53 -3.94 -27.82
C ALA B 37 -35.59 -4.85 -26.59
N ALA B 38 -36.57 -5.74 -26.56
CA ALA B 38 -36.70 -6.70 -25.47
C ALA B 38 -35.50 -7.63 -25.50
N GLU B 39 -35.14 -8.10 -26.70
CA GLU B 39 -34.01 -9.01 -26.86
C GLU B 39 -32.68 -8.39 -26.42
N GLU B 40 -32.49 -7.11 -26.73
CA GLU B 40 -31.25 -6.44 -26.41
C GLU B 40 -31.13 -6.21 -24.92
N THR B 41 -32.24 -5.83 -24.29
CA THR B 41 -32.32 -5.69 -22.83
C THR B 41 -31.88 -6.95 -22.10
N VAL B 42 -32.49 -8.08 -22.48
CA VAL B 42 -32.15 -9.37 -21.89
C VAL B 42 -30.71 -9.77 -22.22
N ASN B 43 -30.26 -9.49 -23.44
CA ASN B 43 -28.89 -9.80 -23.82
C ASN B 43 -27.92 -8.94 -23.03
N ASP B 44 -28.31 -7.70 -22.76
CA ASP B 44 -27.51 -6.87 -21.85
C ASP B 44 -27.37 -7.49 -20.49
N ILE B 45 -28.46 -8.11 -20.00
CA ILE B 45 -28.47 -8.69 -18.66
C ILE B 45 -27.50 -9.86 -18.64
N LEU B 46 -27.53 -10.65 -19.70
CA LEU B 46 -26.65 -11.80 -19.81
C LEU B 46 -25.19 -11.35 -19.85
N GLN B 47 -24.91 -10.25 -20.56
CA GLN B 47 -23.53 -9.77 -20.65
C GLN B 47 -23.07 -9.16 -19.33
N GLY B 48 -24.03 -8.76 -18.50
CA GLY B 48 -23.72 -8.21 -17.19
C GLY B 48 -22.90 -9.12 -16.30
N ALA B 49 -23.05 -10.42 -16.50
CA ALA B 49 -22.26 -11.38 -15.74
C ALA B 49 -20.79 -11.13 -16.04
N TRP B 50 -20.49 -10.88 -17.32
CA TRP B 50 -19.12 -10.75 -17.79
C TRP B 50 -18.56 -9.40 -17.40
N LYS B 51 -19.41 -8.38 -17.40
CA LYS B 51 -19.02 -7.08 -16.90
C LYS B 51 -18.53 -7.24 -15.47
N ALA B 52 -19.30 -7.98 -14.66
CA ALA B 52 -18.96 -8.25 -13.27
C ALA B 52 -17.63 -8.99 -13.12
N ARG B 53 -17.45 -10.08 -13.87
CA ARG B 53 -16.21 -10.85 -13.74
C ARG B 53 -15.00 -10.04 -14.17
N ALA B 54 -15.20 -9.10 -15.10
CA ALA B 54 -14.10 -8.30 -15.62
C ALA B 54 -13.61 -7.38 -14.52
N ILE B 55 -14.54 -6.95 -13.68
CA ILE B 55 -14.22 -6.14 -12.52
C ILE B 55 -13.50 -6.95 -11.45
N HIS B 56 -13.99 -8.17 -11.22
CA HIS B 56 -13.28 -9.06 -10.31
C HIS B 56 -11.80 -9.16 -10.72
N VAL B 57 -11.57 -9.19 -12.02
CA VAL B 57 -10.22 -9.35 -12.54
C VAL B 57 -9.39 -8.08 -12.32
N ALA B 58 -9.95 -6.94 -12.69
CA ALA B 58 -9.27 -5.66 -12.52
C ALA B 58 -8.91 -5.38 -11.06
N VAL B 59 -9.78 -5.80 -10.15
CA VAL B 59 -9.54 -5.65 -8.71
C VAL B 59 -8.48 -6.60 -8.22
N GLU B 60 -8.54 -7.84 -8.67
CA GLU B 60 -7.60 -8.87 -8.25
C GLU B 60 -6.17 -8.59 -8.71
N LEU B 61 -6.03 -8.08 -9.93
CA LEU B 61 -4.71 -7.78 -10.48
C LEU B 61 -4.11 -6.54 -9.83
N GLY B 62 -4.98 -5.61 -9.44
CA GLY B 62 -4.58 -4.44 -8.71
C GLY B 62 -4.56 -3.19 -9.57
N VAL B 63 -5.26 -3.25 -10.69
CA VAL B 63 -5.21 -2.16 -11.67
C VAL B 63 -5.60 -0.78 -11.12
N PRO B 64 -6.73 -0.66 -10.40
CA PRO B 64 -7.19 0.66 -9.97
C PRO B 64 -6.17 1.45 -9.11
N GLU B 65 -5.48 0.77 -8.21
CA GLU B 65 -4.53 1.47 -7.35
C GLU B 65 -3.28 1.82 -8.12
N LEU B 66 -3.12 1.22 -9.30
CA LEU B 66 -2.03 1.58 -10.21
C LEU B 66 -2.46 2.70 -11.13
N LEU B 67 -3.52 3.41 -10.77
CA LEU B 67 -4.03 4.47 -11.62
C LEU B 67 -4.31 5.76 -10.87
N GLN B 68 -4.21 5.70 -9.55
CA GLN B 68 -4.41 6.88 -8.72
C GLN B 68 -3.52 8.07 -9.13
N GLU B 69 -2.27 7.79 -9.51
CA GLU B 69 -1.29 8.84 -9.81
C GLU B 69 -1.46 9.51 -11.16
N GLY B 70 -2.47 9.10 -11.92
CA GLY B 70 -2.72 9.66 -13.24
C GLY B 70 -2.70 8.59 -14.31
N PRO B 71 -3.11 8.96 -15.53
CA PRO B 71 -3.25 8.03 -16.66
C PRO B 71 -1.96 7.26 -16.97
N ARG B 72 -2.10 5.96 -17.20
CA ARG B 72 -0.98 5.13 -17.62
C ARG B 72 -1.40 4.26 -18.80
N THR B 73 -0.44 3.82 -19.59
CA THR B 73 -0.72 3.00 -20.76
C THR B 73 -1.04 1.58 -20.33
N ALA B 74 -1.61 0.80 -21.25
CA ALA B 74 -1.96 -0.58 -20.95
C ALA B 74 -0.70 -1.39 -20.83
N THR B 75 0.30 -1.06 -21.64
CA THR B 75 1.57 -1.77 -21.60
C THR B 75 2.20 -1.66 -20.21
N ALA B 76 2.25 -0.44 -19.69
CA ALA B 76 2.77 -0.20 -18.34
C ALA B 76 1.95 -0.94 -17.29
N LEU B 77 0.62 -0.83 -17.38
CA LEU B 77 -0.25 -1.50 -16.41
C LEU B 77 -0.03 -3.01 -16.41
N ALA B 78 0.17 -3.57 -17.60
CA ALA B 78 0.35 -5.01 -17.74
C ALA B 78 1.63 -5.45 -17.09
N GLU B 79 2.68 -4.69 -17.34
CA GLU B 79 4.01 -5.02 -16.82
C GLU B 79 3.98 -4.92 -15.31
N ALA B 80 3.31 -3.89 -14.80
CA ALA B 80 3.15 -3.70 -13.36
C ALA B 80 2.38 -4.83 -12.66
N THR B 81 1.42 -5.45 -13.35
CA THR B 81 0.52 -6.42 -12.71
C THR B 81 0.80 -7.91 -13.00
N GLY B 82 1.57 -8.19 -14.03
CA GLY B 82 1.79 -9.57 -14.43
C GLY B 82 0.80 -9.99 -15.50
N ALA B 83 -0.07 -9.07 -15.89
CA ALA B 83 -1.05 -9.37 -16.93
C ALA B 83 -0.36 -9.55 -18.27
N HIS B 84 -0.95 -10.40 -19.10
CA HIS B 84 -0.52 -10.53 -20.49
C HIS B 84 -1.00 -9.27 -21.20
N GLU B 85 -0.08 -8.57 -21.85
CA GLU B 85 -0.34 -7.21 -22.31
C GLU B 85 -1.51 -7.08 -23.29
N GLN B 86 -1.54 -7.93 -24.31
CA GLN B 86 -2.61 -7.85 -25.30
C GLN B 86 -3.96 -8.06 -24.60
N THR B 87 -4.00 -8.97 -23.65
CA THR B 87 -5.26 -9.35 -23.06
C THR B 87 -5.72 -8.30 -22.05
N LEU B 88 -4.77 -7.70 -21.33
CA LEU B 88 -5.11 -6.65 -20.37
C LEU B 88 -5.71 -5.47 -21.09
N ARG B 89 -5.15 -5.15 -22.26
CA ARG B 89 -5.67 -4.07 -23.08
C ARG B 89 -7.13 -4.33 -23.49
N ARG B 90 -7.42 -5.54 -23.96
CA ARG B 90 -8.80 -5.93 -24.24
C ARG B 90 -9.70 -5.72 -23.01
N LEU B 91 -9.26 -6.18 -21.84
CA LEU B 91 -10.07 -6.07 -20.64
C LEU B 91 -10.41 -4.63 -20.30
N LEU B 92 -9.43 -3.75 -20.42
CA LEU B 92 -9.62 -2.35 -20.06
C LEU B 92 -10.46 -1.61 -21.08
N ARG B 93 -10.22 -1.90 -22.35
CA ARG B 93 -11.02 -1.32 -23.41
C ARG B 93 -12.51 -1.63 -23.19
N LEU B 94 -12.81 -2.90 -22.90
CA LEU B 94 -14.19 -3.32 -22.68
C LEU B 94 -14.79 -2.59 -21.49
N LEU B 95 -14.05 -2.60 -20.37
CA LEU B 95 -14.55 -1.99 -19.15
C LEU B 95 -14.86 -0.53 -19.40
N ALA B 96 -13.97 0.13 -20.14
CA ALA B 96 -14.13 1.54 -20.47
C ALA B 96 -15.40 1.80 -21.29
N THR B 97 -15.64 1.01 -22.33
CA THR B 97 -16.85 1.17 -23.11
C THR B 97 -18.12 1.11 -22.23
N VAL B 98 -18.05 0.42 -21.10
CA VAL B 98 -19.19 0.37 -20.18
C VAL B 98 -18.98 1.21 -18.90
N GLY B 99 -18.04 2.15 -18.94
CA GLY B 99 -17.93 3.15 -17.89
C GLY B 99 -17.05 2.88 -16.67
N VAL B 100 -16.44 1.70 -16.61
CA VAL B 100 -15.47 1.44 -15.56
C VAL B 100 -14.07 1.71 -16.12
N PHE B 101 -13.34 2.63 -15.48
CA PHE B 101 -12.16 3.29 -16.08
C PHE B 101 -12.58 4.15 -17.24
N ASP B 102 -11.75 5.15 -17.55
CA ASP B 102 -11.96 5.93 -18.76
C ASP B 102 -10.84 5.60 -19.71
N ASP B 103 -11.14 5.55 -21.01
CA ASP B 103 -10.16 5.29 -22.05
C ASP B 103 -9.93 6.57 -22.85
N LEU B 104 -8.70 7.08 -22.80
CA LEU B 104 -8.41 8.41 -23.32
C LEU B 104 -8.42 8.48 -24.84
N GLY B 105 -8.25 7.35 -25.50
CA GLY B 105 -8.36 7.30 -26.95
C GLY B 105 -7.08 7.62 -27.69
N HIS B 106 -6.01 7.83 -26.95
CA HIS B 106 -4.70 8.15 -27.52
C HIS B 106 -3.58 7.52 -26.70
N ASP B 107 -2.50 7.17 -27.38
CA ASP B 107 -1.27 6.67 -26.75
C ASP B 107 -1.52 5.55 -25.75
N ASP B 108 -2.64 4.83 -25.93
CA ASP B 108 -2.88 3.62 -25.17
C ASP B 108 -3.11 3.92 -23.70
N LEU B 109 -3.58 5.14 -23.41
CA LEU B 109 -3.74 5.58 -22.02
C LEU B 109 -5.11 5.22 -21.40
N PHE B 110 -5.08 4.87 -20.13
CA PHE B 110 -6.29 4.56 -19.38
C PHE B 110 -6.29 5.33 -18.06
N ALA B 111 -7.41 5.97 -17.74
CA ALA B 111 -7.51 6.82 -16.56
C ALA B 111 -8.53 6.32 -15.53
N GLN B 112 -8.19 6.44 -14.24
CA GLN B 112 -9.17 6.26 -13.18
C GLN B 112 -10.43 7.05 -13.51
N ASN B 113 -11.58 6.52 -13.13
CA ASN B 113 -12.78 7.33 -13.08
C ASN B 113 -13.60 7.08 -11.82
N ALA B 114 -14.75 7.75 -11.74
CA ALA B 114 -15.61 7.64 -10.57
C ALA B 114 -15.84 6.17 -10.15
N LEU B 115 -16.31 5.35 -11.08
CA LEU B 115 -16.64 3.95 -10.81
C LEU B 115 -15.45 3.09 -10.45
N SER B 116 -14.35 3.24 -11.17
CA SER B 116 -13.17 2.43 -10.90
C SER B 116 -12.58 2.75 -9.53
N ALA B 117 -12.60 4.03 -9.15
CA ALA B 117 -12.00 4.44 -7.89
C ALA B 117 -12.68 3.81 -6.68
N VAL B 118 -13.94 3.43 -6.86
CA VAL B 118 -14.69 2.76 -5.80
C VAL B 118 -14.03 1.42 -5.46
N LEU B 119 -13.29 0.87 -6.44
CA LEU B 119 -12.68 -0.45 -6.32
C LEU B 119 -11.32 -0.42 -5.60
N LEU B 120 -10.89 0.77 -5.19
CA LEU B 120 -9.64 0.91 -4.44
C LEU B 120 -9.71 0.10 -3.14
N PRO B 121 -8.64 -0.68 -2.86
CA PRO B 121 -8.61 -1.68 -1.78
C PRO B 121 -8.68 -1.08 -0.39
N ASP B 122 -9.82 -0.50 -0.03
CA ASP B 122 -10.03 0.01 1.32
C ASP B 122 -10.78 -1.03 2.14
N PRO B 123 -10.17 -1.51 3.24
CA PRO B 123 -10.76 -2.55 4.11
C PRO B 123 -12.02 -2.07 4.84
N ALA B 124 -12.33 -0.78 4.74
CA ALA B 124 -13.50 -0.24 5.43
C ALA B 124 -14.67 -0.04 4.46
N SER B 125 -14.40 -0.20 3.17
CA SER B 125 -15.45 -0.11 2.15
C SER B 125 -16.07 -1.48 1.87
N PRO B 126 -17.39 -1.58 2.04
CA PRO B 126 -18.06 -2.85 1.77
C PRO B 126 -17.98 -3.21 0.28
N VAL B 127 -18.19 -2.24 -0.60
CA VAL B 127 -18.21 -2.55 -2.03
C VAL B 127 -16.87 -3.13 -2.52
N ALA B 128 -15.77 -2.58 -2.03
CA ALA B 128 -14.43 -3.00 -2.43
C ALA B 128 -13.99 -4.31 -1.79
N THR B 129 -14.29 -4.49 -0.51
CA THR B 129 -14.01 -5.78 0.13
C THR B 129 -14.89 -6.87 -0.50
N ASP B 130 -16.14 -6.52 -0.82
CA ASP B 130 -17.06 -7.49 -1.40
C ASP B 130 -16.64 -7.90 -2.80
N ALA B 131 -16.26 -6.92 -3.63
CA ALA B 131 -15.81 -7.20 -4.99
C ALA B 131 -14.61 -8.15 -5.00
N ARG B 132 -13.77 -8.06 -3.96
CA ARG B 132 -12.60 -8.94 -3.84
C ARG B 132 -13.01 -10.32 -3.35
N PHE B 133 -13.92 -10.35 -2.39
CA PHE B 133 -14.52 -11.58 -1.90
C PHE B 133 -15.19 -12.34 -3.07
N GLN B 134 -15.98 -11.62 -3.86
CA GLN B 134 -16.66 -12.22 -5.00
C GLN B 134 -15.67 -12.70 -6.07
N ALA B 135 -14.49 -12.08 -6.11
CA ALA B 135 -13.49 -12.44 -7.10
C ALA B 135 -12.89 -13.83 -6.88
N ALA B 136 -12.97 -14.32 -5.64
CA ALA B 136 -12.53 -15.68 -5.34
C ALA B 136 -13.30 -16.70 -6.20
N PRO B 137 -12.56 -17.65 -6.79
CA PRO B 137 -13.14 -18.63 -7.72
C PRO B 137 -14.24 -19.46 -7.06
N TRP B 138 -14.04 -19.85 -5.80
CA TRP B 138 -15.04 -20.65 -5.07
C TRP B 138 -16.33 -19.89 -4.84
N HIS B 139 -16.25 -18.57 -4.73
CA HIS B 139 -17.46 -17.73 -4.64
C HIS B 139 -18.27 -17.86 -5.95
N TRP B 140 -17.63 -17.48 -7.05
CA TRP B 140 -18.22 -17.54 -8.38
C TRP B 140 -18.79 -18.93 -8.63
N ARG B 141 -18.06 -19.94 -8.18
CA ARG B 141 -18.45 -21.32 -8.43
C ARG B 141 -19.76 -21.68 -7.70
N ALA B 142 -19.99 -21.11 -6.53
CA ALA B 142 -21.22 -21.40 -5.80
C ALA B 142 -22.42 -21.02 -6.68
N TRP B 143 -22.29 -19.89 -7.37
CA TRP B 143 -23.34 -19.39 -8.25
C TRP B 143 -23.52 -20.28 -9.45
N GLU B 144 -22.49 -21.05 -9.74
CA GLU B 144 -22.54 -21.98 -10.85
C GLU B 144 -23.74 -22.91 -10.66
N GLN B 145 -23.96 -23.34 -9.42
CA GLN B 145 -24.98 -24.34 -9.09
C GLN B 145 -26.27 -23.74 -8.55
N LEU B 146 -26.56 -22.50 -8.92
CA LEU B 146 -27.78 -21.84 -8.49
C LEU B 146 -29.01 -22.72 -8.77
N THR B 147 -28.99 -23.46 -9.89
CA THR B 147 -30.13 -24.29 -10.25
C THR B 147 -30.43 -25.29 -9.15
N HIS B 148 -29.37 -25.91 -8.61
CA HIS B 148 -29.52 -26.87 -7.52
C HIS B 148 -30.25 -26.25 -6.32
N SER B 149 -29.88 -25.03 -5.95
CA SER B 149 -30.52 -24.32 -4.84
C SER B 149 -32.00 -24.07 -5.09
N VAL B 150 -32.35 -23.68 -6.31
CA VAL B 150 -33.73 -23.40 -6.65
C VAL B 150 -34.54 -24.71 -6.70
N ARG B 151 -33.87 -25.80 -7.02
CA ARG B 151 -34.53 -27.10 -7.07
C ARG B 151 -34.72 -27.72 -5.69
N THR B 152 -33.85 -27.41 -4.74
CA THR B 152 -33.87 -28.12 -3.46
C THR B 152 -34.08 -27.21 -2.24
N GLY B 153 -33.85 -25.91 -2.38
CA GLY B 153 -33.91 -25.02 -1.24
C GLY B 153 -32.65 -25.06 -0.39
N GLU B 154 -31.65 -25.82 -0.84
CA GLU B 154 -30.39 -26.01 -0.13
C GLU B 154 -29.27 -25.13 -0.69
N ALA B 155 -28.15 -25.11 0.02
CA ALA B 155 -27.01 -24.33 -0.42
C ALA B 155 -26.38 -24.99 -1.64
N SER B 156 -25.86 -24.19 -2.56
CA SER B 156 -25.17 -24.69 -3.73
C SER B 156 -23.64 -24.65 -3.56
N PHE B 157 -23.18 -24.03 -2.48
CA PHE B 157 -21.74 -23.88 -2.27
C PHE B 157 -21.09 -25.25 -2.09
N ASP B 158 -21.82 -26.15 -1.46
CA ASP B 158 -21.32 -27.47 -1.11
C ASP B 158 -21.19 -28.36 -2.34
N VAL B 159 -22.26 -28.41 -3.15
CA VAL B 159 -22.25 -29.13 -4.41
C VAL B 159 -21.06 -28.69 -5.28
N ALA B 160 -20.89 -27.39 -5.41
CA ALA B 160 -19.90 -26.82 -6.34
C ALA B 160 -18.45 -26.97 -5.86
N ASN B 161 -18.23 -26.76 -4.56
CA ASN B 161 -16.88 -26.68 -4.03
C ASN B 161 -16.35 -27.91 -3.30
N GLY B 162 -17.21 -28.89 -3.08
CA GLY B 162 -16.81 -30.12 -2.41
C GLY B 162 -16.81 -30.00 -0.90
N THR B 163 -16.88 -28.75 -0.42
CA THR B 163 -16.97 -28.48 1.01
C THR B 163 -18.05 -27.44 1.29
N SER B 164 -18.40 -27.29 2.57
CA SER B 164 -19.30 -26.22 2.98
C SER B 164 -18.52 -24.92 3.09
N PHE B 165 -19.25 -23.81 3.13
CA PHE B 165 -18.67 -22.49 3.26
C PHE B 165 -17.96 -22.36 4.61
N TRP B 166 -18.63 -22.79 5.66
CA TRP B 166 -18.05 -22.71 7.01
C TRP B 166 -16.82 -23.59 7.15
N GLN B 167 -16.83 -24.76 6.53
CA GLN B 167 -15.68 -25.64 6.54
C GLN B 167 -14.49 -25.03 5.81
N LEU B 168 -14.76 -24.39 4.66
CA LEU B 168 -13.71 -23.74 3.89
C LEU B 168 -13.11 -22.55 4.64
N THR B 169 -13.96 -21.71 5.23
CA THR B 169 -13.47 -20.53 5.93
C THR B 169 -12.78 -20.92 7.23
N HIS B 170 -12.87 -22.20 7.59
CA HIS B 170 -12.23 -22.72 8.80
C HIS B 170 -10.80 -23.16 8.49
N GLU B 171 -10.63 -23.93 7.42
CA GLU B 171 -9.36 -24.53 7.07
C GLU B 171 -8.47 -23.56 6.34
N ASP B 172 -9.04 -22.79 5.42
CA ASP B 172 -8.27 -21.86 4.62
C ASP B 172 -8.34 -20.42 5.14
N PRO B 173 -7.20 -19.92 5.66
CA PRO B 173 -7.01 -18.56 6.17
C PRO B 173 -7.31 -17.46 5.15
N LYS B 174 -6.88 -17.64 3.90
CA LYS B 174 -7.15 -16.64 2.85
C LYS B 174 -8.64 -16.53 2.55
N ALA B 175 -9.30 -17.68 2.42
CA ALA B 175 -10.75 -17.72 2.21
C ALA B 175 -11.47 -17.04 3.37
N ARG B 176 -11.01 -17.31 4.58
CA ARG B 176 -11.61 -16.74 5.79
C ARG B 176 -11.33 -15.25 5.84
N GLU B 177 -10.13 -14.87 5.40
CA GLU B 177 -9.71 -13.48 5.36
C GLU B 177 -10.53 -12.66 4.37
N LEU B 178 -10.75 -13.20 3.18
CA LEU B 178 -11.62 -12.54 2.20
C LEU B 178 -13.02 -12.34 2.77
N PHE B 179 -13.57 -13.39 3.37
CA PHE B 179 -14.90 -13.28 3.94
C PHE B 179 -14.92 -12.27 5.09
N ASN B 180 -14.08 -12.48 6.09
CA ASN B 180 -14.06 -11.61 7.27
C ASN B 180 -13.79 -10.14 6.93
N ARG B 181 -13.11 -9.87 5.82
CA ARG B 181 -12.91 -8.48 5.39
C ARG B 181 -14.16 -7.89 4.75
N ALA B 182 -14.83 -8.68 3.92
CA ALA B 182 -16.08 -8.25 3.28
C ALA B 182 -17.19 -8.07 4.32
N MSE B 183 -17.25 -8.98 5.29
CA MSE B 183 -18.18 -8.84 6.41
C MSE B 183 -17.69 -7.78 7.41
O MSE B 183 -18.43 -6.86 7.78
CB MSE B 183 -18.39 -10.20 7.10
CG MSE B 183 -19.35 -10.16 8.28
SE MSE B 183 -21.22 -10.19 7.72
CE MSE B 183 -21.92 -8.83 8.94
N GLY B 184 -16.43 -7.89 7.85
CA GLY B 184 -15.87 -6.95 8.81
C GLY B 184 -16.05 -5.49 8.43
N SER B 185 -16.06 -5.21 7.14
CA SER B 185 -16.22 -3.83 6.66
C SER B 185 -17.66 -3.37 6.85
N VAL B 186 -18.59 -4.30 6.74
CA VAL B 186 -19.99 -4.00 7.00
C VAL B 186 -20.22 -3.79 8.49
N SER B 187 -19.58 -4.61 9.31
CA SER B 187 -19.81 -4.56 10.75
C SER B 187 -19.24 -3.31 11.42
N LEU B 188 -18.18 -2.74 10.85
CA LEU B 188 -17.58 -1.55 11.46
C LEU B 188 -18.58 -0.39 11.59
N THR B 189 -19.40 -0.18 10.56
CA THR B 189 -20.44 0.85 10.63
C THR B 189 -21.56 0.45 11.59
N GLU B 190 -22.07 -0.76 11.44
CA GLU B 190 -23.20 -1.23 12.23
C GLU B 190 -22.91 -1.23 13.73
N ALA B 191 -21.69 -1.56 14.10
CA ALA B 191 -21.30 -1.63 15.51
C ALA B 191 -21.76 -0.41 16.31
N GLY B 192 -21.30 0.76 15.88
CA GLY B 192 -21.65 2.01 16.52
C GLY B 192 -23.13 2.32 16.48
N GLN B 193 -23.77 2.07 15.33
CA GLN B 193 -25.20 2.32 15.21
C GLN B 193 -25.99 1.55 16.27
N VAL B 194 -25.54 0.33 16.57
CA VAL B 194 -26.24 -0.52 17.52
C VAL B 194 -26.02 -0.10 18.98
N ALA B 195 -24.76 0.21 19.31
CA ALA B 195 -24.41 0.61 20.68
C ALA B 195 -25.13 1.91 21.00
N ALA B 196 -25.32 2.74 19.97
CA ALA B 196 -26.06 4.00 20.09
C ALA B 196 -27.57 3.87 19.87
N ALA B 197 -28.04 2.65 19.59
CA ALA B 197 -29.45 2.44 19.27
C ALA B 197 -30.26 1.93 20.46
N TYR B 198 -29.65 1.04 21.25
CA TYR B 198 -30.31 0.39 22.38
C TYR B 198 -29.58 0.81 23.66
N ASP B 199 -30.32 0.90 24.77
CA ASP B 199 -29.75 1.37 26.03
C ASP B 199 -29.37 0.22 26.95
N PHE B 200 -28.06 -0.05 27.07
CA PHE B 200 -27.55 -1.15 27.89
C PHE B 200 -27.29 -0.77 29.35
N SER B 201 -27.71 0.43 29.76
CA SER B 201 -27.32 0.96 31.06
C SER B 201 -27.60 0.04 32.24
N GLY B 202 -28.60 -0.83 32.10
CA GLY B 202 -28.99 -1.72 33.20
C GLY B 202 -28.20 -3.01 33.27
N ALA B 203 -27.49 -3.33 32.19
CA ALA B 203 -26.85 -4.65 32.04
C ALA B 203 -25.45 -4.76 32.63
N ALA B 204 -25.22 -5.82 33.39
CA ALA B 204 -23.89 -6.12 33.92
C ALA B 204 -23.07 -6.96 32.93
N THR B 205 -23.77 -7.83 32.18
CA THR B 205 -23.08 -8.79 31.32
C THR B 205 -23.73 -8.94 29.94
N ALA B 206 -22.92 -9.27 28.94
CA ALA B 206 -23.40 -9.35 27.58
C ALA B 206 -22.71 -10.48 26.82
N VAL B 207 -23.45 -11.13 25.93
CA VAL B 207 -22.90 -12.17 25.09
C VAL B 207 -23.22 -11.95 23.62
N ASP B 208 -22.19 -11.87 22.79
CA ASP B 208 -22.38 -11.80 21.34
C ASP B 208 -22.16 -13.18 20.73
N ILE B 209 -23.20 -13.72 20.10
CA ILE B 209 -23.17 -15.06 19.57
C ILE B 209 -22.72 -14.99 18.13
N GLY B 210 -21.59 -15.60 17.82
CA GLY B 210 -21.03 -15.48 16.49
C GLY B 210 -20.71 -14.02 16.24
N GLY B 211 -20.03 -13.41 17.22
CA GLY B 211 -19.71 -12.00 17.18
C GLY B 211 -18.64 -11.62 16.18
N GLY B 212 -18.18 -12.61 15.42
CA GLY B 212 -17.18 -12.38 14.40
C GLY B 212 -15.88 -11.86 15.00
N ARG B 213 -15.40 -10.75 14.45
CA ARG B 213 -14.13 -10.18 14.89
C ARG B 213 -14.29 -9.29 16.12
N GLY B 214 -15.53 -9.17 16.62
CA GLY B 214 -15.81 -8.52 17.88
C GLY B 214 -16.14 -7.04 17.78
N SER B 215 -16.32 -6.57 16.56
CA SER B 215 -16.52 -5.14 16.29
C SER B 215 -17.67 -4.58 17.10
N LEU B 216 -18.80 -5.30 17.07
CA LEU B 216 -19.96 -4.93 17.86
C LEU B 216 -19.75 -5.02 19.38
N MSE B 217 -19.15 -6.11 19.85
CA MSE B 217 -18.83 -6.22 21.27
C MSE B 217 -18.02 -5.00 21.73
O MSE B 217 -18.33 -4.39 22.75
CB MSE B 217 -18.05 -7.51 21.53
CG MSE B 217 -17.72 -7.72 22.98
SE MSE B 217 -19.34 -7.76 24.06
CE MSE B 217 -19.81 -9.62 23.76
N ALA B 218 -16.99 -4.66 20.96
CA ALA B 218 -16.09 -3.56 21.33
C ALA B 218 -16.83 -2.24 21.39
N ALA B 219 -17.65 -1.98 20.38
CA ALA B 219 -18.42 -0.75 20.30
C ALA B 219 -19.36 -0.62 21.48
N VAL B 220 -19.95 -1.73 21.91
CA VAL B 220 -20.89 -1.72 23.02
C VAL B 220 -20.17 -1.54 24.36
N LEU B 221 -19.06 -2.25 24.55
CA LEU B 221 -18.30 -2.11 25.79
C LEU B 221 -17.79 -0.68 25.95
N ASP B 222 -17.37 -0.07 24.85
CA ASP B 222 -16.90 1.32 24.86
C ASP B 222 -17.98 2.26 25.37
N ALA B 223 -19.18 2.10 24.80
CA ALA B 223 -20.33 2.92 25.16
C ALA B 223 -20.87 2.64 26.57
N PHE B 224 -20.61 1.45 27.10
CA PHE B 224 -21.11 1.10 28.42
C PHE B 224 -20.01 0.57 29.36
N PRO B 225 -19.41 1.48 30.14
CA PRO B 225 -18.23 1.21 30.98
C PRO B 225 -18.37 0.06 32.00
N GLY B 226 -19.51 -0.09 32.65
CA GLY B 226 -19.65 -1.14 33.65
C GLY B 226 -19.89 -2.55 33.10
N LEU B 227 -20.14 -2.64 31.80
CA LEU B 227 -20.50 -3.89 31.14
C LEU B 227 -19.30 -4.84 30.94
N ARG B 228 -19.50 -6.11 31.28
CA ARG B 228 -18.54 -7.17 30.98
C ARG B 228 -19.10 -8.07 29.88
N GLY B 229 -18.35 -8.23 28.81
CA GLY B 229 -18.81 -8.99 27.67
C GLY B 229 -18.32 -10.42 27.66
N THR B 230 -18.84 -11.19 26.71
CA THR B 230 -18.35 -12.51 26.34
C THR B 230 -18.64 -12.66 24.84
N LEU B 231 -17.62 -13.04 24.06
CA LEU B 231 -17.84 -13.21 22.63
C LEU B 231 -17.68 -14.68 22.28
N LEU B 232 -18.76 -15.30 21.81
CA LEU B 232 -18.73 -16.67 21.33
C LEU B 232 -18.54 -16.74 19.80
N GLU B 233 -17.50 -17.45 19.37
CA GLU B 233 -17.22 -17.64 17.95
C GLU B 233 -16.52 -18.98 17.73
N ARG B 234 -16.41 -19.38 16.47
CA ARG B 234 -15.59 -20.53 16.09
C ARG B 234 -14.14 -20.24 16.46
N PRO B 235 -13.40 -21.27 16.90
CA PRO B 235 -12.03 -21.12 17.45
C PRO B 235 -11.09 -20.28 16.58
N PRO B 236 -11.02 -20.56 15.26
CA PRO B 236 -10.15 -19.76 14.40
C PRO B 236 -10.56 -18.28 14.41
N VAL B 237 -11.85 -18.01 14.57
CA VAL B 237 -12.33 -16.64 14.53
C VAL B 237 -12.31 -15.99 15.92
N ALA B 238 -12.37 -16.80 16.98
CA ALA B 238 -12.28 -16.27 18.33
C ALA B 238 -10.95 -15.54 18.51
N GLU B 239 -9.87 -16.21 18.14
CA GLU B 239 -8.53 -15.63 18.26
C GLU B 239 -8.41 -14.30 17.53
N GLU B 240 -9.14 -14.14 16.43
CA GLU B 240 -9.13 -12.88 15.68
C GLU B 240 -9.87 -11.78 16.43
N ALA B 241 -10.96 -12.16 17.09
CA ALA B 241 -11.69 -11.22 17.92
C ALA B 241 -10.87 -10.83 19.15
N ARG B 242 -10.12 -11.77 19.70
CA ARG B 242 -9.26 -11.47 20.83
C ARG B 242 -8.33 -10.33 20.45
N GLU B 243 -7.53 -10.59 19.43
CA GLU B 243 -6.65 -9.60 18.82
C GLU B 243 -7.33 -8.23 18.71
N LEU B 244 -8.48 -8.16 18.05
CA LEU B 244 -9.18 -6.87 17.90
C LEU B 244 -9.63 -6.24 19.22
N LEU B 245 -10.16 -7.05 20.13
CA LEU B 245 -10.56 -6.53 21.45
C LEU B 245 -9.35 -6.07 22.28
N THR B 246 -8.26 -6.82 22.23
CA THR B 246 -7.06 -6.42 22.96
C THR B 246 -6.54 -5.10 22.41
N GLY B 247 -6.51 -4.98 21.08
CA GLY B 247 -6.11 -3.73 20.45
C GLY B 247 -6.94 -2.55 20.90
N ARG B 248 -8.16 -2.83 21.36
CA ARG B 248 -9.10 -1.79 21.75
C ARG B 248 -9.02 -1.57 23.26
N GLY B 249 -8.08 -2.27 23.90
CA GLY B 249 -7.89 -2.16 25.33
C GLY B 249 -9.08 -2.59 26.15
N LEU B 250 -9.79 -3.62 25.66
CA LEU B 250 -10.96 -4.18 26.33
C LEU B 250 -10.73 -5.61 26.80
N ALA B 251 -9.50 -6.10 26.57
CA ALA B 251 -9.16 -7.50 26.84
C ALA B 251 -9.38 -7.96 28.29
N ASP B 252 -9.63 -7.01 29.20
CA ASP B 252 -9.94 -7.39 30.57
C ASP B 252 -11.43 -7.25 30.91
N ARG B 253 -12.24 -6.84 29.92
CA ARG B 253 -13.66 -6.61 30.13
C ARG B 253 -14.51 -7.54 29.27
N CYS B 254 -13.87 -8.51 28.63
CA CYS B 254 -14.57 -9.38 27.70
C CYS B 254 -13.84 -10.70 27.57
N GLU B 255 -14.51 -11.79 27.94
CA GLU B 255 -13.97 -13.12 27.73
C GLU B 255 -14.08 -13.55 26.28
N ILE B 256 -13.05 -14.24 25.79
CA ILE B 256 -13.14 -14.87 24.49
C ILE B 256 -13.47 -16.34 24.73
N LEU B 257 -14.47 -16.83 23.98
CA LEU B 257 -14.98 -18.18 24.16
C LEU B 257 -15.03 -18.91 22.81
N PRO B 258 -13.97 -19.69 22.52
CA PRO B 258 -13.98 -20.55 21.33
C PRO B 258 -15.09 -21.55 21.51
N GLY B 259 -16.02 -21.62 20.56
CA GLY B 259 -17.13 -22.55 20.70
C GLY B 259 -18.01 -22.67 19.47
N ASP B 260 -19.17 -23.28 19.68
CA ASP B 260 -20.14 -23.55 18.63
C ASP B 260 -21.51 -23.26 19.24
N PHE B 261 -22.21 -22.27 18.70
CA PHE B 261 -23.49 -21.88 19.29
C PHE B 261 -24.61 -22.93 19.14
N PHE B 262 -24.26 -24.10 18.62
CA PHE B 262 -25.20 -25.21 18.52
C PHE B 262 -25.10 -26.15 19.73
N GLU B 263 -23.96 -26.14 20.41
CA GLU B 263 -23.77 -26.94 21.62
C GLU B 263 -23.80 -26.10 22.89
N THR B 264 -23.00 -25.03 22.95
CA THR B 264 -22.94 -24.22 24.15
C THR B 264 -23.18 -22.72 23.95
N ILE B 265 -24.10 -22.19 24.75
CA ILE B 265 -24.34 -20.75 24.89
C ILE B 265 -24.17 -20.41 26.36
N PRO B 266 -23.30 -19.43 26.67
CA PRO B 266 -23.01 -19.08 28.08
C PRO B 266 -24.27 -18.55 28.79
N ASP B 267 -24.68 -19.17 29.90
CA ASP B 267 -25.92 -18.72 30.52
C ASP B 267 -25.72 -17.69 31.63
N GLY B 268 -26.75 -16.89 31.88
CA GLY B 268 -26.75 -15.94 32.98
C GLY B 268 -26.68 -14.47 32.58
N ALA B 269 -26.29 -14.23 31.32
CA ALA B 269 -26.09 -12.86 30.85
C ALA B 269 -27.38 -12.04 30.88
N ASP B 270 -27.22 -10.73 31.04
CA ASP B 270 -28.37 -9.84 31.07
C ASP B 270 -28.82 -9.55 29.65
N VAL B 271 -27.90 -9.66 28.69
CA VAL B 271 -28.22 -9.38 27.30
C VAL B 271 -27.45 -10.27 26.32
N TYR B 272 -28.19 -10.86 25.38
CA TYR B 272 -27.57 -11.65 24.33
C TYR B 272 -27.71 -10.96 22.97
N LEU B 273 -26.69 -11.09 22.13
CA LEU B 273 -26.70 -10.42 20.83
C LEU B 273 -26.37 -11.37 19.71
N ILE B 274 -27.19 -11.38 18.67
CA ILE B 274 -26.93 -12.18 17.48
C ILE B 274 -27.07 -11.33 16.18
N LYS B 275 -25.93 -10.87 15.66
CA LYS B 275 -25.96 -10.00 14.50
C LYS B 275 -25.59 -10.71 13.19
N HIS B 276 -26.48 -10.62 12.20
CA HIS B 276 -26.30 -11.26 10.91
C HIS B 276 -25.82 -12.69 11.03
N VAL B 277 -26.37 -13.43 11.98
CA VAL B 277 -26.08 -14.85 12.10
C VAL B 277 -27.26 -15.70 11.61
N LEU B 278 -28.46 -15.37 12.07
CA LEU B 278 -29.63 -16.21 11.81
C LEU B 278 -30.05 -16.27 10.33
N HIS B 279 -29.86 -15.17 9.60
CA HIS B 279 -30.16 -15.24 8.18
C HIS B 279 -29.26 -16.26 7.46
N ASP B 280 -28.28 -16.80 8.19
CA ASP B 280 -27.40 -17.84 7.64
C ASP B 280 -28.00 -19.26 7.68
N TRP B 281 -29.06 -19.44 8.46
CA TRP B 281 -29.55 -20.79 8.73
C TRP B 281 -30.99 -21.05 8.29
N ASP B 282 -31.34 -22.32 8.06
CA ASP B 282 -32.71 -22.67 7.69
C ASP B 282 -33.63 -22.51 8.91
N ASP B 283 -34.93 -22.65 8.69
CA ASP B 283 -35.91 -22.47 9.76
C ASP B 283 -35.62 -23.34 10.99
N ASP B 284 -35.23 -24.60 10.76
CA ASP B 284 -34.97 -25.54 11.85
C ASP B 284 -33.60 -25.33 12.53
N ASP B 285 -32.58 -25.00 11.75
CA ASP B 285 -31.28 -24.68 12.32
C ASP B 285 -31.39 -23.42 13.18
N VAL B 286 -32.19 -22.46 12.72
CA VAL B 286 -32.49 -21.26 13.50
C VAL B 286 -33.14 -21.61 14.83
N VAL B 287 -34.09 -22.55 14.82
CA VAL B 287 -34.77 -22.91 16.05
C VAL B 287 -33.83 -23.57 17.07
N ARG B 288 -32.96 -24.47 16.60
N ARG B 288 -32.94 -24.46 16.61
CA ARG B 288 -31.97 -25.10 17.47
CA ARG B 288 -32.00 -25.10 17.52
C ARG B 288 -31.18 -24.04 18.22
C ARG B 288 -31.16 -24.05 18.23
N ILE B 289 -30.84 -22.97 17.52
CA ILE B 289 -30.05 -21.86 18.10
C ILE B 289 -30.83 -21.02 19.12
N LEU B 290 -32.06 -20.63 18.76
CA LEU B 290 -32.92 -19.82 19.65
C LEU B 290 -33.32 -20.56 20.92
N ARG B 291 -33.58 -21.86 20.80
CA ARG B 291 -33.93 -22.65 21.97
C ARG B 291 -32.76 -22.71 22.95
N ARG B 292 -31.55 -22.85 22.43
CA ARG B 292 -30.40 -22.93 23.32
C ARG B 292 -30.19 -21.59 24.01
N ILE B 293 -30.21 -20.51 23.24
CA ILE B 293 -30.17 -19.17 23.82
C ILE B 293 -31.27 -19.05 24.87
N ALA B 294 -32.48 -19.50 24.51
CA ALA B 294 -33.62 -19.52 25.42
C ALA B 294 -33.31 -20.17 26.77
N THR B 295 -32.82 -21.41 26.75
CA THR B 295 -32.48 -22.10 28.00
C THR B 295 -31.47 -21.27 28.80
N ALA B 296 -30.64 -20.51 28.11
CA ALA B 296 -29.58 -19.76 28.78
C ALA B 296 -30.07 -18.46 29.42
N MSE B 297 -31.26 -18.00 29.05
CA MSE B 297 -31.76 -16.71 29.52
C MSE B 297 -32.38 -16.73 30.91
O MSE B 297 -32.97 -17.71 31.33
CB MSE B 297 -32.75 -16.11 28.51
CG MSE B 297 -32.05 -15.50 27.31
SE MSE B 297 -33.23 -15.14 25.81
CE MSE B 297 -33.83 -13.34 26.28
N LYS B 298 -32.23 -15.61 31.62
CA LYS B 298 -32.89 -15.40 32.90
C LYS B 298 -34.22 -14.71 32.59
N PRO B 299 -35.07 -14.54 33.62
CA PRO B 299 -36.42 -14.02 33.34
C PRO B 299 -36.38 -12.59 32.85
N ASP B 300 -35.47 -11.78 33.42
CA ASP B 300 -35.31 -10.38 33.00
C ASP B 300 -34.24 -10.23 31.91
N SER B 301 -33.77 -11.35 31.38
CA SER B 301 -32.80 -11.30 30.30
C SER B 301 -33.43 -10.73 29.03
N ARG B 302 -32.60 -10.37 28.07
CA ARG B 302 -33.10 -9.90 26.80
C ARG B 302 -32.16 -10.31 25.68
N LEU B 303 -32.74 -10.80 24.59
CA LEU B 303 -31.97 -11.13 23.39
C LEU B 303 -32.18 -10.02 22.37
N LEU B 304 -31.11 -9.66 21.66
CA LEU B 304 -31.28 -8.75 20.53
C LEU B 304 -30.93 -9.46 19.24
N VAL B 305 -31.93 -9.65 18.38
CA VAL B 305 -31.65 -10.14 17.04
C VAL B 305 -31.46 -8.92 16.17
N ILE B 306 -30.28 -8.85 15.56
CA ILE B 306 -29.96 -7.71 14.73
C ILE B 306 -29.77 -8.23 13.32
N ASP B 307 -30.61 -7.80 12.39
CA ASP B 307 -30.51 -8.36 11.05
C ASP B 307 -31.27 -7.58 10.00
N ASN B 308 -31.11 -8.01 8.75
CA ASN B 308 -31.89 -7.48 7.63
C ASN B 308 -33.31 -7.99 7.68
N LEU B 309 -34.24 -7.15 8.13
CA LEU B 309 -35.63 -7.55 8.16
C LEU B 309 -36.38 -7.11 6.91
N ILE B 310 -36.76 -8.09 6.09
CA ILE B 310 -37.49 -7.82 4.85
C ILE B 310 -38.80 -7.08 5.13
N ASP B 311 -39.15 -6.15 4.24
CA ASP B 311 -40.37 -5.38 4.38
C ASP B 311 -41.27 -5.55 3.16
N GLU B 312 -42.31 -4.75 3.14
CA GLU B 312 -43.25 -4.79 2.07
C GLU B 312 -42.57 -4.21 0.84
N ARG B 313 -42.50 -5.00 -0.23
CA ARG B 313 -41.82 -4.58 -1.47
C ARG B 313 -40.35 -4.19 -1.31
N PRO B 314 -39.50 -5.18 -1.07
CA PRO B 314 -38.09 -4.93 -0.75
C PRO B 314 -37.24 -4.47 -1.90
N ALA B 315 -36.16 -3.77 -1.63
CA ALA B 315 -35.23 -3.35 -2.67
C ALA B 315 -34.70 -4.60 -3.38
N ALA B 316 -34.54 -4.49 -4.70
CA ALA B 316 -33.91 -5.54 -5.48
C ALA B 316 -32.61 -5.97 -4.81
N SER B 317 -31.81 -5.01 -4.34
CA SER B 317 -30.53 -5.34 -3.73
C SER B 317 -30.71 -6.16 -2.46
N THR B 318 -31.77 -5.88 -1.69
CA THR B 318 -32.08 -6.71 -0.52
C THR B 318 -32.36 -8.14 -0.97
N LEU B 319 -33.07 -8.28 -2.09
CA LEU B 319 -33.42 -9.62 -2.57
C LEU B 319 -32.21 -10.33 -3.18
N PHE B 320 -31.29 -9.57 -3.78
CA PHE B 320 -30.05 -10.16 -4.29
C PHE B 320 -29.18 -10.76 -3.18
N VAL B 321 -29.14 -10.09 -2.02
CA VAL B 321 -28.39 -10.60 -0.87
C VAL B 321 -29.07 -11.87 -0.34
N ASP B 322 -30.40 -11.87 -0.31
CA ASP B 322 -31.12 -13.06 0.14
C ASP B 322 -30.82 -14.23 -0.80
N LEU B 323 -30.60 -13.93 -2.08
CA LEU B 323 -30.30 -14.98 -3.04
C LEU B 323 -28.89 -15.50 -2.78
N LEU B 324 -27.99 -14.60 -2.41
CA LEU B 324 -26.64 -14.97 -2.00
C LEU B 324 -26.63 -15.88 -0.75
N LEU B 325 -27.49 -15.59 0.23
CA LEU B 325 -27.53 -16.42 1.45
C LEU B 325 -27.89 -17.85 1.11
N LEU B 326 -28.89 -18.00 0.25
CA LEU B 326 -29.27 -19.31 -0.27
C LEU B 326 -28.08 -20.01 -0.90
N VAL B 327 -27.47 -19.36 -1.89
CA VAL B 327 -26.31 -19.89 -2.60
C VAL B 327 -25.13 -20.28 -1.67
N LEU B 328 -24.64 -19.32 -0.88
CA LEU B 328 -23.50 -19.56 0.02
C LEU B 328 -23.77 -20.53 1.19
N VAL B 329 -24.78 -20.24 2.01
CA VAL B 329 -25.01 -20.99 3.26
C VAL B 329 -26.39 -21.64 3.38
N GLY B 330 -27.16 -21.60 2.29
CA GLY B 330 -28.51 -22.16 2.28
C GLY B 330 -29.43 -21.39 3.20
N GLY B 331 -29.17 -20.09 3.35
CA GLY B 331 -29.93 -19.28 4.28
C GLY B 331 -30.95 -18.43 3.55
N ALA B 332 -31.55 -17.49 4.29
CA ALA B 332 -32.56 -16.58 3.74
C ALA B 332 -32.76 -15.36 4.64
N GLU B 333 -33.12 -14.23 4.03
CA GLU B 333 -33.60 -13.08 4.78
C GLU B 333 -35.05 -13.34 5.21
N ARG B 334 -35.49 -12.68 6.28
CA ARG B 334 -36.82 -12.94 6.81
C ARG B 334 -37.58 -11.68 7.19
N SER B 335 -38.90 -11.79 7.20
CA SER B 335 -39.79 -10.74 7.71
C SER B 335 -39.71 -10.75 9.24
N GLU B 336 -40.35 -9.77 9.87
CA GLU B 336 -40.46 -9.79 11.33
C GLU B 336 -41.48 -10.83 11.78
N SER B 337 -42.44 -11.15 10.92
CA SER B 337 -43.45 -12.17 11.22
C SER B 337 -42.82 -13.58 11.22
N GLU B 338 -41.94 -13.81 10.27
CA GLU B 338 -41.29 -15.11 10.09
C GLU B 338 -40.30 -15.39 11.21
N PHE B 339 -39.68 -14.33 11.73
CA PHE B 339 -38.81 -14.46 12.90
C PHE B 339 -39.66 -14.70 14.16
N ALA B 340 -40.73 -13.93 14.29
CA ALA B 340 -41.67 -14.10 15.40
C ALA B 340 -42.11 -15.56 15.55
N ALA B 341 -42.58 -16.15 14.46
CA ALA B 341 -43.01 -17.55 14.48
C ALA B 341 -41.88 -18.46 14.96
N LEU B 342 -40.72 -18.33 14.31
CA LEU B 342 -39.56 -19.14 14.66
C LEU B 342 -39.19 -18.96 16.13
N LEU B 343 -39.40 -17.76 16.66
CA LEU B 343 -39.05 -17.44 18.04
C LEU B 343 -40.07 -18.08 18.99
N GLU B 344 -41.34 -17.99 18.62
CA GLU B 344 -42.40 -18.59 19.43
C GLU B 344 -42.23 -20.10 19.40
N LYS B 345 -41.73 -20.63 18.28
CA LYS B 345 -41.39 -22.05 18.17
C LYS B 345 -40.26 -22.43 19.11
N SER B 346 -39.53 -21.44 19.60
CA SER B 346 -38.45 -21.70 20.55
C SER B 346 -38.75 -21.10 21.92
N GLY B 347 -39.99 -20.63 22.09
CA GLY B 347 -40.45 -20.14 23.37
C GLY B 347 -39.88 -18.78 23.76
N LEU B 348 -39.89 -17.85 22.81
CA LEU B 348 -39.41 -16.49 23.06
C LEU B 348 -40.41 -15.51 22.45
N ARG B 349 -40.52 -14.32 23.03
CA ARG B 349 -41.52 -13.35 22.60
C ARG B 349 -40.92 -12.03 22.12
N VAL B 350 -41.18 -11.69 20.86
CA VAL B 350 -40.77 -10.39 20.33
C VAL B 350 -41.39 -9.31 21.21
N GLU B 351 -40.63 -8.28 21.51
CA GLU B 351 -41.10 -7.26 22.43
C GLU B 351 -41.09 -5.88 21.81
N ARG B 352 -40.09 -5.61 20.98
CA ARG B 352 -39.99 -4.33 20.29
C ARG B 352 -39.03 -4.46 19.13
N SER B 353 -38.92 -3.40 18.34
CA SER B 353 -38.01 -3.42 17.20
C SER B 353 -37.59 -1.99 16.86
N LEU B 354 -36.29 -1.72 17.02
CA LEU B 354 -35.79 -0.36 16.92
C LEU B 354 -35.21 -0.08 15.54
N PRO B 355 -35.42 1.15 15.05
CA PRO B 355 -34.86 1.54 13.74
C PRO B 355 -33.35 1.54 13.84
N CYS B 356 -32.66 1.24 12.74
CA CYS B 356 -31.21 1.15 12.76
C CYS B 356 -30.62 1.15 11.36
N GLY B 357 -29.43 1.73 11.22
CA GLY B 357 -28.67 1.65 9.99
C GLY B 357 -29.14 2.49 8.83
N ALA B 358 -30.40 2.93 8.87
CA ALA B 358 -30.99 3.64 7.73
C ALA B 358 -31.02 2.74 6.49
N GLY B 359 -30.93 1.43 6.73
CA GLY B 359 -31.02 0.44 5.67
C GLY B 359 -32.02 -0.64 6.07
N PRO B 360 -31.85 -1.85 5.52
CA PRO B 360 -32.73 -2.98 5.86
C PRO B 360 -32.49 -3.50 7.29
N VAL B 361 -31.31 -3.26 7.85
CA VAL B 361 -31.02 -3.74 9.20
C VAL B 361 -31.97 -3.14 10.24
N ARG B 362 -32.34 -3.96 11.21
CA ARG B 362 -33.17 -3.52 12.33
C ARG B 362 -32.81 -4.34 13.56
N ILE B 363 -32.89 -3.71 14.72
CA ILE B 363 -32.71 -4.40 15.99
C ILE B 363 -34.06 -4.85 16.50
N VAL B 364 -34.13 -6.10 16.95
CA VAL B 364 -35.36 -6.67 17.46
C VAL B 364 -35.17 -7.18 18.88
N GLU B 365 -35.63 -6.39 19.85
CA GLU B 365 -35.51 -6.75 21.26
C GLU B 365 -36.45 -7.89 21.59
N ILE B 366 -35.91 -8.93 22.21
CA ILE B 366 -36.65 -10.16 22.52
C ILE B 366 -36.44 -10.61 23.96
N ARG B 367 -37.44 -11.29 24.53
CA ARG B 367 -37.40 -11.76 25.92
C ARG B 367 -37.89 -13.19 26.04
N ARG B 368 -37.37 -13.92 27.02
CA ARG B 368 -37.76 -15.30 27.22
C ARG B 368 -39.26 -15.36 27.31
N ALA B 369 -39.84 -16.44 26.81
CA ALA B 369 -41.30 -16.63 26.80
C ALA B 369 -42.04 -15.34 26.39
N GLY C 31 -19.17 14.71 -5.00
CA GLY C 31 -18.13 14.64 -3.99
C GLY C 31 -18.57 13.90 -2.74
N THR C 32 -19.22 14.60 -1.83
CA THR C 32 -19.66 14.01 -0.57
C THR C 32 -20.89 13.11 -0.74
N ALA C 33 -21.36 12.98 -1.98
CA ALA C 33 -22.51 12.14 -2.26
C ALA C 33 -22.39 11.42 -3.61
N ALA C 34 -21.62 11.99 -4.52
CA ALA C 34 -21.37 11.34 -5.81
C ALA C 34 -20.55 10.07 -5.59
N ARG C 35 -19.88 9.98 -4.45
CA ARG C 35 -19.14 8.78 -4.08
C ARG C 35 -20.10 7.63 -3.74
N ALA C 36 -21.17 7.94 -3.02
CA ALA C 36 -22.16 6.93 -2.66
C ALA C 36 -22.99 6.51 -3.88
N ALA C 37 -23.04 7.36 -4.89
CA ALA C 37 -23.71 7.00 -6.14
C ALA C 37 -22.86 6.00 -6.89
N ALA C 38 -21.56 6.31 -7.01
CA ALA C 38 -20.61 5.42 -7.65
C ALA C 38 -20.61 4.05 -6.96
N GLU C 39 -20.67 4.05 -5.64
CA GLU C 39 -20.64 2.80 -4.89
C GLU C 39 -21.83 1.89 -5.22
N GLU C 40 -23.02 2.47 -5.38
CA GLU C 40 -24.22 1.69 -5.70
C GLU C 40 -24.24 1.19 -7.14
N THR C 41 -23.75 2.02 -8.07
CA THR C 41 -23.67 1.64 -9.46
C THR C 41 -22.75 0.43 -9.61
N VAL C 42 -21.61 0.49 -8.93
CA VAL C 42 -20.67 -0.62 -8.95
C VAL C 42 -21.30 -1.84 -8.31
N ASN C 43 -22.00 -1.61 -7.18
CA ASN C 43 -22.70 -2.68 -6.49
C ASN C 43 -23.76 -3.28 -7.40
N ASP C 44 -24.43 -2.42 -8.18
CA ASP C 44 -25.40 -2.90 -9.17
C ASP C 44 -24.72 -3.78 -10.21
N ILE C 45 -23.60 -3.30 -10.74
CA ILE C 45 -22.79 -4.08 -11.65
C ILE C 45 -22.42 -5.47 -11.08
N LEU C 46 -21.97 -5.51 -9.82
CA LEU C 46 -21.58 -6.76 -9.19
C LEU C 46 -22.79 -7.70 -9.05
N GLN C 47 -23.91 -7.11 -8.66
CA GLN C 47 -25.12 -7.90 -8.48
C GLN C 47 -25.62 -8.33 -9.86
N GLY C 48 -25.05 -7.75 -10.91
CA GLY C 48 -25.45 -8.11 -12.26
C GLY C 48 -25.11 -9.55 -12.62
N ALA C 49 -24.13 -10.13 -11.96
CA ALA C 49 -23.77 -11.52 -12.23
C ALA C 49 -24.88 -12.47 -11.73
N TRP C 50 -25.47 -12.16 -10.58
CA TRP C 50 -26.52 -13.00 -10.01
C TRP C 50 -27.81 -12.85 -10.79
N LYS C 51 -28.06 -11.63 -11.25
CA LYS C 51 -29.20 -11.33 -12.10
C LYS C 51 -29.15 -12.17 -13.38
N ALA C 52 -27.96 -12.32 -13.95
CA ALA C 52 -27.80 -13.15 -15.14
C ALA C 52 -27.99 -14.62 -14.79
N ARG C 53 -27.40 -15.05 -13.67
CA ARG C 53 -27.48 -16.46 -13.32
C ARG C 53 -28.94 -16.83 -13.07
N ALA C 54 -29.72 -15.92 -12.51
CA ALA C 54 -31.13 -16.19 -12.24
C ALA C 54 -31.86 -16.45 -13.54
N ILE C 55 -31.56 -15.64 -14.55
CA ILE C 55 -32.11 -15.87 -15.88
C ILE C 55 -31.75 -17.25 -16.39
N HIS C 56 -30.49 -17.65 -16.23
CA HIS C 56 -30.06 -18.97 -16.68
C HIS C 56 -30.91 -20.07 -16.02
N VAL C 57 -31.20 -19.87 -14.73
CA VAL C 57 -31.98 -20.84 -14.00
C VAL C 57 -33.38 -20.89 -14.57
N ALA C 58 -33.97 -19.73 -14.80
CA ALA C 58 -35.33 -19.68 -15.31
C ALA C 58 -35.50 -20.42 -16.65
N VAL C 59 -34.48 -20.36 -17.50
CA VAL C 59 -34.54 -21.02 -18.80
C VAL C 59 -34.17 -22.50 -18.68
N GLU C 60 -33.19 -22.81 -17.85
CA GLU C 60 -32.86 -24.22 -17.64
C GLU C 60 -34.08 -24.97 -17.11
N LEU C 61 -34.86 -24.34 -16.24
CA LEU C 61 -36.05 -24.96 -15.66
C LEU C 61 -37.26 -24.87 -16.58
N GLY C 62 -37.14 -24.11 -17.66
CA GLY C 62 -38.25 -23.98 -18.59
C GLY C 62 -39.45 -23.24 -18.03
N VAL C 63 -39.21 -22.23 -17.20
CA VAL C 63 -40.31 -21.43 -16.67
C VAL C 63 -41.14 -20.65 -17.73
N PRO C 64 -40.47 -19.89 -18.62
CA PRO C 64 -41.18 -19.08 -19.63
C PRO C 64 -42.21 -19.85 -20.44
N GLU C 65 -41.92 -21.12 -20.73
CA GLU C 65 -42.85 -21.98 -21.47
C GLU C 65 -44.17 -22.20 -20.73
N LEU C 66 -44.11 -22.17 -19.41
CA LEU C 66 -45.30 -22.49 -18.61
C LEU C 66 -46.19 -21.27 -18.44
N LEU C 67 -45.81 -20.16 -19.05
CA LEU C 67 -46.56 -18.92 -18.84
C LEU C 67 -47.21 -18.41 -20.13
N GLN C 68 -47.10 -19.19 -21.19
CA GLN C 68 -47.66 -18.83 -22.49
C GLN C 68 -49.19 -18.78 -22.48
N GLU C 69 -49.80 -19.59 -21.62
CA GLU C 69 -51.25 -19.76 -21.63
C GLU C 69 -51.94 -19.08 -20.46
N GLY C 70 -51.32 -18.03 -19.93
CA GLY C 70 -51.92 -17.28 -18.83
C GLY C 70 -51.07 -17.31 -17.58
N PRO C 71 -51.38 -16.43 -16.62
CA PRO C 71 -50.63 -16.32 -15.36
C PRO C 71 -50.69 -17.59 -14.50
N ARG C 72 -49.66 -17.84 -13.68
CA ARG C 72 -49.61 -19.05 -12.86
C ARG C 72 -48.97 -18.76 -11.52
N THR C 73 -49.35 -19.53 -10.50
CA THR C 73 -48.74 -19.36 -9.19
C THR C 73 -47.34 -19.96 -9.14
N ALA C 74 -46.54 -19.48 -8.19
CA ALA C 74 -45.23 -20.06 -7.96
C ALA C 74 -45.36 -21.53 -7.63
N THR C 75 -46.39 -21.87 -6.85
CA THR C 75 -46.64 -23.25 -6.50
C THR C 75 -46.78 -24.12 -7.74
N ALA C 76 -47.74 -23.77 -8.61
CA ALA C 76 -47.91 -24.49 -9.86
C ALA C 76 -46.61 -24.55 -10.66
N LEU C 77 -45.92 -23.42 -10.75
CA LEU C 77 -44.68 -23.36 -11.52
C LEU C 77 -43.59 -24.28 -10.97
N ALA C 78 -43.45 -24.30 -9.64
CA ALA C 78 -42.47 -25.16 -8.98
C ALA C 78 -42.75 -26.65 -9.21
N GLU C 79 -44.02 -27.03 -9.11
CA GLU C 79 -44.41 -28.42 -9.36
C GLU C 79 -44.19 -28.84 -10.82
N ALA C 80 -44.50 -27.97 -11.76
CA ALA C 80 -44.26 -28.26 -13.16
C ALA C 80 -42.78 -28.46 -13.48
N THR C 81 -41.92 -27.63 -12.86
CA THR C 81 -40.49 -27.62 -13.19
C THR C 81 -39.61 -28.47 -12.28
N GLY C 82 -40.19 -29.04 -11.22
CA GLY C 82 -39.38 -29.78 -10.27
C GLY C 82 -38.49 -28.86 -9.44
N ALA C 83 -39.03 -27.72 -9.05
CA ALA C 83 -38.30 -26.78 -8.22
C ALA C 83 -38.82 -26.82 -6.80
N HIS C 84 -38.00 -26.37 -5.87
CA HIS C 84 -38.43 -26.21 -4.50
C HIS C 84 -39.34 -24.99 -4.50
N GLU C 85 -40.54 -25.15 -3.99
CA GLU C 85 -41.54 -24.09 -4.12
C GLU C 85 -41.12 -22.74 -3.53
N GLN C 86 -40.64 -22.73 -2.29
CA GLN C 86 -40.29 -21.47 -1.65
C GLN C 86 -39.13 -20.74 -2.35
N THR C 87 -38.17 -21.49 -2.88
CA THR C 87 -37.01 -20.87 -3.50
C THR C 87 -37.35 -20.28 -4.87
N LEU C 88 -38.16 -21.00 -5.64
CA LEU C 88 -38.65 -20.48 -6.91
C LEU C 88 -39.40 -19.17 -6.74
N ARG C 89 -40.26 -19.07 -5.73
CA ARG C 89 -40.95 -17.83 -5.45
C ARG C 89 -39.95 -16.70 -5.13
N ARG C 90 -38.85 -17.04 -4.46
CA ARG C 90 -37.82 -16.05 -4.22
C ARG C 90 -37.19 -15.59 -5.55
N LEU C 91 -36.87 -16.55 -6.41
CA LEU C 91 -36.21 -16.26 -7.68
C LEU C 91 -37.12 -15.43 -8.57
N LEU C 92 -38.38 -15.81 -8.66
CA LEU C 92 -39.33 -15.12 -9.51
C LEU C 92 -39.64 -13.71 -9.00
N ARG C 93 -39.71 -13.55 -7.69
CA ARG C 93 -39.93 -12.23 -7.12
C ARG C 93 -38.72 -11.33 -7.37
N LEU C 94 -37.51 -11.88 -7.26
CA LEU C 94 -36.28 -11.15 -7.60
C LEU C 94 -36.23 -10.79 -9.08
N LEU C 95 -36.39 -11.79 -9.94
CA LEU C 95 -36.37 -11.58 -11.38
C LEU C 95 -37.36 -10.50 -11.81
N ALA C 96 -38.57 -10.52 -11.24
CA ALA C 96 -39.58 -9.52 -11.58
C ALA C 96 -39.16 -8.10 -11.18
N THR C 97 -38.51 -7.96 -10.03
CA THR C 97 -38.10 -6.63 -9.55
C THR C 97 -37.09 -6.00 -10.49
N VAL C 98 -36.42 -6.81 -11.30
CA VAL C 98 -35.55 -6.27 -12.35
C VAL C 98 -36.14 -6.53 -13.72
N GLY C 99 -37.46 -6.56 -13.81
CA GLY C 99 -38.15 -6.55 -15.08
C GLY C 99 -38.33 -7.84 -15.87
N VAL C 100 -37.93 -8.99 -15.33
CA VAL C 100 -38.17 -10.24 -16.05
C VAL C 100 -39.33 -10.97 -15.40
N PHE C 101 -40.36 -11.35 -16.17
CA PHE C 101 -41.63 -11.83 -15.64
C PHE C 101 -42.34 -10.69 -14.94
N ASP C 102 -43.66 -10.78 -14.87
CA ASP C 102 -44.44 -9.84 -14.08
C ASP C 102 -44.92 -10.53 -12.80
N ASP C 103 -44.66 -9.88 -11.67
CA ASP C 103 -45.15 -10.32 -10.37
C ASP C 103 -46.46 -9.57 -10.21
N LEU C 104 -47.58 -10.28 -10.28
CA LEU C 104 -48.88 -9.61 -10.24
C LEU C 104 -49.15 -8.98 -8.88
N GLY C 105 -48.38 -9.39 -7.88
CA GLY C 105 -48.47 -8.81 -6.54
C GLY C 105 -49.73 -9.23 -5.82
N HIS C 106 -50.32 -10.35 -6.25
CA HIS C 106 -51.45 -10.92 -5.54
C HIS C 106 -51.59 -12.40 -5.88
N ASP C 107 -52.14 -13.14 -4.93
CA ASP C 107 -52.49 -14.55 -5.15
C ASP C 107 -51.35 -15.40 -5.71
N ASP C 108 -50.12 -14.94 -5.46
CA ASP C 108 -48.90 -15.68 -5.77
C ASP C 108 -48.70 -15.84 -7.27
N LEU C 109 -49.37 -14.97 -8.01
CA LEU C 109 -49.38 -15.09 -9.46
C LEU C 109 -48.23 -14.35 -10.14
N PHE C 110 -47.73 -14.97 -11.20
CA PHE C 110 -46.74 -14.36 -12.06
C PHE C 110 -47.25 -14.51 -13.49
N ALA C 111 -46.89 -13.55 -14.35
CA ALA C 111 -47.27 -13.61 -15.75
C ALA C 111 -46.06 -13.38 -16.63
N GLN C 112 -46.20 -13.76 -17.89
CA GLN C 112 -45.19 -13.45 -18.89
C GLN C 112 -45.15 -11.94 -19.05
N ASN C 113 -43.98 -11.39 -19.38
CA ASN C 113 -43.95 -10.03 -19.93
C ASN C 113 -43.02 -9.97 -21.13
N ALA C 114 -42.82 -8.77 -21.70
CA ALA C 114 -42.00 -8.65 -22.90
C ALA C 114 -40.61 -9.27 -22.72
N LEU C 115 -39.99 -9.02 -21.58
CA LEU C 115 -38.66 -9.57 -21.35
C LEU C 115 -38.64 -11.10 -21.21
N SER C 116 -39.57 -11.67 -20.44
CA SER C 116 -39.57 -13.12 -20.25
C SER C 116 -39.90 -13.85 -21.56
N ALA C 117 -40.81 -13.28 -22.36
CA ALA C 117 -41.19 -13.86 -23.66
C ALA C 117 -40.01 -14.11 -24.58
N VAL C 118 -39.06 -13.19 -24.58
CA VAL C 118 -37.82 -13.31 -25.33
C VAL C 118 -37.06 -14.60 -25.00
N LEU C 119 -37.31 -15.14 -23.80
CA LEU C 119 -36.59 -16.33 -23.36
C LEU C 119 -37.27 -17.64 -23.78
N LEU C 120 -38.38 -17.54 -24.51
CA LEU C 120 -39.10 -18.74 -24.95
C LEU C 120 -38.21 -19.58 -25.84
N PRO C 121 -38.14 -20.88 -25.54
CA PRO C 121 -37.25 -21.78 -26.27
C PRO C 121 -37.59 -21.77 -27.75
N ASP C 122 -36.59 -21.50 -28.58
CA ASP C 122 -36.79 -21.36 -30.01
C ASP C 122 -35.43 -21.36 -30.70
N PRO C 123 -35.27 -22.27 -31.65
CA PRO C 123 -33.98 -22.45 -32.33
C PRO C 123 -33.62 -21.25 -33.18
N ALA C 124 -34.58 -20.35 -33.40
CA ALA C 124 -34.31 -19.14 -34.18
C ALA C 124 -34.01 -17.89 -33.34
N SER C 125 -34.13 -18.01 -32.00
CA SER C 125 -33.93 -16.88 -31.10
C SER C 125 -32.52 -16.87 -30.52
N PRO C 126 -31.66 -15.99 -31.06
CA PRO C 126 -30.27 -15.84 -30.61
C PRO C 126 -30.15 -15.74 -29.09
N VAL C 127 -30.98 -14.91 -28.48
CA VAL C 127 -30.90 -14.70 -27.05
C VAL C 127 -31.38 -15.91 -26.26
N ALA C 128 -32.40 -16.61 -26.75
CA ALA C 128 -32.97 -17.74 -26.02
C ALA C 128 -32.02 -18.93 -26.04
N THR C 129 -31.44 -19.22 -27.20
CA THR C 129 -30.48 -20.31 -27.30
C THR C 129 -29.20 -19.97 -26.53
N ASP C 130 -28.84 -18.70 -26.50
CA ASP C 130 -27.62 -18.28 -25.84
C ASP C 130 -27.76 -18.35 -24.32
N ALA C 131 -28.95 -18.01 -23.81
CA ALA C 131 -29.21 -18.07 -22.37
C ALA C 131 -29.10 -19.51 -21.90
N ARG C 132 -29.73 -20.43 -22.63
N ARG C 132 -29.75 -20.43 -22.60
CA ARG C 132 -29.67 -21.86 -22.34
CA ARG C 132 -29.63 -21.85 -22.28
C ARG C 132 -28.25 -22.42 -22.46
C ARG C 132 -28.16 -22.25 -22.30
N PHE C 133 -27.47 -21.84 -23.36
CA PHE C 133 -26.05 -22.18 -23.52
C PHE C 133 -25.26 -21.75 -22.28
N GLN C 134 -25.54 -20.54 -21.82
CA GLN C 134 -24.79 -19.97 -20.70
C GLN C 134 -25.19 -20.55 -19.35
N ALA C 135 -26.32 -21.27 -19.30
CA ALA C 135 -26.77 -21.94 -18.06
C ALA C 135 -25.84 -23.09 -17.69
N ALA C 136 -25.31 -23.77 -18.69
CA ALA C 136 -24.30 -24.80 -18.48
C ALA C 136 -23.27 -24.38 -17.43
N PRO C 137 -23.03 -25.26 -16.45
CA PRO C 137 -22.08 -24.96 -15.38
C PRO C 137 -20.69 -24.78 -15.94
N TRP C 138 -20.35 -25.50 -17.01
CA TRP C 138 -19.01 -25.41 -17.58
C TRP C 138 -18.77 -24.11 -18.36
N HIS C 139 -19.84 -23.53 -18.87
CA HIS C 139 -19.78 -22.20 -19.48
C HIS C 139 -19.43 -21.23 -18.36
N TRP C 140 -20.32 -21.12 -17.38
CA TRP C 140 -20.09 -20.28 -16.21
C TRP C 140 -18.71 -20.50 -15.58
N ARG C 141 -18.24 -21.74 -15.63
CA ARG C 141 -16.98 -22.10 -14.95
C ARG C 141 -15.79 -21.46 -15.66
N ALA C 142 -15.84 -21.42 -16.99
CA ALA C 142 -14.74 -20.81 -17.74
C ALA C 142 -14.56 -19.36 -17.30
N TRP C 143 -15.67 -18.68 -17.01
CA TRP C 143 -15.60 -17.31 -16.55
C TRP C 143 -14.98 -17.20 -15.16
N GLU C 144 -15.08 -18.29 -14.42
CA GLU C 144 -14.55 -18.36 -13.08
C GLU C 144 -13.04 -18.11 -13.13
N GLN C 145 -12.42 -18.51 -14.24
CA GLN C 145 -10.96 -18.47 -14.42
C GLN C 145 -10.48 -17.33 -15.31
N LEU C 146 -11.28 -16.29 -15.44
CA LEU C 146 -10.94 -15.15 -16.29
C LEU C 146 -9.55 -14.61 -15.99
N THR C 147 -9.15 -14.62 -14.72
CA THR C 147 -7.83 -14.09 -14.34
C THR C 147 -6.70 -14.82 -15.04
N HIS C 148 -6.82 -16.14 -15.13
CA HIS C 148 -5.86 -16.95 -15.87
C HIS C 148 -5.68 -16.42 -17.29
N SER C 149 -6.79 -16.32 -18.02
CA SER C 149 -6.76 -15.81 -19.39
C SER C 149 -6.12 -14.42 -19.48
N VAL C 150 -6.52 -13.52 -18.59
CA VAL C 150 -5.94 -12.17 -18.59
C VAL C 150 -4.46 -12.25 -18.26
N ARG C 151 -4.08 -13.20 -17.41
CA ARG C 151 -2.68 -13.37 -17.03
C ARG C 151 -1.84 -14.04 -18.10
N THR C 152 -2.45 -14.78 -19.02
CA THR C 152 -1.67 -15.60 -19.93
C THR C 152 -2.04 -15.45 -21.39
N GLY C 153 -3.25 -14.97 -21.66
CA GLY C 153 -3.71 -14.81 -23.03
C GLY C 153 -4.28 -16.08 -23.60
N GLU C 154 -4.18 -17.16 -22.85
CA GLU C 154 -4.76 -18.44 -23.26
C GLU C 154 -6.19 -18.60 -22.72
N ALA C 155 -6.91 -19.56 -23.28
CA ALA C 155 -8.29 -19.82 -22.90
C ALA C 155 -8.38 -20.33 -21.46
N SER C 156 -9.26 -19.75 -20.67
CA SER C 156 -9.47 -20.18 -19.29
C SER C 156 -10.25 -21.49 -19.21
N PHE C 157 -11.04 -21.77 -20.24
CA PHE C 157 -11.86 -22.98 -20.31
C PHE C 157 -11.12 -24.27 -19.99
N ASP C 158 -9.86 -24.37 -20.44
CA ASP C 158 -9.07 -25.59 -20.25
C ASP C 158 -8.65 -25.72 -18.78
N VAL C 159 -8.34 -24.60 -18.16
CA VAL C 159 -7.87 -24.57 -16.79
C VAL C 159 -9.04 -24.75 -15.80
N ALA C 160 -10.26 -24.59 -16.29
CA ALA C 160 -11.43 -24.67 -15.42
C ALA C 160 -12.12 -26.03 -15.49
N ASN C 161 -12.14 -26.63 -16.68
CA ASN C 161 -12.91 -27.82 -16.95
C ASN C 161 -12.07 -29.04 -17.34
N GLY C 162 -10.76 -28.93 -17.19
CA GLY C 162 -9.86 -30.01 -17.54
C GLY C 162 -10.10 -30.56 -18.92
N THR C 163 -10.54 -29.69 -19.83
CA THR C 163 -10.77 -30.09 -21.21
C THR C 163 -10.88 -28.84 -22.09
N SER C 164 -10.84 -29.04 -23.41
CA SER C 164 -10.94 -27.91 -24.33
C SER C 164 -12.38 -27.80 -24.77
N PHE C 165 -12.79 -26.59 -25.13
CA PHE C 165 -14.18 -26.39 -25.52
C PHE C 165 -14.56 -27.29 -26.69
N TRP C 166 -13.66 -27.42 -27.67
CA TRP C 166 -13.98 -28.23 -28.85
C TRP C 166 -14.05 -29.71 -28.50
N GLN C 167 -13.14 -30.13 -27.63
CA GLN C 167 -13.11 -31.51 -27.14
C GLN C 167 -14.44 -31.87 -26.48
N LEU C 168 -14.80 -31.10 -25.46
CA LEU C 168 -16.08 -31.26 -24.79
C LEU C 168 -17.22 -31.42 -25.78
N THR C 169 -17.39 -30.42 -26.63
CA THR C 169 -18.51 -30.42 -27.57
C THR C 169 -18.41 -31.59 -28.55
N HIS C 170 -17.26 -32.26 -28.57
CA HIS C 170 -17.07 -33.39 -29.45
C HIS C 170 -17.69 -34.67 -28.86
N GLU C 171 -17.47 -34.88 -27.57
CA GLU C 171 -18.01 -36.06 -26.90
C GLU C 171 -19.38 -35.82 -26.28
N ASP C 172 -19.45 -35.00 -25.24
CA ASP C 172 -20.72 -34.70 -24.59
C ASP C 172 -21.71 -34.10 -25.60
N PRO C 173 -22.76 -34.87 -25.96
CA PRO C 173 -23.70 -34.49 -27.01
C PRO C 173 -24.68 -33.39 -26.57
N LYS C 174 -24.75 -33.12 -25.26
CA LYS C 174 -25.58 -32.03 -24.79
C LYS C 174 -24.78 -30.73 -24.83
N ALA C 175 -23.52 -30.82 -24.46
CA ALA C 175 -22.60 -29.69 -24.65
C ALA C 175 -22.66 -29.26 -26.12
N ARG C 176 -22.55 -30.23 -27.02
CA ARG C 176 -22.56 -29.97 -28.45
C ARG C 176 -23.88 -29.41 -28.98
N GLU C 177 -25.00 -29.78 -28.35
CA GLU C 177 -26.28 -29.28 -28.82
C GLU C 177 -26.53 -27.87 -28.32
N LEU C 178 -26.12 -27.60 -27.09
CA LEU C 178 -26.28 -26.26 -26.53
C LEU C 178 -25.53 -25.23 -27.40
N PHE C 179 -24.29 -25.55 -27.74
CA PHE C 179 -23.46 -24.71 -28.62
C PHE C 179 -24.03 -24.58 -30.04
N ASN C 180 -24.29 -25.69 -30.69
CA ASN C 180 -24.79 -25.62 -32.05
C ASN C 180 -26.17 -24.99 -32.15
N ARG C 181 -26.89 -24.91 -31.04
CA ARG C 181 -28.18 -24.23 -31.05
C ARG C 181 -27.97 -22.74 -30.92
N ALA C 182 -27.12 -22.35 -29.99
CA ALA C 182 -26.77 -20.96 -29.79
C ALA C 182 -26.12 -20.38 -31.04
N MSE C 183 -25.19 -21.12 -31.64
CA MSE C 183 -24.56 -20.69 -32.90
C MSE C 183 -25.55 -20.77 -34.08
O MSE C 183 -25.50 -19.95 -34.99
CB MSE C 183 -23.32 -21.53 -33.22
CG MSE C 183 -22.60 -21.14 -34.51
SE MSE C 183 -21.53 -19.50 -34.28
CE MSE C 183 -22.77 -18.25 -35.10
N GLY C 184 -26.45 -21.76 -34.04
CA GLY C 184 -27.36 -22.04 -35.14
C GLY C 184 -28.46 -21.02 -35.30
N SER C 185 -28.88 -20.41 -34.21
CA SER C 185 -29.86 -19.35 -34.26
C SER C 185 -29.24 -18.13 -34.93
N VAL C 186 -28.04 -17.79 -34.50
CA VAL C 186 -27.33 -16.66 -35.09
C VAL C 186 -27.16 -16.88 -36.57
N SER C 187 -26.58 -18.01 -36.94
CA SER C 187 -26.30 -18.31 -38.35
C SER C 187 -27.55 -18.25 -39.23
N LEU C 188 -28.69 -18.62 -38.63
CA LEU C 188 -29.97 -18.63 -39.33
C LEU C 188 -30.40 -17.23 -39.73
N THR C 189 -30.09 -16.24 -38.90
CA THR C 189 -30.38 -14.84 -39.24
C THR C 189 -29.34 -14.24 -40.19
N GLU C 190 -28.12 -14.79 -40.19
CA GLU C 190 -27.04 -14.29 -41.03
C GLU C 190 -27.02 -14.97 -42.42
N ALA C 191 -27.68 -16.11 -42.52
CA ALA C 191 -27.75 -16.85 -43.78
C ALA C 191 -28.27 -15.99 -44.94
N GLY C 192 -29.49 -15.47 -44.79
CA GLY C 192 -30.13 -14.68 -45.82
C GLY C 192 -29.42 -13.39 -46.21
N GLN C 193 -28.78 -12.73 -45.25
CA GLN C 193 -28.12 -11.47 -45.59
C GLN C 193 -26.84 -11.67 -46.41
N VAL C 194 -26.12 -12.76 -46.16
CA VAL C 194 -24.94 -13.07 -46.94
C VAL C 194 -25.33 -13.52 -48.33
N ALA C 195 -26.38 -14.33 -48.43
CA ALA C 195 -26.89 -14.76 -49.72
C ALA C 195 -27.23 -13.53 -50.54
N ALA C 196 -27.69 -12.47 -49.86
CA ALA C 196 -28.20 -11.28 -50.53
C ALA C 196 -27.23 -10.09 -50.57
N ALA C 197 -26.00 -10.30 -50.10
CA ALA C 197 -25.00 -9.22 -50.14
C ALA C 197 -23.87 -9.53 -51.10
N TYR C 198 -23.86 -10.75 -51.62
CA TYR C 198 -22.77 -11.20 -52.48
C TYR C 198 -23.33 -11.92 -53.70
N ASP C 199 -22.69 -11.69 -54.85
CA ASP C 199 -23.17 -12.22 -56.11
C ASP C 199 -22.45 -13.52 -56.47
N PHE C 200 -23.12 -14.64 -56.23
CA PHE C 200 -22.53 -15.97 -56.45
C PHE C 200 -22.81 -16.49 -57.86
N SER C 201 -23.57 -15.73 -58.63
CA SER C 201 -24.08 -16.19 -59.93
C SER C 201 -22.99 -16.70 -60.86
N GLY C 202 -21.83 -16.04 -60.86
CA GLY C 202 -20.76 -16.40 -61.77
C GLY C 202 -19.93 -17.59 -61.31
N ALA C 203 -20.42 -18.31 -60.30
CA ALA C 203 -19.66 -19.42 -59.74
C ALA C 203 -20.40 -20.74 -59.91
N ALA C 204 -19.66 -21.83 -59.74
CA ALA C 204 -20.23 -23.17 -59.92
C ALA C 204 -20.07 -24.01 -58.66
N THR C 205 -18.97 -23.82 -57.95
CA THR C 205 -18.70 -24.62 -56.76
C THR C 205 -18.37 -23.75 -55.55
N ALA C 206 -18.99 -24.07 -54.42
CA ALA C 206 -18.80 -23.33 -53.17
C ALA C 206 -18.44 -24.30 -52.04
N VAL C 207 -17.57 -23.87 -51.13
CA VAL C 207 -17.16 -24.73 -50.03
C VAL C 207 -17.20 -24.00 -48.68
N ASP C 208 -18.25 -24.25 -47.91
CA ASP C 208 -18.39 -23.66 -46.59
C ASP C 208 -17.49 -24.36 -45.59
N ILE C 209 -16.49 -23.64 -45.08
CA ILE C 209 -15.48 -24.22 -44.19
C ILE C 209 -15.88 -24.09 -42.71
N GLY C 210 -16.34 -25.19 -42.13
CA GLY C 210 -16.86 -25.17 -40.77
C GLY C 210 -18.22 -24.51 -40.78
N GLY C 211 -19.04 -24.91 -41.75
CA GLY C 211 -20.34 -24.30 -41.96
C GLY C 211 -21.41 -24.63 -40.92
N GLY C 212 -21.02 -25.28 -39.83
CA GLY C 212 -21.93 -25.59 -38.74
C GLY C 212 -23.10 -26.45 -39.17
N ARG C 213 -24.31 -25.96 -38.93
CA ARG C 213 -25.50 -26.73 -39.29
C ARG C 213 -25.94 -26.44 -40.73
N GLY C 214 -25.10 -25.70 -41.46
CA GLY C 214 -25.28 -25.52 -42.88
C GLY C 214 -26.38 -24.55 -43.27
N SER C 215 -26.77 -23.67 -42.36
CA SER C 215 -27.82 -22.70 -42.69
C SER C 215 -27.32 -21.68 -43.72
N LEU C 216 -26.02 -21.38 -43.66
CA LEU C 216 -25.43 -20.44 -44.62
C LEU C 216 -25.43 -21.03 -46.01
N MSE C 217 -24.84 -22.22 -46.13
CA MSE C 217 -24.80 -22.92 -47.42
C MSE C 217 -26.17 -23.01 -48.08
O MSE C 217 -26.32 -22.70 -49.26
CB MSE C 217 -24.22 -24.33 -47.25
CG MSE C 217 -24.22 -25.11 -48.57
SE MSE C 217 -22.88 -24.42 -49.80
CE MSE C 217 -21.35 -25.43 -49.15
N ALA C 218 -27.16 -23.42 -47.30
CA ALA C 218 -28.51 -23.62 -47.82
C ALA C 218 -29.15 -22.32 -48.32
N ALA C 219 -28.99 -21.25 -47.56
CA ALA C 219 -29.54 -19.96 -47.97
C ALA C 219 -29.00 -19.54 -49.34
N VAL C 220 -27.76 -19.93 -49.61
CA VAL C 220 -27.06 -19.52 -50.83
C VAL C 220 -27.27 -20.49 -52.01
N LEU C 221 -27.49 -21.77 -51.72
CA LEU C 221 -27.91 -22.72 -52.74
C LEU C 221 -29.33 -22.40 -53.20
N ASP C 222 -30.17 -22.03 -52.24
CA ASP C 222 -31.53 -21.60 -52.55
C ASP C 222 -31.53 -20.45 -53.55
N ALA C 223 -30.67 -19.46 -53.29
CA ALA C 223 -30.66 -18.21 -54.04
C ALA C 223 -29.98 -18.34 -55.40
N PHE C 224 -29.10 -19.33 -55.52
CA PHE C 224 -28.34 -19.53 -56.75
C PHE C 224 -28.37 -20.99 -57.20
N PRO C 225 -29.35 -21.34 -58.04
CA PRO C 225 -29.61 -22.71 -58.48
C PRO C 225 -28.46 -23.37 -59.25
N GLY C 226 -27.70 -22.59 -60.01
CA GLY C 226 -26.58 -23.14 -60.73
C GLY C 226 -25.55 -23.72 -59.78
N LEU C 227 -25.40 -23.07 -58.64
CA LEU C 227 -24.36 -23.39 -57.67
C LEU C 227 -24.53 -24.75 -56.98
N ARG C 228 -23.40 -25.41 -56.70
CA ARG C 228 -23.38 -26.67 -55.98
C ARG C 228 -22.37 -26.58 -54.85
N GLY C 229 -22.79 -26.97 -53.65
CA GLY C 229 -21.97 -26.79 -52.47
C GLY C 229 -21.27 -28.03 -51.94
N THR C 230 -20.38 -27.79 -50.98
CA THR C 230 -19.70 -28.84 -50.25
C THR C 230 -19.47 -28.31 -48.85
N LEU C 231 -19.94 -29.02 -47.85
CA LEU C 231 -19.86 -28.55 -46.48
C LEU C 231 -18.77 -29.28 -45.69
N LEU C 232 -17.85 -28.52 -45.11
CA LEU C 232 -16.79 -29.09 -44.29
C LEU C 232 -17.06 -28.87 -42.79
N GLU C 233 -17.08 -29.95 -42.02
CA GLU C 233 -17.37 -29.83 -40.59
C GLU C 233 -16.78 -30.98 -39.81
N ARG C 234 -16.69 -30.80 -38.49
CA ARG C 234 -16.34 -31.90 -37.61
C ARG C 234 -17.39 -32.98 -37.78
N PRO C 235 -16.95 -34.25 -37.72
CA PRO C 235 -17.83 -35.41 -37.94
C PRO C 235 -19.24 -35.26 -37.39
N PRO C 236 -19.42 -35.14 -36.05
CA PRO C 236 -20.78 -35.09 -35.49
C PRO C 236 -21.61 -33.96 -36.08
N VAL C 237 -21.02 -32.77 -36.14
CA VAL C 237 -21.72 -31.60 -36.64
C VAL C 237 -22.08 -31.78 -38.12
N ALA C 238 -21.21 -32.45 -38.86
CA ALA C 238 -21.47 -32.69 -40.28
C ALA C 238 -22.82 -33.36 -40.46
N GLU C 239 -23.10 -34.36 -39.62
CA GLU C 239 -24.36 -35.11 -39.75
C GLU C 239 -25.59 -34.24 -39.44
N GLU C 240 -25.42 -33.28 -38.55
CA GLU C 240 -26.52 -32.36 -38.21
C GLU C 240 -26.84 -31.49 -39.43
N ALA C 241 -25.80 -31.08 -40.15
CA ALA C 241 -25.97 -30.26 -41.35
C ALA C 241 -26.73 -31.01 -42.42
N ARG C 242 -26.37 -32.26 -42.65
CA ARG C 242 -27.07 -33.08 -43.64
C ARG C 242 -28.56 -33.08 -43.37
N GLU C 243 -28.92 -33.17 -42.10
CA GLU C 243 -30.33 -33.16 -41.72
C GLU C 243 -30.98 -31.85 -42.15
N LEU C 244 -30.38 -30.74 -41.72
CA LEU C 244 -30.89 -29.41 -42.06
C LEU C 244 -31.01 -29.20 -43.56
N LEU C 245 -29.96 -29.59 -44.29
CA LEU C 245 -29.93 -29.39 -45.74
C LEU C 245 -30.91 -30.34 -46.43
N THR C 246 -30.96 -31.59 -45.96
CA THR C 246 -31.89 -32.56 -46.52
C THR C 246 -33.33 -32.07 -46.36
N GLY C 247 -33.62 -31.47 -45.21
CA GLY C 247 -34.92 -30.86 -44.99
C GLY C 247 -35.19 -29.73 -45.96
N ARG C 248 -34.15 -29.22 -46.59
CA ARG C 248 -34.27 -28.11 -47.54
C ARG C 248 -34.30 -28.63 -48.97
N GLY C 249 -34.22 -29.94 -49.12
CA GLY C 249 -34.26 -30.57 -50.42
C GLY C 249 -33.04 -30.20 -51.25
N LEU C 250 -31.92 -30.06 -50.56
CA LEU C 250 -30.66 -29.70 -51.19
C LEU C 250 -29.66 -30.80 -50.90
N ALA C 251 -30.20 -31.99 -50.61
CA ALA C 251 -29.40 -33.07 -50.05
C ALA C 251 -28.35 -33.66 -51.00
N ASP C 252 -28.57 -33.54 -52.31
CA ASP C 252 -27.61 -34.09 -53.26
C ASP C 252 -26.93 -33.04 -54.15
N ARG C 253 -27.40 -31.80 -54.07
CA ARG C 253 -26.73 -30.70 -54.75
C ARG C 253 -25.85 -29.93 -53.78
N CYS C 254 -25.82 -30.40 -52.53
CA CYS C 254 -24.80 -29.97 -51.59
C CYS C 254 -24.22 -31.18 -50.88
N GLU C 255 -22.98 -31.52 -51.20
CA GLU C 255 -22.30 -32.60 -50.53
C GLU C 255 -21.94 -32.25 -49.09
N ILE C 256 -22.02 -33.24 -48.21
CA ILE C 256 -21.55 -33.10 -46.84
C ILE C 256 -20.20 -33.78 -46.76
N LEU C 257 -19.26 -33.16 -46.05
CA LEU C 257 -17.91 -33.69 -45.96
C LEU C 257 -17.36 -33.60 -44.56
N PRO C 258 -17.51 -34.69 -43.78
CA PRO C 258 -16.92 -34.74 -42.44
C PRO C 258 -15.43 -34.55 -42.58
N GLY C 259 -14.78 -33.94 -41.59
CA GLY C 259 -13.36 -33.73 -41.69
C GLY C 259 -12.81 -32.61 -40.81
N ASP C 260 -11.57 -32.22 -41.10
CA ASP C 260 -10.82 -31.29 -40.28
C ASP C 260 -10.20 -30.23 -41.18
N PHE C 261 -10.52 -28.95 -40.92
CA PHE C 261 -9.98 -27.85 -41.71
C PHE C 261 -8.51 -27.51 -41.39
N PHE C 262 -8.03 -27.92 -40.22
CA PHE C 262 -6.62 -27.81 -39.90
C PHE C 262 -5.87 -28.88 -40.68
N GLU C 263 -6.63 -29.76 -41.32
CA GLU C 263 -6.06 -30.93 -42.01
C GLU C 263 -6.18 -30.84 -43.52
N THR C 264 -7.41 -30.83 -44.03
CA THR C 264 -7.61 -30.74 -45.46
C THR C 264 -8.85 -29.95 -45.85
N ILE C 265 -8.72 -29.17 -46.93
CA ILE C 265 -9.80 -28.36 -47.44
C ILE C 265 -10.06 -28.73 -48.90
N PRO C 266 -11.31 -29.02 -49.23
CA PRO C 266 -11.61 -29.35 -50.61
C PRO C 266 -10.93 -28.33 -51.46
N ASP C 267 -10.03 -28.77 -52.29
CA ASP C 267 -9.35 -27.88 -53.23
C ASP C 267 -10.01 -27.83 -54.62
N GLY C 268 -10.16 -26.61 -55.16
CA GLY C 268 -10.63 -26.44 -56.52
C GLY C 268 -11.85 -25.56 -56.71
N ALA C 269 -12.59 -25.30 -55.64
CA ALA C 269 -13.87 -24.60 -55.75
C ALA C 269 -13.77 -23.16 -56.24
N ASP C 270 -14.89 -22.64 -56.74
CA ASP C 270 -14.97 -21.25 -57.21
C ASP C 270 -14.97 -20.25 -56.06
N VAL C 271 -15.65 -20.58 -54.97
CA VAL C 271 -15.74 -19.69 -53.82
C VAL C 271 -15.84 -20.43 -52.50
N TYR C 272 -14.84 -20.24 -51.63
CA TYR C 272 -14.89 -20.77 -50.28
C TYR C 272 -15.53 -19.74 -49.36
N LEU C 273 -16.27 -20.23 -48.37
CA LEU C 273 -16.80 -19.36 -47.32
C LEU C 273 -16.29 -19.78 -45.95
N ILE C 274 -16.34 -18.88 -44.99
CA ILE C 274 -15.92 -19.20 -43.64
C ILE C 274 -16.52 -18.18 -42.69
N LYS C 275 -17.56 -18.61 -41.96
CA LYS C 275 -18.33 -17.74 -41.09
C LYS C 275 -18.09 -18.05 -39.60
N HIS C 276 -17.68 -17.03 -38.86
CA HIS C 276 -17.54 -17.10 -37.42
C HIS C 276 -16.61 -18.23 -36.97
N VAL C 277 -15.52 -18.44 -37.70
CA VAL C 277 -14.59 -19.50 -37.36
C VAL C 277 -13.22 -18.98 -36.99
N LEU C 278 -12.73 -18.02 -37.76
CA LEU C 278 -11.37 -17.53 -37.55
C LEU C 278 -11.23 -16.79 -36.23
N HIS C 279 -12.30 -16.15 -35.76
CA HIS C 279 -12.20 -15.47 -34.47
C HIS C 279 -12.13 -16.44 -33.26
N ASP C 280 -12.11 -17.75 -33.52
CA ASP C 280 -11.90 -18.73 -32.44
C ASP C 280 -10.42 -18.96 -32.19
N TRP C 281 -9.58 -18.59 -33.15
CA TRP C 281 -8.19 -19.03 -33.16
C TRP C 281 -7.18 -17.90 -33.03
N ASP C 282 -6.02 -18.19 -32.45
CA ASP C 282 -4.94 -17.21 -32.32
C ASP C 282 -4.21 -17.00 -33.67
N ASP C 283 -3.35 -15.99 -33.71
CA ASP C 283 -2.67 -15.61 -34.96
C ASP C 283 -2.05 -16.80 -35.69
N ASP C 284 -1.30 -17.62 -34.96
CA ASP C 284 -0.65 -18.80 -35.55
C ASP C 284 -1.67 -19.74 -36.15
N ASP C 285 -2.67 -20.13 -35.36
CA ASP C 285 -3.71 -21.04 -35.80
C ASP C 285 -4.48 -20.47 -37.00
N VAL C 286 -4.77 -19.17 -36.98
CA VAL C 286 -5.44 -18.54 -38.12
C VAL C 286 -4.59 -18.67 -39.37
N VAL C 287 -3.28 -18.43 -39.23
CA VAL C 287 -2.37 -18.50 -40.36
C VAL C 287 -2.30 -19.92 -40.93
N ARG C 288 -2.43 -20.91 -40.06
CA ARG C 288 -2.44 -22.31 -40.50
C ARG C 288 -3.64 -22.66 -41.37
N ILE C 289 -4.81 -22.15 -41.01
CA ILE C 289 -6.02 -22.39 -41.79
C ILE C 289 -6.01 -21.58 -43.09
N LEU C 290 -5.39 -20.41 -43.06
CA LEU C 290 -5.37 -19.55 -44.23
C LEU C 290 -4.44 -20.10 -45.31
N ARG C 291 -3.28 -20.60 -44.90
CA ARG C 291 -2.33 -21.18 -45.85
C ARG C 291 -2.93 -22.39 -46.56
N ARG C 292 -3.68 -23.19 -45.81
CA ARG C 292 -4.31 -24.38 -46.37
C ARG C 292 -5.47 -24.05 -47.31
N ILE C 293 -6.17 -22.95 -47.06
CA ILE C 293 -7.21 -22.51 -47.99
C ILE C 293 -6.56 -21.91 -49.24
N ALA C 294 -5.45 -21.19 -49.02
CA ALA C 294 -4.67 -20.61 -50.11
C ALA C 294 -4.33 -21.72 -51.10
N THR C 295 -3.72 -22.78 -50.59
CA THR C 295 -3.31 -23.93 -51.40
C THR C 295 -4.48 -24.52 -52.16
N ALA C 296 -5.65 -24.51 -51.55
CA ALA C 296 -6.82 -25.14 -52.11
C ALA C 296 -7.44 -24.31 -53.24
N MSE C 297 -7.40 -23.00 -53.08
CA MSE C 297 -8.05 -22.12 -54.04
C MSE C 297 -7.36 -22.17 -55.40
O MSE C 297 -6.15 -22.42 -55.50
CB MSE C 297 -8.04 -20.67 -53.54
CG MSE C 297 -8.76 -20.44 -52.23
SE MSE C 297 -8.38 -18.66 -51.54
CE MSE C 297 -9.38 -17.60 -52.84
N LYS C 298 -8.13 -21.95 -56.45
CA LYS C 298 -7.56 -21.70 -57.76
C LYS C 298 -7.12 -20.24 -57.75
N PRO C 299 -6.02 -19.93 -58.47
CA PRO C 299 -5.51 -18.55 -58.50
C PRO C 299 -6.62 -17.53 -58.82
N ASP C 300 -7.78 -18.01 -59.26
CA ASP C 300 -8.89 -17.16 -59.66
C ASP C 300 -10.17 -17.35 -58.79
N SER C 301 -10.11 -18.18 -57.76
CA SER C 301 -11.27 -18.35 -56.90
C SER C 301 -11.34 -17.28 -55.81
N ARG C 302 -12.42 -17.26 -55.05
CA ARG C 302 -12.64 -16.23 -54.04
C ARG C 302 -12.91 -16.78 -52.63
N LEU C 303 -12.27 -16.19 -51.64
CA LEU C 303 -12.51 -16.54 -50.24
C LEU C 303 -13.32 -15.45 -49.56
N LEU C 304 -14.42 -15.84 -48.93
CA LEU C 304 -15.25 -14.90 -48.16
C LEU C 304 -15.12 -15.17 -46.66
N VAL C 305 -14.33 -14.36 -45.98
CA VAL C 305 -14.26 -14.43 -44.52
C VAL C 305 -15.41 -13.61 -43.99
N ILE C 306 -16.38 -14.30 -43.36
CA ILE C 306 -17.50 -13.61 -42.76
C ILE C 306 -17.33 -13.65 -41.25
N ASP C 307 -17.24 -12.48 -40.63
CA ASP C 307 -16.95 -12.44 -39.22
C ASP C 307 -17.18 -11.08 -38.59
N ASN C 308 -17.06 -11.04 -37.27
CA ASN C 308 -17.18 -9.81 -36.53
C ASN C 308 -15.89 -9.02 -36.71
N LEU C 309 -16.01 -7.75 -37.09
CA LEU C 309 -14.84 -6.89 -37.31
C LEU C 309 -14.75 -5.72 -36.33
N ILE C 310 -13.58 -5.55 -35.72
CA ILE C 310 -13.39 -4.41 -34.82
C ILE C 310 -13.10 -3.12 -35.60
N ASP C 311 -14.02 -2.18 -35.50
CA ASP C 311 -13.87 -0.91 -36.17
C ASP C 311 -13.39 0.09 -35.12
N GLU C 312 -13.39 1.37 -35.45
CA GLU C 312 -13.15 2.36 -34.41
C GLU C 312 -14.43 2.48 -33.59
N ARG C 313 -14.27 2.70 -32.29
CA ARG C 313 -15.43 2.81 -31.41
C ARG C 313 -16.40 1.61 -31.51
N PRO C 314 -15.90 0.39 -31.24
CA PRO C 314 -16.71 -0.83 -31.26
C PRO C 314 -17.79 -0.79 -30.16
N ALA C 315 -18.99 -1.32 -30.44
CA ALA C 315 -20.04 -1.39 -29.43
C ALA C 315 -19.62 -2.23 -28.24
N ALA C 316 -20.12 -1.87 -27.06
CA ALA C 316 -19.95 -2.70 -25.86
C ALA C 316 -20.16 -4.19 -26.16
N SER C 317 -21.30 -4.51 -26.73
CA SER C 317 -21.65 -5.91 -26.99
C SER C 317 -20.62 -6.66 -27.85
N THR C 318 -20.03 -5.99 -28.83
CA THR C 318 -18.95 -6.56 -29.63
C THR C 318 -17.73 -6.94 -28.77
N LEU C 319 -17.32 -6.05 -27.89
CA LEU C 319 -16.17 -6.34 -27.02
C LEU C 319 -16.47 -7.47 -26.03
N PHE C 320 -17.73 -7.58 -25.59
CA PHE C 320 -18.11 -8.67 -24.68
C PHE C 320 -17.93 -10.00 -25.38
N VAL C 321 -18.33 -10.06 -26.64
CA VAL C 321 -18.18 -11.28 -27.40
C VAL C 321 -16.70 -11.59 -27.59
N ASP C 322 -15.90 -10.54 -27.79
CA ASP C 322 -14.47 -10.73 -27.95
C ASP C 322 -13.89 -11.36 -26.70
N LEU C 323 -14.41 -10.96 -25.55
CA LEU C 323 -13.93 -11.50 -24.27
C LEU C 323 -14.43 -12.93 -24.07
N LEU C 324 -15.66 -13.20 -24.50
CA LEU C 324 -16.21 -14.55 -24.46
C LEU C 324 -15.37 -15.51 -25.29
N LEU C 325 -14.94 -15.07 -26.48
CA LEU C 325 -14.09 -15.87 -27.34
C LEU C 325 -12.78 -16.20 -26.63
N LEU C 326 -12.27 -15.26 -25.85
CA LEU C 326 -11.03 -15.48 -25.13
C LEU C 326 -11.25 -16.56 -24.08
N VAL C 327 -12.31 -16.40 -23.32
CA VAL C 327 -12.57 -17.30 -22.20
C VAL C 327 -12.80 -18.73 -22.68
N LEU C 328 -13.60 -18.90 -23.74
CA LEU C 328 -13.99 -20.24 -24.22
C LEU C 328 -12.96 -20.97 -25.07
N VAL C 329 -12.34 -20.27 -26.03
CA VAL C 329 -11.42 -20.94 -26.94
C VAL C 329 -10.06 -20.27 -27.12
N GLY C 330 -9.86 -19.12 -26.47
CA GLY C 330 -8.62 -18.37 -26.61
C GLY C 330 -8.58 -17.51 -27.87
N GLY C 331 -9.74 -17.26 -28.45
CA GLY C 331 -9.85 -16.47 -29.65
C GLY C 331 -9.99 -14.98 -29.39
N ALA C 332 -10.43 -14.26 -30.42
CA ALA C 332 -10.42 -12.80 -30.39
C ALA C 332 -11.08 -12.20 -31.63
N GLU C 333 -11.71 -11.05 -31.47
CA GLU C 333 -12.25 -10.33 -32.60
C GLU C 333 -11.10 -9.47 -33.14
N ARG C 334 -11.07 -9.29 -34.46
CA ARG C 334 -10.00 -8.54 -35.12
C ARG C 334 -10.51 -7.39 -36.00
N SER C 335 -9.65 -6.40 -36.20
CA SER C 335 -9.94 -5.37 -37.18
C SER C 335 -9.69 -5.96 -38.57
N GLU C 336 -10.10 -5.25 -39.62
CA GLU C 336 -9.75 -5.67 -40.97
C GLU C 336 -8.23 -5.61 -41.20
N SER C 337 -7.60 -4.55 -40.69
CA SER C 337 -6.15 -4.44 -40.80
C SER C 337 -5.50 -5.70 -40.26
N GLU C 338 -5.89 -6.07 -39.03
CA GLU C 338 -5.32 -7.22 -38.36
C GLU C 338 -5.53 -8.48 -39.19
N PHE C 339 -6.71 -8.62 -39.76
CA PHE C 339 -6.98 -9.74 -40.65
C PHE C 339 -6.07 -9.67 -41.88
N ALA C 340 -5.91 -8.47 -42.44
CA ALA C 340 -5.12 -8.31 -43.67
C ALA C 340 -3.72 -8.79 -43.45
N ALA C 341 -3.21 -8.55 -42.24
CA ALA C 341 -1.85 -8.95 -41.89
C ALA C 341 -1.67 -10.46 -41.89
N LEU C 342 -2.68 -11.18 -41.44
CA LEU C 342 -2.60 -12.64 -41.37
C LEU C 342 -2.84 -13.22 -42.75
N LEU C 343 -3.78 -12.63 -43.49
CA LEU C 343 -4.01 -13.00 -44.88
C LEU C 343 -2.75 -12.83 -45.73
N GLU C 344 -2.09 -11.68 -45.59
CA GLU C 344 -0.85 -11.43 -46.32
C GLU C 344 0.17 -12.54 -46.05
N LYS C 345 0.35 -12.91 -44.78
CA LYS C 345 1.31 -13.96 -44.43
C LYS C 345 0.87 -15.31 -44.98
N SER C 346 -0.35 -15.36 -45.49
CA SER C 346 -0.91 -16.62 -45.98
C SER C 346 -1.08 -16.56 -47.49
N GLY C 347 -0.39 -15.62 -48.12
CA GLY C 347 -0.45 -15.50 -49.56
C GLY C 347 -1.83 -15.18 -50.10
N LEU C 348 -2.63 -14.49 -49.30
CA LEU C 348 -3.98 -14.08 -49.71
C LEU C 348 -4.12 -12.55 -49.66
N ARG C 349 -5.19 -12.03 -50.22
CA ARG C 349 -5.31 -10.58 -50.33
C ARG C 349 -6.73 -10.08 -50.19
N VAL C 350 -6.89 -9.01 -49.43
CA VAL C 350 -8.18 -8.35 -49.28
C VAL C 350 -8.58 -7.69 -50.59
N GLU C 351 -9.51 -8.32 -51.31
CA GLU C 351 -10.05 -7.74 -52.54
C GLU C 351 -11.00 -6.60 -52.21
N ARG C 352 -12.03 -6.89 -51.42
CA ARG C 352 -12.97 -5.87 -50.98
C ARG C 352 -13.64 -6.22 -49.66
N SER C 353 -13.88 -5.19 -48.84
CA SER C 353 -14.70 -5.34 -47.65
C SER C 353 -16.03 -4.66 -47.91
N LEU C 354 -17.09 -5.22 -47.34
CA LEU C 354 -18.43 -4.67 -47.54
C LEU C 354 -19.35 -5.03 -46.39
N PRO C 355 -20.29 -4.11 -46.07
CA PRO C 355 -21.24 -4.28 -44.96
C PRO C 355 -22.19 -5.45 -45.15
N CYS C 356 -22.55 -6.09 -44.04
CA CYS C 356 -23.48 -7.21 -44.03
C CYS C 356 -24.17 -7.24 -42.67
N GLY C 357 -25.43 -6.83 -42.61
CA GLY C 357 -26.13 -6.69 -41.35
C GLY C 357 -25.69 -5.45 -40.59
N ALA C 358 -26.51 -5.03 -39.63
CA ALA C 358 -26.21 -3.82 -38.85
C ALA C 358 -25.31 -4.12 -37.64
N GLY C 359 -24.87 -5.37 -37.51
CA GLY C 359 -23.96 -5.75 -36.45
C GLY C 359 -22.56 -5.32 -36.80
N PRO C 360 -21.56 -5.94 -36.16
CA PRO C 360 -20.21 -5.70 -36.63
C PRO C 360 -19.76 -6.79 -37.60
N VAL C 361 -20.71 -7.55 -38.15
CA VAL C 361 -20.36 -8.52 -39.16
C VAL C 361 -20.06 -7.84 -40.48
N ARG C 362 -19.00 -8.28 -41.14
CA ARG C 362 -18.66 -7.78 -42.45
C ARG C 362 -18.29 -8.99 -43.29
N ILE C 363 -18.59 -8.91 -44.58
CA ILE C 363 -18.06 -9.88 -45.52
C ILE C 363 -16.78 -9.31 -46.06
N VAL C 364 -15.72 -10.10 -46.03
CA VAL C 364 -14.44 -9.68 -46.56
C VAL C 364 -14.06 -10.61 -47.70
N GLU C 365 -14.18 -10.10 -48.92
CA GLU C 365 -13.79 -10.86 -50.11
C GLU C 365 -12.27 -10.93 -50.20
N ILE C 366 -11.75 -12.13 -50.45
CA ILE C 366 -10.31 -12.37 -50.47
C ILE C 366 -9.89 -13.19 -51.68
N ARG C 367 -8.84 -12.74 -52.36
CA ARG C 367 -8.26 -13.49 -53.46
C ARG C 367 -6.82 -13.83 -53.10
N ARG C 368 -6.17 -14.67 -53.89
CA ARG C 368 -4.78 -15.04 -53.60
C ARG C 368 -3.80 -13.89 -53.86
N ALA C 369 -2.68 -13.91 -53.14
CA ALA C 369 -1.68 -12.86 -53.27
C ALA C 369 -0.89 -13.01 -54.58
N GLY D 31 -10.19 19.93 6.85
CA GLY D 31 -8.87 19.87 7.44
C GLY D 31 -7.90 19.09 6.57
N THR D 32 -7.93 19.35 5.28
CA THR D 32 -7.08 18.65 4.31
C THR D 32 -5.57 18.88 4.55
N ALA D 33 -5.21 20.09 4.96
CA ALA D 33 -3.82 20.45 5.16
C ALA D 33 -3.32 20.10 6.55
N ALA D 34 -4.05 19.25 7.25
CA ALA D 34 -3.57 18.73 8.52
C ALA D 34 -2.32 17.88 8.25
N ARG D 35 -2.32 17.20 7.11
CA ARG D 35 -1.16 16.41 6.71
C ARG D 35 0.04 17.29 6.41
N ALA D 36 -0.20 18.47 5.84
CA ALA D 36 0.88 19.41 5.52
C ALA D 36 1.73 19.74 6.74
N ALA D 37 1.09 19.83 7.90
CA ALA D 37 1.81 20.08 9.14
C ALA D 37 2.52 18.81 9.57
N ALA D 38 1.84 17.68 9.45
CA ALA D 38 2.46 16.41 9.79
C ALA D 38 3.81 16.34 9.08
N GLU D 39 3.78 16.53 7.77
CA GLU D 39 4.97 16.48 6.95
C GLU D 39 6.04 17.51 7.37
N GLU D 40 5.62 18.75 7.62
CA GLU D 40 6.54 19.79 8.04
C GLU D 40 7.26 19.38 9.34
N THR D 41 6.49 18.90 10.32
CA THR D 41 7.06 18.45 11.59
C THR D 41 8.10 17.36 11.38
N VAL D 42 7.80 16.37 10.55
CA VAL D 42 8.74 15.28 10.32
C VAL D 42 9.95 15.76 9.51
N ASN D 43 9.73 16.70 8.59
CA ASN D 43 10.86 17.26 7.86
C ASN D 43 11.82 17.99 8.79
N ASP D 44 11.27 18.82 9.68
CA ASP D 44 12.08 19.54 10.69
C ASP D 44 12.85 18.59 11.60
N ILE D 45 12.31 17.40 11.82
CA ILE D 45 13.00 16.41 12.64
C ILE D 45 14.21 15.87 11.89
N LEU D 46 14.01 15.53 10.62
CA LEU D 46 15.12 15.04 9.79
C LEU D 46 16.25 16.05 9.72
N GLN D 47 15.92 17.32 9.53
CA GLN D 47 16.96 18.34 9.36
C GLN D 47 17.64 18.59 10.69
N GLY D 48 16.98 18.15 11.76
CA GLY D 48 17.54 18.27 13.08
C GLY D 48 18.88 17.58 13.14
N ALA D 49 19.06 16.52 12.37
CA ALA D 49 20.36 15.84 12.30
C ALA D 49 21.42 16.84 11.87
N TRP D 50 21.12 17.56 10.79
CA TRP D 50 22.06 18.55 10.26
C TRP D 50 22.24 19.69 11.23
N LYS D 51 21.19 20.05 11.96
CA LYS D 51 21.31 21.16 12.90
C LYS D 51 22.33 20.80 13.96
N ALA D 52 22.38 19.52 14.32
CA ALA D 52 23.28 19.06 15.36
C ALA D 52 24.72 18.96 14.85
N ARG D 53 24.90 18.48 13.62
CA ARG D 53 26.27 18.42 13.07
C ARG D 53 26.87 19.81 12.92
N ALA D 54 26.04 20.80 12.62
CA ALA D 54 26.55 22.18 12.50
C ALA D 54 27.10 22.71 13.82
N ILE D 55 26.44 22.38 14.93
CA ILE D 55 26.94 22.79 16.24
C ILE D 55 28.22 22.04 16.54
N HIS D 56 28.23 20.73 16.30
CA HIS D 56 29.43 19.94 16.40
C HIS D 56 30.60 20.58 15.67
N VAL D 57 30.34 21.09 14.46
CA VAL D 57 31.42 21.71 13.71
C VAL D 57 31.81 23.04 14.32
N ALA D 58 30.83 23.80 14.78
CA ALA D 58 31.11 25.08 15.40
C ALA D 58 31.99 24.93 16.66
N VAL D 59 31.76 23.92 17.48
CA VAL D 59 32.61 23.75 18.66
C VAL D 59 33.91 23.05 18.31
N GLU D 60 33.89 22.12 17.36
CA GLU D 60 35.17 21.59 16.89
C GLU D 60 36.14 22.70 16.42
N LEU D 61 35.62 23.71 15.71
CA LEU D 61 36.49 24.78 15.23
C LEU D 61 36.82 25.76 16.36
N GLY D 62 36.04 25.69 17.43
CA GLY D 62 36.22 26.60 18.53
C GLY D 62 35.71 28.00 18.25
N VAL D 63 34.62 28.12 17.51
CA VAL D 63 34.03 29.41 17.23
C VAL D 63 33.58 30.17 18.48
N PRO D 64 32.84 29.51 19.39
CA PRO D 64 32.25 30.26 20.50
C PRO D 64 33.27 30.98 21.42
N GLU D 65 34.48 30.45 21.56
CA GLU D 65 35.46 31.10 22.40
C GLU D 65 36.09 32.30 21.71
N LEU D 66 35.92 32.38 20.39
CA LEU D 66 36.44 33.51 19.65
C LEU D 66 35.50 34.69 19.77
N LEU D 67 34.29 34.43 20.25
CA LEU D 67 33.28 35.48 20.32
C LEU D 67 33.12 36.08 21.71
N GLN D 68 34.03 35.73 22.62
CA GLN D 68 33.92 36.15 24.02
C GLN D 68 34.29 37.60 24.25
N GLU D 69 35.12 38.15 23.37
CA GLU D 69 35.58 39.52 23.51
C GLU D 69 34.84 40.48 22.58
N GLY D 70 33.61 40.10 22.20
CA GLY D 70 32.80 40.94 21.32
C GLY D 70 32.60 40.30 19.96
N PRO D 71 31.71 40.89 19.14
CA PRO D 71 31.40 40.34 17.82
C PRO D 71 32.63 40.24 16.93
N ARG D 72 32.60 39.29 16.00
CA ARG D 72 33.69 39.09 15.06
C ARG D 72 33.11 38.75 13.70
N THR D 73 33.84 39.13 12.65
CA THR D 73 33.41 38.85 11.29
C THR D 73 33.62 37.37 11.00
N ALA D 74 32.82 36.82 10.11
CA ALA D 74 33.04 35.44 9.67
C ALA D 74 34.42 35.30 9.04
N THR D 75 34.93 36.38 8.45
CA THR D 75 36.28 36.39 7.87
C THR D 75 37.36 36.19 8.94
N ALA D 76 37.29 36.98 10.00
CA ALA D 76 38.22 36.80 11.11
C ALA D 76 38.05 35.40 11.72
N LEU D 77 36.81 34.98 11.86
CA LEU D 77 36.50 33.67 12.43
C LEU D 77 37.07 32.54 11.59
N ALA D 78 37.03 32.68 10.28
CA ALA D 78 37.52 31.63 9.37
C ALA D 78 39.02 31.52 9.44
N GLU D 79 39.67 32.69 9.44
CA GLU D 79 41.11 32.78 9.51
C GLU D 79 41.60 32.14 10.81
N ALA D 80 40.97 32.49 11.91
CA ALA D 80 41.36 32.00 13.23
C ALA D 80 41.06 30.52 13.47
N THR D 81 40.13 29.93 12.73
CA THR D 81 39.79 28.52 12.94
C THR D 81 40.32 27.60 11.86
N GLY D 82 40.88 28.18 10.79
CA GLY D 82 41.29 27.41 9.63
C GLY D 82 40.12 26.92 8.78
N ALA D 83 39.04 27.70 8.74
CA ALA D 83 37.86 27.36 7.95
C ALA D 83 37.76 28.17 6.66
N HIS D 84 37.16 27.54 5.64
CA HIS D 84 36.89 28.21 4.37
C HIS D 84 35.90 29.34 4.60
N GLU D 85 36.28 30.56 4.21
CA GLU D 85 35.57 31.74 4.66
C GLU D 85 34.09 31.73 4.30
N GLN D 86 33.79 31.52 3.02
CA GLN D 86 32.41 31.53 2.55
C GLN D 86 31.61 30.40 3.17
N THR D 87 32.22 29.23 3.31
CA THR D 87 31.52 28.08 3.85
C THR D 87 31.24 28.24 5.35
N LEU D 88 32.13 28.90 6.07
CA LEU D 88 31.88 29.14 7.50
C LEU D 88 30.77 30.16 7.66
N ARG D 89 30.70 31.09 6.71
CA ARG D 89 29.67 32.12 6.73
C ARG D 89 28.30 31.48 6.53
N ARG D 90 28.25 30.47 5.66
CA ARG D 90 27.01 29.74 5.44
C ARG D 90 26.62 29.03 6.75
N LEU D 91 27.57 28.34 7.35
CA LEU D 91 27.33 27.67 8.63
C LEU D 91 26.75 28.59 9.69
N LEU D 92 27.38 29.75 9.90
CA LEU D 92 26.93 30.68 10.94
C LEU D 92 25.58 31.34 10.67
N ARG D 93 25.36 31.70 9.41
CA ARG D 93 24.07 32.21 8.96
C ARG D 93 22.97 31.22 9.32
N LEU D 94 23.23 29.95 9.01
CA LEU D 94 22.30 28.88 9.31
C LEU D 94 22.05 28.78 10.82
N LEU D 95 23.14 28.74 11.58
CA LEU D 95 23.02 28.55 13.02
C LEU D 95 22.21 29.68 13.64
N ALA D 96 22.54 30.90 13.24
CA ALA D 96 21.89 32.10 13.74
C ALA D 96 20.39 32.05 13.48
N THR D 97 20.03 31.46 12.33
CA THR D 97 18.64 31.33 11.92
C THR D 97 17.86 30.39 12.83
N VAL D 98 18.56 29.45 13.44
CA VAL D 98 17.92 28.53 14.37
C VAL D 98 18.30 28.89 15.80
N GLY D 99 18.81 30.09 15.99
CA GLY D 99 19.00 30.64 17.33
C GLY D 99 20.35 30.45 17.97
N VAL D 100 21.30 29.84 17.26
CA VAL D 100 22.64 29.68 17.81
C VAL D 100 23.57 30.73 17.18
N PHE D 101 24.11 31.62 18.01
CA PHE D 101 24.84 32.82 17.59
C PHE D 101 23.86 33.87 17.11
N ASP D 102 24.28 35.13 17.16
CA ASP D 102 23.47 36.19 16.56
C ASP D 102 24.09 36.73 15.27
N ASP D 103 23.34 36.65 14.17
CA ASP D 103 23.78 37.23 12.89
C ASP D 103 23.46 38.73 12.90
N LEU D 104 24.47 39.55 13.14
CA LEU D 104 24.25 40.99 13.34
C LEU D 104 23.62 41.71 12.15
N GLY D 105 23.79 41.16 10.95
CA GLY D 105 23.05 41.65 9.80
C GLY D 105 23.76 42.76 9.04
N HIS D 106 25.07 42.84 9.21
CA HIS D 106 25.85 43.88 8.60
C HIS D 106 27.31 43.61 8.89
N ASP D 107 28.17 43.97 7.95
CA ASP D 107 29.61 43.91 8.14
C ASP D 107 30.13 42.51 8.42
N ASP D 108 29.33 41.49 8.18
CA ASP D 108 29.77 40.11 8.33
C ASP D 108 29.96 39.74 9.81
N LEU D 109 29.27 40.44 10.69
CA LEU D 109 29.52 40.27 12.12
C LEU D 109 28.57 39.26 12.75
N PHE D 110 29.13 38.39 13.59
CA PHE D 110 28.33 37.46 14.41
C PHE D 110 28.72 37.62 15.87
N ALA D 111 27.78 37.40 16.78
CA ALA D 111 28.07 37.57 18.20
C ALA D 111 27.53 36.44 19.02
N GLN D 112 28.10 36.28 20.21
CA GLN D 112 27.64 35.31 21.18
C GLN D 112 26.18 35.59 21.53
N ASN D 113 25.41 34.55 21.75
CA ASN D 113 24.10 34.71 22.38
C ASN D 113 23.85 33.62 23.40
N ALA D 114 22.72 33.71 24.10
CA ALA D 114 22.41 32.80 25.21
C ALA D 114 22.78 31.36 24.91
N LEU D 115 22.40 30.91 23.71
CA LEU D 115 22.52 29.52 23.33
C LEU D 115 23.94 29.13 22.95
N SER D 116 24.64 30.03 22.29
CA SER D 116 26.00 29.72 21.88
C SER D 116 26.95 29.83 23.08
N ALA D 117 26.61 30.70 24.04
CA ALA D 117 27.42 30.84 25.25
C ALA D 117 27.47 29.52 26.01
N VAL D 118 26.38 28.76 25.96
CA VAL D 118 26.32 27.43 26.57
C VAL D 118 27.44 26.54 26.02
N LEU D 119 27.99 26.91 24.87
CA LEU D 119 28.95 26.07 24.19
C LEU D 119 30.40 26.40 24.52
N LEU D 120 30.61 27.50 25.26
CA LEU D 120 31.96 27.85 25.71
C LEU D 120 32.57 26.62 26.34
N PRO D 121 33.81 26.32 25.97
CA PRO D 121 34.44 25.12 26.51
C PRO D 121 34.73 25.31 28.00
N ASP D 122 34.38 24.32 28.80
CA ASP D 122 34.54 24.43 30.24
C ASP D 122 34.45 23.01 30.80
N PRO D 123 35.48 22.58 31.54
CA PRO D 123 35.49 21.23 32.11
C PRO D 123 34.22 20.97 32.88
N ALA D 124 33.56 22.04 33.32
CA ALA D 124 32.37 21.97 34.16
C ALA D 124 31.03 22.07 33.41
N SER D 125 31.08 22.19 32.08
CA SER D 125 29.84 22.31 31.30
C SER D 125 29.46 20.99 30.61
N PRO D 126 28.37 20.37 31.08
CA PRO D 126 27.83 19.14 30.48
C PRO D 126 27.58 19.30 28.99
N VAL D 127 26.82 20.32 28.61
CA VAL D 127 26.44 20.48 27.21
C VAL D 127 27.65 20.75 26.32
N ALA D 128 28.53 21.65 26.77
CA ALA D 128 29.68 22.04 25.98
C ALA D 128 30.67 20.89 25.79
N THR D 129 30.90 20.12 26.84
CA THR D 129 31.81 18.99 26.73
C THR D 129 31.19 17.85 25.91
N ASP D 130 29.87 17.66 26.04
CA ASP D 130 29.19 16.60 25.29
C ASP D 130 29.12 16.97 23.79
N ALA D 131 28.94 18.26 23.51
CA ALA D 131 28.91 18.72 22.13
C ALA D 131 30.23 18.36 21.47
N ARG D 132 31.32 18.64 22.16
CA ARG D 132 32.66 18.38 21.62
C ARG D 132 32.93 16.90 21.47
N PHE D 133 32.37 16.11 22.38
CA PHE D 133 32.54 14.67 22.38
C PHE D 133 31.76 14.10 21.17
N GLN D 134 30.57 14.65 20.91
CA GLN D 134 29.73 14.18 19.81
C GLN D 134 30.30 14.59 18.44
N ALA D 135 31.08 15.67 18.42
CA ALA D 135 31.71 16.11 17.18
C ALA D 135 32.64 15.04 16.62
N ALA D 136 33.19 14.22 17.49
CA ALA D 136 34.13 13.22 17.02
C ALA D 136 33.45 12.34 15.99
N PRO D 137 34.16 12.01 14.91
CA PRO D 137 33.64 11.20 13.80
C PRO D 137 33.18 9.80 14.20
N TRP D 138 33.95 9.13 15.06
CA TRP D 138 33.60 7.80 15.51
C TRP D 138 32.33 7.79 16.36
N HIS D 139 32.01 8.91 16.96
CA HIS D 139 30.78 9.02 17.74
C HIS D 139 29.60 9.02 16.75
N TRP D 140 29.68 9.93 15.79
CA TRP D 140 28.70 10.00 14.71
C TRP D 140 28.63 8.68 13.92
N ARG D 141 29.77 8.08 13.63
CA ARG D 141 29.77 6.80 12.91
C ARG D 141 29.01 5.68 13.67
N ALA D 142 29.03 5.73 14.99
CA ALA D 142 28.29 4.72 15.73
C ALA D 142 26.80 4.84 15.40
N TRP D 143 26.29 6.07 15.38
CA TRP D 143 24.90 6.32 15.05
C TRP D 143 24.55 5.93 13.61
N GLU D 144 25.57 5.90 12.76
CA GLU D 144 25.37 5.49 11.39
C GLU D 144 24.81 4.07 11.37
N GLN D 145 25.23 3.28 12.34
CA GLN D 145 24.88 1.86 12.36
C GLN D 145 23.83 1.53 13.41
N LEU D 146 23.04 2.53 13.78
CA LEU D 146 21.99 2.32 14.76
C LEU D 146 21.19 1.09 14.38
N THR D 147 20.93 0.92 13.10
CA THR D 147 20.14 -0.22 12.62
C THR D 147 20.71 -1.56 13.08
N HIS D 148 22.02 -1.66 13.14
CA HIS D 148 22.67 -2.86 13.66
C HIS D 148 22.32 -3.11 15.14
N SER D 149 22.35 -2.07 15.97
CA SER D 149 21.95 -2.21 17.36
C SER D 149 20.52 -2.72 17.47
N VAL D 150 19.61 -2.09 16.76
CA VAL D 150 18.20 -2.47 16.78
C VAL D 150 17.97 -3.91 16.34
N ARG D 151 18.84 -4.41 15.47
CA ARG D 151 18.71 -5.78 14.97
C ARG D 151 19.30 -6.84 15.89
N THR D 152 20.28 -6.46 16.71
CA THR D 152 21.06 -7.46 17.44
C THR D 152 21.08 -7.23 18.94
N GLY D 153 20.69 -6.04 19.38
CA GLY D 153 20.77 -5.67 20.79
C GLY D 153 22.17 -5.29 21.22
N GLU D 154 23.11 -5.30 20.26
CA GLU D 154 24.50 -4.99 20.57
C GLU D 154 24.92 -3.57 20.20
N ALA D 155 26.05 -3.16 20.76
CA ALA D 155 26.59 -1.85 20.48
C ALA D 155 26.99 -1.77 19.01
N SER D 156 26.59 -0.68 18.35
CA SER D 156 26.92 -0.47 16.94
C SER D 156 28.32 0.13 16.82
N PHE D 157 28.80 0.69 17.92
CA PHE D 157 30.13 1.28 17.92
C PHE D 157 31.16 0.29 17.38
N ASP D 158 30.98 -0.98 17.71
CA ASP D 158 32.01 -1.96 17.37
C ASP D 158 32.12 -2.17 15.87
N VAL D 159 30.98 -2.27 15.18
CA VAL D 159 30.98 -2.56 13.74
C VAL D 159 31.25 -1.32 12.92
N ALA D 160 30.86 -0.16 13.43
CA ALA D 160 31.09 1.10 12.72
C ALA D 160 32.55 1.46 12.76
N ASN D 161 33.18 1.33 13.93
CA ASN D 161 34.51 1.88 14.13
C ASN D 161 35.62 0.85 14.16
N GLY D 162 35.26 -0.43 14.03
CA GLY D 162 36.23 -1.51 14.08
C GLY D 162 36.94 -1.71 15.42
N THR D 163 36.30 -1.29 16.51
CA THR D 163 36.85 -1.47 17.85
C THR D 163 35.86 -1.00 18.91
N SER D 164 35.88 -1.63 20.09
CA SER D 164 34.98 -1.24 21.16
C SER D 164 35.27 0.19 21.60
N PHE D 165 34.26 0.82 22.21
CA PHE D 165 34.41 2.14 22.80
C PHE D 165 35.46 2.15 23.92
N TRP D 166 35.51 1.09 24.72
CA TRP D 166 36.49 1.05 25.82
C TRP D 166 37.89 0.84 25.23
N GLN D 167 37.96 0.02 24.20
CA GLN D 167 39.23 -0.20 23.52
C GLN D 167 39.76 1.11 22.95
N LEU D 168 38.88 1.85 22.29
CA LEU D 168 39.28 3.11 21.67
C LEU D 168 39.71 4.14 22.71
N THR D 169 38.99 4.24 23.81
CA THR D 169 39.36 5.22 24.82
C THR D 169 40.61 4.78 25.57
N HIS D 170 41.04 3.55 25.33
CA HIS D 170 42.27 3.07 25.95
C HIS D 170 43.49 3.41 25.10
N GLU D 171 43.32 3.36 23.78
CA GLU D 171 44.42 3.55 22.84
C GLU D 171 44.57 5.00 22.38
N ASP D 172 43.48 5.74 22.42
CA ASP D 172 43.44 7.05 21.80
C ASP D 172 43.29 8.14 22.86
N PRO D 173 44.40 8.77 23.23
CA PRO D 173 44.40 9.84 24.24
C PRO D 173 43.39 10.97 23.96
N LYS D 174 43.13 11.26 22.69
CA LYS D 174 42.17 12.30 22.33
C LYS D 174 40.73 11.86 22.58
N ALA D 175 40.39 10.66 22.13
CA ALA D 175 39.06 10.11 22.38
C ALA D 175 38.84 9.95 23.89
N ARG D 176 39.87 9.47 24.58
CA ARG D 176 39.80 9.28 26.02
C ARG D 176 39.52 10.62 26.71
N GLU D 177 40.19 11.67 26.25
CA GLU D 177 40.00 12.99 26.83
C GLU D 177 38.61 13.55 26.57
N LEU D 178 38.10 13.33 25.37
CA LEU D 178 36.79 13.85 25.03
C LEU D 178 35.71 13.22 25.92
N PHE D 179 35.78 11.92 26.09
CA PHE D 179 34.84 11.20 26.97
C PHE D 179 34.99 11.61 28.44
N ASN D 180 36.22 11.61 28.92
CA ASN D 180 36.49 11.97 30.31
C ASN D 180 36.02 13.38 30.66
N ARG D 181 36.27 14.33 29.76
CA ARG D 181 35.78 15.70 29.94
C ARG D 181 34.26 15.75 29.95
N ALA D 182 33.64 15.00 29.04
CA ALA D 182 32.19 15.01 28.94
C ALA D 182 31.58 14.32 30.17
N MSE D 183 32.17 13.20 30.59
CA MSE D 183 31.74 12.56 31.83
C MSE D 183 32.14 13.39 33.05
O MSE D 183 31.44 13.39 34.07
CB MSE D 183 32.30 11.14 31.97
CG MSE D 183 31.85 10.40 33.26
SE MSE D 183 29.96 9.82 33.22
CE MSE D 183 29.78 9.73 31.29
N GLY D 184 33.25 14.12 32.92
CA GLY D 184 33.82 14.85 34.04
C GLY D 184 32.96 16.02 34.50
N SER D 185 32.24 16.61 33.55
CA SER D 185 31.48 17.82 33.80
C SER D 185 30.17 17.49 34.49
N VAL D 186 29.57 16.38 34.04
CA VAL D 186 28.37 15.85 34.64
C VAL D 186 28.71 15.46 36.07
N SER D 187 29.83 14.74 36.22
CA SER D 187 30.28 14.28 37.52
C SER D 187 30.46 15.42 38.54
N LEU D 188 31.06 16.52 38.08
CA LEU D 188 31.32 17.66 38.94
C LEU D 188 30.06 18.21 39.56
N THR D 189 29.03 18.37 38.75
CA THR D 189 27.77 18.88 39.26
C THR D 189 27.00 17.82 40.06
N GLU D 190 27.37 16.55 39.92
CA GLU D 190 26.75 15.47 40.70
C GLU D 190 27.49 15.19 42.03
N ALA D 191 28.79 15.45 42.07
CA ALA D 191 29.60 15.10 43.23
C ALA D 191 29.10 15.77 44.50
N GLY D 192 28.96 17.09 44.45
CA GLY D 192 28.52 17.85 45.60
C GLY D 192 27.15 17.47 46.09
N GLN D 193 26.30 17.01 45.18
CA GLN D 193 24.92 16.68 45.53
C GLN D 193 24.81 15.30 46.18
N VAL D 194 25.66 14.38 45.77
CA VAL D 194 25.70 13.07 46.42
C VAL D 194 26.29 13.18 47.82
N ALA D 195 27.30 14.04 47.99
CA ALA D 195 27.92 14.21 49.30
C ALA D 195 26.96 14.83 50.31
N ALA D 196 25.85 15.39 49.82
CA ALA D 196 24.90 16.08 50.68
C ALA D 196 23.62 15.28 50.87
N ALA D 197 23.46 14.21 50.11
CA ALA D 197 22.25 13.42 50.20
C ALA D 197 22.46 12.19 51.07
N TYR D 198 23.71 11.92 51.41
CA TYR D 198 24.07 10.71 52.14
C TYR D 198 25.09 10.94 53.27
N ASP D 199 24.74 10.48 54.47
CA ASP D 199 25.60 10.62 55.64
C ASP D 199 26.74 9.61 55.64
N PHE D 200 27.93 10.08 55.34
CA PHE D 200 29.12 9.23 55.31
C PHE D 200 29.84 9.16 56.67
N SER D 201 29.38 9.96 57.64
CA SER D 201 29.98 9.92 58.97
C SER D 201 29.55 8.61 59.61
N GLY D 202 30.51 7.82 60.04
CA GLY D 202 30.23 6.48 60.50
C GLY D 202 30.99 5.52 59.62
N ALA D 203 31.49 6.06 58.50
CA ALA D 203 32.30 5.29 57.58
C ALA D 203 33.77 5.66 57.70
N ALA D 204 34.61 4.64 57.83
CA ALA D 204 36.04 4.86 57.90
C ALA D 204 36.63 4.82 56.50
N THR D 205 36.06 3.97 55.66
CA THR D 205 36.58 3.78 54.31
C THR D 205 35.47 3.75 53.28
N ALA D 206 35.71 4.43 52.16
CA ALA D 206 34.83 4.39 50.99
C ALA D 206 35.65 4.03 49.76
N VAL D 207 35.15 3.09 48.97
CA VAL D 207 35.79 2.73 47.71
C VAL D 207 34.93 3.23 46.55
N ASP D 208 35.53 3.94 45.59
CA ASP D 208 34.78 4.37 44.41
C ASP D 208 35.12 3.51 43.20
N ILE D 209 34.15 2.73 42.74
CA ILE D 209 34.38 1.78 41.67
C ILE D 209 34.22 2.45 40.31
N GLY D 210 35.33 2.58 39.59
CA GLY D 210 35.34 3.25 38.30
C GLY D 210 34.90 4.70 38.42
N GLY D 211 35.56 5.42 39.32
CA GLY D 211 35.15 6.77 39.67
C GLY D 211 35.65 7.87 38.75
N GLY D 212 36.07 7.50 37.54
CA GLY D 212 36.49 8.46 36.55
C GLY D 212 37.61 9.34 37.05
N ARG D 213 37.38 10.65 37.09
CA ARG D 213 38.41 11.60 37.48
C ARG D 213 38.34 12.00 38.96
N GLY D 214 37.49 11.30 39.72
CA GLY D 214 37.49 11.39 41.17
C GLY D 214 36.82 12.61 41.78
N SER D 215 35.89 13.23 41.08
CA SER D 215 35.25 14.41 41.65
C SER D 215 34.19 14.01 42.67
N LEU D 216 33.64 12.82 42.52
CA LEU D 216 32.73 12.29 43.54
C LEU D 216 33.49 11.96 44.81
N MSE D 217 34.57 11.20 44.68
CA MSE D 217 35.44 10.91 45.82
C MSE D 217 35.87 12.20 46.48
O MSE D 217 35.81 12.34 47.70
CB MSE D 217 36.67 10.11 45.39
CG MSE D 217 37.53 9.65 46.58
SE MSE D 217 36.52 8.51 47.82
CE MSE D 217 36.68 6.83 46.87
N ALA D 218 36.31 13.16 45.66
CA ALA D 218 36.83 14.43 46.18
C ALA D 218 35.78 15.26 46.92
N ALA D 219 34.52 15.17 46.50
CA ALA D 219 33.45 15.92 47.16
C ALA D 219 33.09 15.30 48.50
N VAL D 220 33.22 13.97 48.57
CA VAL D 220 32.84 13.23 49.77
C VAL D 220 33.92 13.34 50.85
N LEU D 221 35.18 13.16 50.48
CA LEU D 221 36.29 13.35 51.41
C LEU D 221 36.21 14.73 52.05
N ASP D 222 36.13 15.77 51.23
CA ASP D 222 36.04 17.15 51.73
C ASP D 222 34.96 17.31 52.79
N ALA D 223 33.79 16.71 52.56
CA ALA D 223 32.66 16.86 53.49
C ALA D 223 32.68 15.88 54.66
N PHE D 224 33.66 14.99 54.67
CA PHE D 224 33.80 14.02 55.74
C PHE D 224 35.28 13.81 56.03
N PRO D 225 35.84 14.70 56.86
CA PRO D 225 37.29 14.80 57.09
C PRO D 225 37.90 13.51 57.61
N GLY D 226 37.10 12.67 58.25
CA GLY D 226 37.58 11.44 58.83
C GLY D 226 37.57 10.23 57.91
N LEU D 227 36.95 10.39 56.75
CA LEU D 227 36.88 9.31 55.76
C LEU D 227 38.23 9.03 55.12
N ARG D 228 38.50 7.75 54.87
CA ARG D 228 39.60 7.37 54.00
C ARG D 228 38.95 6.85 52.73
N GLY D 229 39.55 7.12 51.58
CA GLY D 229 38.96 6.74 50.31
C GLY D 229 39.88 5.92 49.43
N THR D 230 39.30 5.16 48.53
CA THR D 230 40.06 4.46 47.50
C THR D 230 39.37 4.62 46.17
N LEU D 231 40.14 5.02 45.15
CA LEU D 231 39.56 5.14 43.81
C LEU D 231 40.06 4.04 42.88
N LEU D 232 39.12 3.35 42.27
CA LEU D 232 39.43 2.33 41.28
C LEU D 232 39.10 2.80 39.85
N GLU D 233 40.09 2.72 38.95
CA GLU D 233 39.90 3.13 37.57
C GLU D 233 40.92 2.49 36.65
N ARG D 234 40.61 2.50 35.36
CA ARG D 234 41.58 2.08 34.36
C ARG D 234 42.79 2.97 34.46
N PRO D 235 43.97 2.38 34.25
CA PRO D 235 45.25 3.05 34.52
C PRO D 235 45.33 4.49 34.02
N PRO D 236 45.01 4.75 32.73
CA PRO D 236 45.20 6.12 32.25
C PRO D 236 44.28 7.12 32.96
N VAL D 237 43.06 6.69 33.27
CA VAL D 237 42.09 7.52 33.99
C VAL D 237 42.48 7.69 35.46
N ALA D 238 42.95 6.61 36.08
CA ALA D 238 43.48 6.65 37.44
C ALA D 238 44.46 7.81 37.60
N GLU D 239 45.39 7.92 36.66
CA GLU D 239 46.35 9.01 36.69
C GLU D 239 45.66 10.38 36.62
N GLU D 240 44.62 10.49 35.80
CA GLU D 240 43.85 11.73 35.74
C GLU D 240 43.24 12.04 37.12
N ALA D 241 42.66 11.03 37.76
CA ALA D 241 42.08 11.21 39.08
C ALA D 241 43.13 11.59 40.12
N ARG D 242 44.29 10.96 40.06
CA ARG D 242 45.39 11.30 40.97
C ARG D 242 45.69 12.79 40.87
N GLU D 243 45.70 13.29 39.64
CA GLU D 243 45.99 14.70 39.37
C GLU D 243 44.92 15.62 39.96
N LEU D 244 43.66 15.20 39.82
CA LEU D 244 42.54 16.01 40.32
C LEU D 244 42.46 15.99 41.84
N LEU D 245 42.63 14.82 42.43
CA LEU D 245 42.60 14.70 43.88
C LEU D 245 43.79 15.41 44.50
N THR D 246 44.99 15.14 43.98
CA THR D 246 46.20 15.82 44.47
C THR D 246 45.99 17.32 44.56
N GLY D 247 45.59 17.92 43.43
CA GLY D 247 45.33 19.35 43.39
C GLY D 247 44.19 19.82 44.26
N ARG D 248 43.47 18.87 44.86
CA ARG D 248 42.40 19.19 45.80
C ARG D 248 42.87 19.08 47.25
N GLY D 249 44.15 18.76 47.42
CA GLY D 249 44.76 18.66 48.74
C GLY D 249 44.29 17.45 49.51
N LEU D 250 43.89 16.40 48.79
CA LEU D 250 43.33 15.18 49.37
C LEU D 250 44.18 13.98 49.02
N ALA D 251 45.38 14.23 48.49
CA ALA D 251 46.24 13.17 47.96
C ALA D 251 46.64 12.13 49.01
N ASP D 252 46.57 12.50 50.28
CA ASP D 252 46.98 11.61 51.37
C ASP D 252 45.78 10.87 51.93
N ARG D 253 44.58 11.36 51.60
CA ARG D 253 43.35 10.78 52.10
C ARG D 253 42.75 9.76 51.16
N CYS D 254 43.29 9.63 49.96
CA CYS D 254 42.73 8.71 48.97
C CYS D 254 43.77 7.87 48.23
N GLU D 255 43.64 6.56 48.34
CA GLU D 255 44.46 5.64 47.57
C GLU D 255 43.98 5.62 46.11
N ILE D 256 44.93 5.50 45.18
CA ILE D 256 44.60 5.30 43.79
C ILE D 256 45.04 3.91 43.38
N LEU D 257 44.10 3.13 42.86
CA LEU D 257 44.40 1.77 42.42
C LEU D 257 44.08 1.59 40.93
N PRO D 258 45.09 1.67 40.07
CA PRO D 258 44.95 1.38 38.65
C PRO D 258 44.48 -0.06 38.45
N GLY D 259 43.18 -0.29 38.39
CA GLY D 259 42.68 -1.66 38.43
C GLY D 259 41.71 -2.07 37.36
N ASP D 260 40.68 -2.79 37.78
CA ASP D 260 39.73 -3.43 36.88
C ASP D 260 38.61 -3.94 37.77
N PHE D 261 37.36 -3.57 37.49
CA PHE D 261 36.26 -3.97 38.36
C PHE D 261 35.47 -5.19 37.87
N PHE D 262 36.04 -5.95 36.95
CA PHE D 262 35.50 -7.27 36.61
C PHE D 262 36.36 -8.27 37.38
N GLU D 263 37.50 -7.78 37.88
CA GLU D 263 38.46 -8.58 38.64
C GLU D 263 38.68 -8.02 40.04
N THR D 264 39.38 -6.90 40.13
CA THR D 264 39.78 -6.36 41.45
C THR D 264 38.82 -5.35 42.09
N ILE D 265 38.56 -5.58 43.38
CA ILE D 265 37.84 -4.65 44.25
C ILE D 265 38.41 -4.86 45.66
N PRO D 266 38.62 -3.77 46.42
CA PRO D 266 39.13 -3.88 47.79
C PRO D 266 38.12 -4.54 48.75
N ASP D 267 38.59 -5.42 49.63
CA ASP D 267 37.72 -6.06 50.61
C ASP D 267 37.53 -5.21 51.85
N GLY D 268 36.40 -5.40 52.52
CA GLY D 268 36.19 -4.87 53.86
C GLY D 268 35.95 -3.38 53.99
N ALA D 269 35.64 -2.71 52.88
CA ALA D 269 35.36 -1.28 52.93
C ALA D 269 34.02 -1.04 53.61
N ASP D 270 33.80 0.16 54.13
CA ASP D 270 32.56 0.47 54.80
C ASP D 270 31.47 0.86 53.81
N VAL D 271 31.86 1.64 52.79
CA VAL D 271 30.94 2.04 51.75
C VAL D 271 31.59 1.95 50.38
N TYR D 272 30.88 1.35 49.44
CA TYR D 272 31.29 1.33 48.04
C TYR D 272 30.37 2.22 47.23
N LEU D 273 30.95 2.84 46.21
CA LEU D 273 30.20 3.71 45.33
C LEU D 273 30.42 3.27 43.88
N ILE D 274 29.40 3.49 43.07
CA ILE D 274 29.51 3.14 41.67
C ILE D 274 28.52 4.02 40.95
N LYS D 275 29.05 4.95 40.17
CA LYS D 275 28.26 6.00 39.58
C LYS D 275 28.39 5.96 38.06
N HIS D 276 27.24 5.86 37.39
CA HIS D 276 27.21 5.87 35.95
C HIS D 276 28.20 4.86 35.42
N VAL D 277 28.22 3.69 36.06
CA VAL D 277 29.00 2.57 35.55
C VAL D 277 28.09 1.46 35.06
N LEU D 278 27.19 1.03 35.92
CA LEU D 278 26.37 -0.14 35.64
C LEU D 278 25.51 0.00 34.38
N HIS D 279 24.96 1.19 34.14
CA HIS D 279 24.14 1.36 32.95
C HIS D 279 24.93 1.15 31.66
N ASP D 280 26.25 1.00 31.78
CA ASP D 280 27.13 0.77 30.65
C ASP D 280 27.12 -0.68 30.22
N TRP D 281 26.42 -1.52 30.96
CA TRP D 281 26.56 -2.96 30.77
C TRP D 281 25.23 -3.68 30.62
N ASP D 282 25.27 -4.83 29.96
CA ASP D 282 24.10 -5.69 29.83
C ASP D 282 23.83 -6.40 31.16
N ASP D 283 22.66 -7.03 31.27
CA ASP D 283 22.20 -7.64 32.52
C ASP D 283 23.25 -8.58 33.09
N ASP D 284 23.74 -9.50 32.28
CA ASP D 284 24.74 -10.47 32.73
C ASP D 284 25.98 -9.78 33.28
N ASP D 285 26.42 -8.74 32.60
CA ASP D 285 27.60 -8.02 33.01
C ASP D 285 27.34 -7.20 34.28
N VAL D 286 26.14 -6.63 34.39
CA VAL D 286 25.79 -5.90 35.59
C VAL D 286 25.83 -6.87 36.77
N VAL D 287 25.38 -8.09 36.51
CA VAL D 287 25.33 -9.12 37.54
C VAL D 287 26.74 -9.58 37.93
N ARG D 288 27.62 -9.71 36.94
CA ARG D 288 28.99 -10.11 37.24
C ARG D 288 29.66 -9.11 38.16
N ILE D 289 29.38 -7.83 37.94
CA ILE D 289 30.00 -6.76 38.71
C ILE D 289 29.43 -6.71 40.13
N LEU D 290 28.12 -6.86 40.23
CA LEU D 290 27.44 -6.85 41.52
C LEU D 290 27.89 -7.99 42.46
N ARG D 291 28.09 -9.18 41.90
CA ARG D 291 28.54 -10.32 42.70
C ARG D 291 29.96 -10.10 43.17
N ARG D 292 30.74 -9.37 42.38
CA ARG D 292 32.11 -9.07 42.76
C ARG D 292 32.12 -8.10 43.94
N ILE D 293 31.19 -7.16 43.93
CA ILE D 293 31.09 -6.19 45.01
C ILE D 293 30.55 -6.88 46.26
N ALA D 294 29.52 -7.69 46.09
CA ALA D 294 28.93 -8.43 47.20
C ALA D 294 29.99 -9.18 48.01
N THR D 295 30.79 -10.00 47.32
CA THR D 295 31.78 -10.83 47.97
C THR D 295 32.85 -10.04 48.72
N ALA D 296 32.99 -8.76 48.37
CA ALA D 296 33.97 -7.90 49.03
C ALA D 296 33.36 -7.08 50.17
N MSE D 297 32.04 -7.13 50.30
CA MSE D 297 31.35 -6.35 51.32
C MSE D 297 31.32 -7.01 52.70
O MSE D 297 31.13 -8.24 52.82
CB MSE D 297 29.92 -6.05 50.87
CG MSE D 297 29.81 -4.95 49.83
SE MSE D 297 27.99 -4.79 49.16
CE MSE D 297 27.16 -3.71 50.55
N LYS D 298 31.48 -6.21 53.74
CA LYS D 298 31.19 -6.65 55.11
C LYS D 298 29.69 -6.67 55.33
N PRO D 299 29.22 -7.56 56.23
CA PRO D 299 27.80 -7.66 56.60
C PRO D 299 27.16 -6.30 56.87
N ASP D 300 27.96 -5.36 57.38
CA ASP D 300 27.51 -4.00 57.69
C ASP D 300 27.85 -2.96 56.60
N SER D 301 28.65 -3.35 55.61
CA SER D 301 29.00 -2.45 54.50
C SER D 301 27.77 -1.97 53.72
N ARG D 302 27.93 -0.88 52.99
CA ARG D 302 26.85 -0.39 52.15
C ARG D 302 27.37 -0.04 50.76
N LEU D 303 26.57 -0.40 49.76
CA LEU D 303 26.86 -0.06 48.38
C LEU D 303 25.91 1.06 47.99
N LEU D 304 26.47 2.12 47.40
CA LEU D 304 25.63 3.17 46.83
C LEU D 304 25.72 3.08 45.33
N VAL D 305 24.68 2.56 44.70
CA VAL D 305 24.61 2.55 43.25
C VAL D 305 24.01 3.87 42.81
N ILE D 306 24.81 4.66 42.08
CA ILE D 306 24.36 5.97 41.65
C ILE D 306 24.22 6.03 40.13
N ASP D 307 23.01 6.24 39.64
CA ASP D 307 22.77 6.10 38.22
C ASP D 307 21.40 6.62 37.86
N ASN D 308 21.12 6.65 36.57
CA ASN D 308 19.84 7.11 36.07
C ASN D 308 18.86 5.97 36.18
N LEU D 309 17.69 6.25 36.74
CA LEU D 309 16.65 5.22 36.78
C LEU D 309 15.50 5.59 35.87
N ILE D 310 14.96 4.63 35.18
CA ILE D 310 13.74 4.78 34.43
C ILE D 310 12.54 4.59 35.34
N ASP D 311 11.74 5.63 35.47
CA ASP D 311 10.51 5.57 36.27
C ASP D 311 9.29 5.40 35.36
N GLU D 312 8.11 5.67 35.92
CA GLU D 312 6.86 5.52 35.17
C GLU D 312 6.64 6.65 34.16
N ARG D 313 7.32 7.77 34.36
CA ARG D 313 7.16 8.93 33.50
C ARG D 313 8.53 9.44 33.02
N PRO D 314 9.23 8.63 32.21
CA PRO D 314 10.59 8.96 31.83
C PRO D 314 10.61 10.14 30.88
N ALA D 315 11.43 11.15 31.17
CA ALA D 315 11.59 12.28 30.25
C ALA D 315 12.12 11.77 28.92
N ALA D 316 11.68 12.38 27.82
CA ALA D 316 12.30 12.10 26.51
C ALA D 316 13.83 12.12 26.60
N SER D 317 14.34 13.20 27.18
CA SER D 317 15.78 13.37 27.40
C SER D 317 16.43 12.11 28.00
N THR D 318 15.70 11.44 28.90
CA THR D 318 16.21 10.25 29.59
C THR D 318 16.24 9.06 28.65
N LEU D 319 15.22 8.93 27.82
CA LEU D 319 15.17 7.83 26.86
C LEU D 319 16.23 7.95 25.76
N PHE D 320 16.58 9.16 25.40
CA PHE D 320 17.63 9.34 24.40
C PHE D 320 18.98 8.82 24.91
N VAL D 321 19.28 9.13 26.17
CA VAL D 321 20.53 8.70 26.79
C VAL D 321 20.54 7.16 26.83
N ASP D 322 19.38 6.58 27.12
CA ASP D 322 19.27 5.14 27.11
C ASP D 322 19.66 4.57 25.75
N LEU D 323 19.27 5.27 24.70
CA LEU D 323 19.62 4.88 23.33
C LEU D 323 21.12 5.14 23.02
N LEU D 324 21.64 6.29 23.40
CA LEU D 324 23.09 6.52 23.35
C LEU D 324 23.90 5.37 23.98
N LEU D 325 23.50 4.96 25.18
CA LEU D 325 24.17 3.86 25.88
C LEU D 325 24.17 2.56 25.07
N LEU D 326 23.05 2.23 24.44
CA LEU D 326 23.03 1.08 23.54
C LEU D 326 24.02 1.27 22.37
N VAL D 327 24.03 2.44 21.77
CA VAL D 327 24.87 2.66 20.59
C VAL D 327 26.38 2.62 20.90
N LEU D 328 26.80 3.32 21.96
CA LEU D 328 28.22 3.35 22.33
C LEU D 328 28.75 2.06 23.00
N VAL D 329 28.00 1.51 23.95
CA VAL D 329 28.52 0.38 24.72
C VAL D 329 27.56 -0.79 24.87
N GLY D 330 26.35 -0.68 24.33
CA GLY D 330 25.39 -1.75 24.42
C GLY D 330 24.73 -1.79 25.78
N GLY D 331 24.86 -0.69 26.53
CA GLY D 331 24.27 -0.57 27.85
C GLY D 331 22.79 -0.21 27.78
N ALA D 332 22.24 0.22 28.90
CA ALA D 332 20.80 0.45 29.00
C ALA D 332 20.51 1.14 30.32
N GLU D 333 19.47 1.96 30.34
CA GLU D 333 19.03 2.54 31.60
C GLU D 333 18.01 1.56 32.19
N ARG D 334 18.00 1.44 33.50
CA ARG D 334 17.12 0.47 34.13
C ARG D 334 16.15 1.10 35.10
N SER D 335 14.96 0.51 35.19
CA SER D 335 13.95 0.95 36.13
C SER D 335 14.19 0.41 37.54
N GLU D 336 13.35 0.85 38.47
CA GLU D 336 13.41 0.37 39.85
C GLU D 336 13.48 -1.15 39.93
N SER D 337 12.49 -1.81 39.36
CA SER D 337 12.35 -3.27 39.48
C SER D 337 13.33 -4.06 38.62
N GLU D 338 13.71 -3.51 37.47
CA GLU D 338 14.69 -4.17 36.62
C GLU D 338 15.97 -4.30 37.39
N PHE D 339 16.34 -3.23 38.07
CA PHE D 339 17.54 -3.21 38.88
C PHE D 339 17.40 -4.05 40.15
N ALA D 340 16.18 -4.12 40.68
CA ALA D 340 15.92 -4.94 41.87
C ALA D 340 16.06 -6.41 41.52
N ALA D 341 15.53 -6.78 40.37
CA ALA D 341 15.68 -8.14 39.87
C ALA D 341 17.15 -8.53 39.76
N LEU D 342 18.00 -7.59 39.38
CA LEU D 342 19.42 -7.89 39.18
C LEU D 342 20.13 -8.08 40.51
N LEU D 343 19.79 -7.24 41.49
CA LEU D 343 20.39 -7.32 42.83
C LEU D 343 20.09 -8.68 43.46
N GLU D 344 18.84 -9.09 43.37
CA GLU D 344 18.40 -10.38 43.88
C GLU D 344 19.04 -11.55 43.12
N LYS D 345 19.79 -11.24 42.07
CA LYS D 345 20.57 -12.25 41.36
C LYS D 345 21.98 -12.27 41.88
N SER D 346 22.29 -11.28 42.72
CA SER D 346 23.68 -10.99 43.08
C SER D 346 23.90 -10.95 44.59
N GLY D 347 22.88 -11.39 45.33
CA GLY D 347 22.97 -11.51 46.77
C GLY D 347 22.96 -10.17 47.47
N LEU D 348 22.14 -9.25 46.95
CA LEU D 348 22.10 -7.90 47.48
C LEU D 348 20.65 -7.45 47.60
N ARG D 349 20.41 -6.45 48.45
CA ARG D 349 19.05 -5.97 48.68
C ARG D 349 18.99 -4.45 48.75
N VAL D 350 17.91 -3.88 48.24
CA VAL D 350 17.72 -2.45 48.27
C VAL D 350 17.36 -2.01 49.68
N GLU D 351 18.19 -1.18 50.30
CA GLU D 351 17.87 -0.62 51.60
C GLU D 351 17.05 0.66 51.42
N ARG D 352 17.69 1.72 50.92
CA ARG D 352 17.03 3.00 50.66
C ARG D 352 17.17 3.43 49.20
N SER D 353 16.29 4.33 48.77
CA SER D 353 16.38 4.93 47.45
C SER D 353 15.99 6.40 47.51
N LEU D 354 16.98 7.27 47.38
CA LEU D 354 16.76 8.70 47.55
C LEU D 354 17.23 9.53 46.33
N PRO D 355 16.57 10.68 46.09
CA PRO D 355 16.81 11.50 44.89
C PRO D 355 18.16 12.20 44.94
N CYS D 356 18.59 12.76 43.82
CA CYS D 356 19.87 13.45 43.74
C CYS D 356 19.93 14.52 42.65
N GLY D 357 18.93 15.39 42.60
CA GLY D 357 19.02 16.57 41.76
C GLY D 357 17.96 16.76 40.69
N ALA D 358 16.71 16.49 41.04
CA ALA D 358 15.59 16.71 40.13
C ALA D 358 15.93 16.37 38.67
N GLY D 359 16.63 15.25 38.50
CA GLY D 359 16.82 14.66 37.19
C GLY D 359 16.34 13.24 37.33
N PRO D 360 16.83 12.34 36.47
CA PRO D 360 16.53 10.91 36.64
C PRO D 360 17.54 10.22 37.58
N VAL D 361 18.53 10.96 38.07
CA VAL D 361 19.56 10.37 38.92
C VAL D 361 19.08 10.05 40.34
N ARG D 362 19.28 8.80 40.75
CA ARG D 362 18.91 8.35 42.09
C ARG D 362 20.13 7.73 42.77
N ILE D 363 20.20 7.86 44.10
CA ILE D 363 21.16 7.08 44.88
C ILE D 363 20.47 5.88 45.52
N VAL D 364 20.88 4.68 45.15
CA VAL D 364 20.29 3.46 45.70
C VAL D 364 21.21 2.86 46.75
N GLU D 365 20.77 2.89 48.02
CA GLU D 365 21.56 2.32 49.12
C GLU D 365 21.33 0.83 49.21
N ILE D 366 22.40 0.05 49.17
CA ILE D 366 22.27 -1.38 49.05
C ILE D 366 23.04 -2.14 50.14
N ARG D 367 22.45 -3.23 50.62
CA ARG D 367 23.09 -4.04 51.66
C ARG D 367 23.25 -5.46 51.16
N ARG D 368 24.13 -6.21 51.83
N ARG D 368 24.13 -6.21 51.83
CA ARG D 368 24.33 -7.61 51.52
CA ARG D 368 24.33 -7.62 51.48
C ARG D 368 23.13 -8.36 52.08
C ARG D 368 23.22 -8.45 52.12
N ALA D 369 22.66 -9.37 51.34
CA ALA D 369 21.47 -10.14 51.73
C ALA D 369 21.60 -11.00 52.99
N SAH E . 15.86 18.14 -12.95
CA SAH E . 15.39 16.95 -12.17
CB SAH E . 16.53 16.25 -11.44
CG SAH E . 17.35 17.18 -10.56
SD SAH E . 18.69 16.22 -9.91
C SAH E . 14.38 17.40 -11.17
O SAH E . 14.29 18.59 -10.86
OXT SAH E . 13.61 16.61 -10.61
C5' SAH E . 20.05 16.77 -10.89
C4' SAH E . 20.23 15.81 -12.06
O4' SAH E . 21.44 16.16 -12.76
C3' SAH E . 20.36 14.33 -11.70
O3' SAH E . 19.24 13.59 -12.19
C2' SAH E . 21.62 13.87 -12.40
O2' SAH E . 21.47 12.61 -13.07
C1' SAH E . 21.84 14.97 -13.42
N9 SAH E . 23.25 15.09 -13.78
C8 SAH E . 24.28 15.22 -12.92
N7 SAH E . 25.44 15.33 -13.62
C5 SAH E . 25.14 15.29 -14.93
C6 SAH E . 25.90 15.37 -16.20
N6 SAH E . 27.25 15.52 -16.17
N1 SAH E . 25.21 15.28 -17.37
C2 SAH E . 23.86 15.13 -17.39
N3 SAH E . 23.11 15.06 -16.26
C4 SAH E . 23.68 15.12 -15.03
C1 MQA F . 15.18 16.75 -1.81
C2 MQA F . 15.63 15.32 -1.54
C3 MQA F . 17.15 15.30 -1.48
C5 MQA F . 19.71 16.36 -3.00
C6 MQA F . 20.42 16.90 -4.20
C7 MQA F . 19.85 18.07 -4.93
C8 MQA F . 18.58 18.72 -4.51
C9 MQA F . 16.68 18.64 -2.72
C10 MQA F . 15.67 18.66 -3.85
C11 MQA F . 14.50 20.73 -3.19
O5 MQA F . 20.15 15.39 -2.37
CM6 MQA F . 21.71 16.31 -4.72
O7 MQA F . 20.46 18.53 -6.04
C24 MQA F . 19.78 18.21 -7.25
O8 MQA F . 18.13 19.70 -5.14
C4A MQA F . 18.44 17.01 -2.58
C8A MQA F . 17.92 18.16 -3.32
N4 MQA F . 17.62 16.70 -1.49
C9A MQA F . 16.43 17.61 -1.60
O24 MQA F . 16.30 18.31 -0.37
C25 MQA F . 15.38 19.41 -0.29
N2 MQA F . 15.26 15.76 -2.88
O10 MQA F . 14.47 19.31 -3.45
O11 MQA F . 13.60 21.19 -2.50
N12 MQA F . 15.46 21.46 -3.74
N SAH G . -21.81 -11.07 14.01
CA SAH G . -20.58 -10.83 13.19
CB SAH G . -20.30 -12.03 12.29
CG SAH G . -21.40 -12.25 11.25
SD SAH G . -20.84 -13.50 10.12
C SAH G . -20.76 -9.61 12.34
O SAH G . -19.94 -9.36 11.45
OXT SAH G . -21.71 -8.84 12.50
C5' SAH G . -21.56 -14.94 10.85
C4' SAH G . -20.59 -15.52 11.89
O4' SAH G . -21.09 -16.69 12.55
C3' SAH G . -19.24 -15.92 11.31
O3' SAH G . -18.24 -15.11 11.90
C2' SAH G . -19.03 -17.36 11.72
O2' SAH G . -17.68 -17.61 12.11
C1' SAH G . -19.98 -17.52 12.89
N9 SAH G . -20.39 -18.94 13.05
C8 SAH G . -20.84 -19.73 12.06
N7 SAH G . -21.13 -20.98 12.52
C5 SAH G . -20.86 -20.99 13.85
C6 SAH G . -20.93 -21.98 14.93
N6 SAH G . -21.38 -23.24 14.68
N1 SAH G . -20.54 -21.59 16.17
C2 SAH G . -20.10 -20.34 16.41
N3 SAH G . -20.01 -19.38 15.46
C4 SAH G . -20.35 -19.64 14.18
C1 MQA H . -21.61 -8.41 2.57
C2 MQA H . -20.36 -9.14 2.05
C3 MQA H . -20.73 -10.60 1.81
C5 MQA H . -22.09 -13.05 3.21
C6 MQA H . -22.55 -13.81 4.40
C7 MQA H . -23.39 -13.15 5.45
C8 MQA H . -23.80 -11.72 5.29
C9 MQA H . -23.60 -9.60 3.67
C10 MQA H . -23.27 -8.59 4.77
C11 MQA H . -25.38 -7.31 5.10
O5 MQA H . -21.39 -13.63 2.35
CM6 MQA H . -22.13 -15.24 4.55
O7 MQA H . -23.78 -13.87 6.55
C24 MQA H . -23.30 -13.52 7.85
O8 MQA H . -24.51 -11.17 6.16
C4A MQA H . -22.50 -11.63 3.05
C8A MQA H . -23.33 -10.99 4.07
N4 MQA H . -22.19 -10.74 2.00
C9A MQA H . -22.76 -9.41 2.37
O24 MQA H . -23.59 -8.95 1.29
C25 MQA H . -24.10 -7.61 1.25
N2 MQA H . -20.55 -8.87 3.49
O10 MQA H . -24.47 -8.38 5.50
O11 MQA H . -24.95 -6.38 4.43
N12 MQA H . -26.65 -7.39 5.49
CA CA I . -27.46 -2.43 -25.15
CA CA J . -31.67 -26.99 4.97
N SAH K . -19.99 -21.51 -39.61
CA SAH K . -21.15 -21.86 -38.73
CB SAH K . -20.69 -22.30 -37.34
CG SAH K . -19.40 -21.66 -36.88
SD SAH K . -18.99 -22.29 -35.29
C SAH K . -22.07 -20.67 -38.63
O SAH K . -21.74 -19.57 -39.10
OXT SAH K . -23.16 -20.76 -38.08
C5' SAH K . -17.36 -22.90 -35.55
C4' SAH K . -17.45 -24.29 -36.16
O4' SAH K . -16.16 -24.77 -36.53
C3' SAH K . -17.99 -25.37 -35.22
O3' SAH K . -19.29 -25.74 -35.68
C2' SAH K . -17.02 -26.54 -35.34
O2' SAH K . -17.73 -27.77 -35.52
C1' SAH K . -16.29 -26.18 -36.63
N9 SAH K . -14.99 -26.85 -36.89
C8 SAH K . -14.70 -27.40 -38.09
N7 SAH K . -13.46 -27.96 -38.11
C5 SAH K . -12.95 -27.77 -36.88
C6 SAH K . -11.68 -28.13 -36.23
N6 SAH K . -10.74 -28.79 -36.92
N1 SAH K . -11.52 -27.78 -34.93
C2 SAH K . -12.48 -27.12 -34.26
N3 SAH K . -13.67 -26.75 -34.80
C4 SAH K . -13.96 -27.06 -36.08
C1 MQA L . -23.36 -16.58 -29.93
C2 MQA L . -23.59 -17.73 -28.95
C3 MQA L . -22.26 -18.07 -28.29
C5 MQA L . -19.36 -18.76 -29.09
C6 MQA L . -18.30 -19.24 -30.03
C7 MQA L . -18.18 -18.64 -31.39
C8 MQA L . -19.09 -17.54 -31.83
C9 MQA L . -21.13 -16.03 -31.02
C10 MQA L . -21.98 -16.11 -32.28
C11 MQA L . -22.26 -13.82 -33.21
O5 MQA L . -19.50 -19.26 -27.95
CM6 MQA L . -17.36 -20.35 -29.64
O7 MQA L . -17.21 -19.13 -32.21
C24 MQA L . -17.64 -19.85 -33.36
O8 MQA L . -19.00 -17.02 -32.97
C4A MQA L . -20.25 -17.68 -29.54
C8A MQA L . -20.14 -17.10 -30.87
N4 MQA L . -21.27 -17.09 -28.80
C9A MQA L . -21.92 -16.12 -29.71
O24 MQA L . -21.86 -14.81 -29.14
C25 MQA L . -22.73 -13.77 -29.62
N2 MQA L . -23.48 -17.97 -30.40
O10 MQA L . -21.46 -15.02 -33.03
O11 MQA L . -21.78 -12.98 -33.93
N12 MQA L . -23.41 -13.67 -32.57
N SAH M . 32.16 7.19 38.04
CA SAH M . 32.63 8.32 37.19
CB SAH M . 32.94 7.85 35.77
CG SAH M . 31.78 7.08 35.14
SD SAH M . 32.14 6.73 33.46
C SAH M . 31.57 9.39 37.15
O SAH M . 30.44 9.18 37.60
OXT SAH M . 31.82 10.49 36.65
C5' SAH M . 32.41 5.00 33.60
C4' SAH M . 33.85 4.75 34.06
O4' SAH M . 34.06 3.35 34.20
C3' SAH M . 34.90 5.23 33.05
O3' SAH M . 35.59 6.37 33.59
C2' SAH M . 35.83 4.06 32.83
O2' SAH M . 37.21 4.45 32.95
C1' SAH M . 35.44 3.09 33.94
N9 SAH M . 35.64 1.66 33.62
C8 SAH M . 35.11 0.97 32.57
N7 SAH M . 35.50 -0.33 32.60
C5 SAH M . 36.28 -0.49 33.69
C6 SAH M . 37.03 -1.61 34.31
N6 SAH M . 37.01 -2.84 33.75
N1 SAH M . 37.73 -1.35 35.44
C2 SAH M . 37.76 -0.12 35.99
N3 SAH M . 37.11 0.94 35.47
C4 SAH M . 36.37 0.82 34.35
C1 MQA N . 27.00 12.56 29.37
C2 MQA N . 27.95 12.76 28.19
C3 MQA N . 28.05 11.43 27.43
C5 MQA N . 28.32 8.35 27.85
C6 MQA N . 28.68 7.12 28.59
C7 MQA N . 28.17 6.92 29.99
C8 MQA N . 27.31 7.94 30.67
C9 MQA N . 26.15 10.29 30.28
C10 MQA N . 26.57 10.91 31.62
C11 MQA N . 24.41 11.18 32.78
O5 MQA N . 28.74 8.51 26.68
CM6 MQA N . 29.55 6.09 27.94
O7 MQA N . 28.54 5.80 30.68
C24 MQA N . 29.62 5.94 31.59
O8 MQA N . 26.90 7.78 31.85
C4A MQA N . 27.47 9.35 28.52
C8A MQA N . 26.98 9.15 29.88
N4 MQA N . 27.01 10.55 27.97
C9A MQA N . 26.27 11.25 29.07
O24 MQA N . 24.94 11.53 28.60
C25 MQA N . 24.15 12.51 29.25
N2 MQA N . 28.46 12.49 29.54
O10 MQA N . 25.47 11.74 31.97
O11 MQA N . 23.64 11.95 33.33
N12 MQA N . 24.27 9.84 32.88
#